data_6BRG
#
_entry.id   6BRG
#
_cell.length_a   164.582
_cell.length_b   109.919
_cell.length_c   162.089
_cell.angle_alpha   90.00
_cell.angle_beta   105.78
_cell.angle_gamma   90.00
#
_symmetry.space_group_name_H-M   'C 1 2 1'
#
loop_
_entity.id
_entity.type
_entity.pdbx_description
1 polymer 'Deoxynucleoside triphosphate triphosphohydrolase SAMHD1'
2 non-polymer 'MAGNESIUM ION'
3 water water
#
_entity_poly.entity_id   1
_entity_poly.type   'polypeptide(L)'
_entity_poly.pdbx_seq_one_letter_code
;MGSSHHHHHHSSGLMDSLLGCGVSAAAREPVPRYLTSQPRVSEVAMQSAPLEQPAKRPRCDGSPRTPPSTPPATANLSAD
DDFQNTDLRTWEPEDVCSFLENRGFREKKVLDIFRDNKIAGSFLPFLDEDRLEDLGVSSLEERKKMIECIQQLSQSRIDL
MKVFNDPIHGHIEFHPLLIRIIDTPQFQRLRYIKQLGGGYYVFPGASHNRFEHSLGVGYLAGCLVRALAEKQPELQISER
DILCVQIAGLCHDLGHGPFSHMFDGRFIPRARPEKKWKHEQGSIEMFEHLVNSNELKLVMKNYGLVPEEDITFIKEQIMG
PPITPVKDSLWPYKGRPATKSFLYEIVSNKRNGIDVDKWDYFARDCHHLGIQNNFDYKRFIKFARICEVEYKVKEDKTYI
RKVKHICSREKEVGNLYDMFHTRNCLHRRAYQHKISNLIDIMITDAFLKADPYVEITGTAGKKFRISTAIDDMEAFTKLT
DNIFLEVLHSTDPQLSEAQSILRNIECRNLYKYLGETQPKREKIRKEEYERLPQEVAKAKPEKAPDVELKAEDFIVDVIN
VDYGMEDKNPIDRVHFYCKSNSKQAVRINKEQVSQLLPEKFAEQLIRVYCKKKDGKSLDAAGKHFVQWCALRDFTKPQDG
DIIAPLITPLKWNNKTSSCLQEVSKVKTCLKF
;
_entity_poly.pdbx_strand_id   A,B,C,D
#
loop_
_chem_comp.id
_chem_comp.type
_chem_comp.name
_chem_comp.formula
MG non-polymer 'MAGNESIUM ION' 'Mg 2'
#
# COMPACT_ATOMS: atom_id res chain seq x y z
N THR A 86 -31.12 -20.81 22.27
CA THR A 86 -31.22 -19.39 21.87
C THR A 86 -29.96 -18.63 22.27
N ASP A 87 -29.94 -17.34 21.97
CA ASP A 87 -28.87 -16.45 22.39
C ASP A 87 -29.25 -15.71 23.66
N LEU A 88 -28.26 -15.19 24.38
CA LEU A 88 -28.55 -14.31 25.50
C LEU A 88 -29.01 -12.97 24.95
N ARG A 89 -28.61 -12.65 23.72
CA ARG A 89 -29.00 -11.42 23.07
C ARG A 89 -30.50 -11.29 22.97
N THR A 90 -31.19 -12.40 22.77
CA THR A 90 -32.65 -12.40 22.67
C THR A 90 -33.31 -12.24 24.04
N TRP A 91 -32.57 -12.56 25.10
CA TRP A 91 -33.17 -12.64 26.43
C TRP A 91 -33.54 -11.31 27.04
N GLU A 92 -34.81 -11.16 27.42
CA GLU A 92 -35.24 -10.07 28.27
C GLU A 92 -34.72 -10.29 29.67
N PRO A 93 -34.86 -9.29 30.55
CA PRO A 93 -34.49 -9.48 31.94
C PRO A 93 -35.26 -10.60 32.65
N GLU A 94 -36.56 -10.72 32.35
CA GLU A 94 -37.38 -11.80 32.89
C GLU A 94 -36.82 -13.16 32.51
N ASP A 95 -36.33 -13.27 31.28
CA ASP A 95 -35.75 -14.51 30.79
C ASP A 95 -34.51 -14.85 31.59
N VAL A 96 -33.69 -13.84 31.86
CA VAL A 96 -32.50 -13.99 32.71
C VAL A 96 -32.93 -14.41 34.12
N CYS A 97 -33.99 -13.79 34.63
CA CYS A 97 -34.52 -14.18 35.94
C CYS A 97 -34.94 -15.63 35.98
N SER A 98 -35.62 -16.06 34.92
CA SER A 98 -36.06 -17.46 34.83
C SER A 98 -34.85 -18.38 34.76
N PHE A 99 -33.87 -17.99 33.95
CA PHE A 99 -32.61 -18.74 33.87
C PHE A 99 -31.95 -18.85 35.24
N LEU A 100 -31.90 -17.74 35.97
CA LEU A 100 -31.29 -17.71 37.30
C LEU A 100 -32.06 -18.61 38.25
N GLU A 101 -33.39 -18.54 38.19
CA GLU A 101 -34.23 -19.38 39.05
C GLU A 101 -34.03 -20.85 38.78
N ASN A 102 -34.17 -21.24 37.50
CA ASN A 102 -34.06 -22.66 37.16
C ASN A 102 -32.65 -23.22 37.25
N ARG A 103 -31.71 -22.36 37.61
CA ARG A 103 -30.34 -22.79 37.91
C ARG A 103 -30.05 -22.77 39.41
N GLY A 104 -31.07 -22.39 40.22
CA GLY A 104 -30.93 -22.45 41.68
C GLY A 104 -31.01 -21.14 42.44
N PHE A 105 -30.90 -20.00 41.75
CA PHE A 105 -31.07 -18.71 42.45
C PHE A 105 -32.53 -18.32 42.46
N ARG A 106 -33.23 -18.71 43.53
CA ARG A 106 -34.70 -18.61 43.58
C ARG A 106 -35.21 -17.48 44.48
N GLU A 107 -34.29 -16.67 44.98
CA GLU A 107 -34.59 -15.68 46.01
C GLU A 107 -35.00 -14.34 45.41
N LYS A 108 -36.22 -13.91 45.72
CA LYS A 108 -36.87 -12.80 45.02
C LYS A 108 -36.12 -11.47 45.03
N LYS A 109 -35.39 -11.14 46.09
CA LYS A 109 -34.62 -9.89 46.05
C LYS A 109 -33.56 -9.94 44.96
N VAL A 110 -32.83 -11.06 44.89
CA VAL A 110 -31.80 -11.23 43.85
C VAL A 110 -32.42 -11.17 42.46
N LEU A 111 -33.63 -11.70 42.31
CA LEU A 111 -34.35 -11.58 41.05
C LEU A 111 -34.75 -10.15 40.79
N ASP A 112 -35.13 -9.45 41.85
CA ASP A 112 -35.51 -8.06 41.78
C ASP A 112 -34.33 -7.18 41.39
N ILE A 113 -33.15 -7.52 41.87
CA ILE A 113 -31.92 -6.86 41.42
C ILE A 113 -31.89 -6.87 39.89
N PHE A 114 -32.09 -8.05 39.31
CA PHE A 114 -31.99 -8.22 37.87
C PHE A 114 -33.12 -7.53 37.13
N ARG A 115 -34.36 -7.65 37.66
CA ARG A 115 -35.47 -6.93 37.06
C ARG A 115 -35.26 -5.40 37.09
N ASP A 116 -34.84 -4.90 38.23
CA ASP A 116 -34.66 -3.47 38.46
C ASP A 116 -33.61 -2.85 37.55
N ASN A 117 -32.47 -3.52 37.42
CA ASN A 117 -31.39 -2.99 36.62
C ASN A 117 -31.48 -3.33 35.16
N LYS A 118 -32.58 -3.98 34.77
CA LYS A 118 -32.85 -4.29 33.38
C LYS A 118 -31.67 -5.00 32.74
N ILE A 119 -31.15 -5.99 33.48
CA ILE A 119 -30.02 -6.78 33.04
C ILE A 119 -30.46 -7.81 32.01
N ALA A 120 -30.57 -7.39 30.77
CA ALA A 120 -30.86 -8.31 29.66
C ALA A 120 -29.71 -9.30 29.54
N GLY A 121 -29.96 -10.37 28.79
CA GLY A 121 -28.98 -11.45 28.66
C GLY A 121 -27.61 -11.00 28.20
N SER A 122 -27.57 -10.06 27.27
CA SER A 122 -26.34 -9.61 26.66
C SER A 122 -25.27 -9.16 27.67
N PHE A 123 -25.70 -8.70 28.84
CA PHE A 123 -24.77 -8.24 29.87
C PHE A 123 -24.10 -9.38 30.61
N LEU A 124 -24.76 -10.55 30.65
CA LEU A 124 -24.37 -11.64 31.54
C LEU A 124 -22.88 -12.00 31.46
N PRO A 125 -22.35 -12.17 30.24
CA PRO A 125 -20.95 -12.53 30.15
C PRO A 125 -19.95 -11.41 30.52
N PHE A 126 -20.45 -10.25 30.92
CA PHE A 126 -19.62 -9.12 31.31
C PHE A 126 -19.77 -8.80 32.80
N LEU A 127 -20.47 -9.65 33.51
CA LEU A 127 -20.66 -9.49 34.95
C LEU A 127 -19.46 -10.00 35.75
N ASP A 128 -19.22 -9.36 36.88
CA ASP A 128 -18.06 -9.61 37.74
C ASP A 128 -18.51 -10.09 39.10
N GLU A 129 -17.56 -10.61 39.87
CA GLU A 129 -17.81 -10.85 41.28
C GLU A 129 -18.09 -9.52 41.95
N ASP A 130 -17.31 -8.52 41.58
CA ASP A 130 -17.42 -7.18 42.14
C ASP A 130 -18.71 -6.50 41.67
N ARG A 131 -19.08 -6.79 40.42
CA ARG A 131 -20.30 -6.22 39.87
C ARG A 131 -21.51 -6.81 40.57
N LEU A 132 -21.50 -8.13 40.74
CA LEU A 132 -22.60 -8.78 41.44
C LEU A 132 -22.64 -8.34 42.87
N GLU A 133 -21.46 -8.13 43.46
CA GLU A 133 -21.40 -7.48 44.78
C GLU A 133 -22.06 -6.11 44.78
N ASP A 134 -21.67 -5.25 43.85
CA ASP A 134 -22.15 -3.87 43.81
C ASP A 134 -23.64 -3.75 43.47
N LEU A 135 -24.12 -4.59 42.58
CA LEU A 135 -25.53 -4.60 42.20
C LEU A 135 -26.35 -5.02 43.42
N GLY A 136 -25.76 -5.84 44.26
CA GLY A 136 -26.33 -6.17 45.56
C GLY A 136 -26.64 -7.62 45.78
N VAL A 137 -25.64 -8.48 45.60
CA VAL A 137 -25.69 -9.84 46.14
C VAL A 137 -24.46 -9.97 47.04
N SER A 138 -24.70 -10.09 48.34
CA SER A 138 -23.61 -10.00 49.32
C SER A 138 -23.04 -11.35 49.71
N SER A 139 -23.43 -12.38 48.96
CA SER A 139 -23.08 -13.76 49.25
C SER A 139 -21.80 -14.16 48.54
N LEU A 140 -20.69 -14.06 49.26
CA LEU A 140 -19.34 -14.27 48.74
C LEU A 140 -19.22 -15.55 47.90
N GLU A 141 -20.03 -16.55 48.26
CA GLU A 141 -20.05 -17.82 47.54
C GLU A 141 -21.07 -17.89 46.43
N GLU A 142 -22.20 -17.21 46.61
CA GLU A 142 -23.25 -17.13 45.59
C GLU A 142 -22.77 -16.48 44.29
N ARG A 143 -21.98 -15.44 44.42
CA ARG A 143 -21.46 -14.67 43.28
C ARG A 143 -20.63 -15.54 42.36
N LYS A 144 -19.74 -16.32 42.98
CA LYS A 144 -18.88 -17.24 42.26
C LYS A 144 -19.70 -18.22 41.45
N LYS A 145 -20.68 -18.82 42.11
CA LYS A 145 -21.54 -19.79 41.43
C LYS A 145 -22.42 -19.13 40.36
N MET A 146 -22.87 -17.92 40.61
CA MET A 146 -23.58 -17.14 39.60
C MET A 146 -22.75 -17.01 38.33
N ILE A 147 -21.52 -16.53 38.52
CA ILE A 147 -20.60 -16.38 37.39
C ILE A 147 -20.33 -17.73 36.74
N GLU A 148 -20.19 -18.78 37.56
CA GLU A 148 -20.07 -20.15 37.03
C GLU A 148 -21.21 -20.46 36.08
N CYS A 149 -22.44 -20.25 36.55
CA CYS A 149 -23.63 -20.48 35.72
C CYS A 149 -23.53 -19.71 34.42
N ILE A 150 -23.13 -18.45 34.52
CA ILE A 150 -22.94 -17.64 33.31
C ILE A 150 -21.83 -18.20 32.40
N GLN A 151 -20.78 -18.74 32.98
CA GLN A 151 -19.68 -19.31 32.23
C GLN A 151 -20.09 -20.60 31.52
N GLN A 152 -20.91 -21.42 32.18
CA GLN A 152 -21.42 -22.66 31.58
C GLN A 152 -22.11 -22.41 30.23
N LEU A 153 -22.68 -21.22 30.06
CA LEU A 153 -23.46 -20.90 28.85
C LEU A 153 -22.60 -20.87 27.59
N SER A 154 -23.21 -21.13 26.45
CA SER A 154 -22.48 -21.14 25.16
C SER A 154 -21.70 -19.85 24.91
N GLN A 155 -22.40 -18.73 24.95
CA GLN A 155 -21.87 -17.45 24.52
C GLN A 155 -21.06 -16.72 25.57
N SER A 156 -19.84 -16.33 25.21
CA SER A 156 -18.89 -15.67 26.11
C SER A 156 -18.70 -14.18 25.79
N ARG A 157 -17.75 -13.56 26.48
CA ARG A 157 -17.39 -12.17 26.29
C ARG A 157 -17.02 -11.80 24.85
N ILE A 158 -15.99 -12.46 24.34
CA ILE A 158 -15.48 -12.15 23.01
C ILE A 158 -16.46 -12.61 21.93
N ASP A 159 -17.46 -13.41 22.34
CA ASP A 159 -18.53 -13.81 21.43
C ASP A 159 -19.53 -12.70 21.15
N LEU A 160 -19.39 -11.58 21.86
CA LEU A 160 -20.31 -10.47 21.71
C LEU A 160 -19.64 -9.16 21.31
N MET A 161 -18.35 -9.20 21.03
CA MET A 161 -17.65 -8.02 20.48
C MET A 161 -18.09 -7.77 19.05
N LYS A 162 -17.95 -6.54 18.54
CA LYS A 162 -18.25 -6.28 17.10
C LYS A 162 -17.07 -5.79 16.27
N VAL A 163 -16.93 -6.39 15.10
CA VAL A 163 -15.82 -6.09 14.18
C VAL A 163 -16.19 -5.20 12.98
N PHE A 164 -15.64 -4.00 12.92
CA PHE A 164 -15.67 -3.14 11.74
C PHE A 164 -14.52 -3.42 10.76
N ASN A 165 -14.79 -3.31 9.46
CA ASN A 165 -13.75 -3.17 8.45
C ASN A 165 -13.54 -1.70 8.01
N ASP A 166 -12.46 -1.09 8.49
CA ASP A 166 -12.07 0.26 8.11
C ASP A 166 -10.88 0.22 7.13
N PRO A 167 -10.92 1.05 6.06
CA PRO A 167 -9.82 1.05 5.11
C PRO A 167 -8.54 1.69 5.63
N ILE A 168 -8.64 2.47 6.71
CA ILE A 168 -7.48 3.11 7.32
C ILE A 168 -6.86 2.19 8.34
N HIS A 169 -7.70 1.46 9.08
CA HIS A 169 -7.24 0.70 10.24
C HIS A 169 -7.39 -0.82 10.09
N GLY A 170 -7.96 -1.24 8.98
CA GLY A 170 -8.27 -2.67 8.78
C GLY A 170 -9.40 -3.10 9.68
N HIS A 171 -9.24 -4.24 10.36
CA HIS A 171 -10.28 -4.74 11.26
C HIS A 171 -10.35 -4.00 12.57
N ILE A 172 -11.54 -3.88 13.16
CA ILE A 172 -11.74 -3.09 14.38
C ILE A 172 -12.73 -3.74 15.33
N GLU A 173 -12.24 -4.23 16.47
CA GLU A 173 -13.11 -4.76 17.52
C GLU A 173 -13.64 -3.62 18.42
N PHE A 174 -14.92 -3.69 18.76
CA PHE A 174 -15.52 -2.82 19.74
C PHE A 174 -16.33 -3.62 20.77
N HIS A 175 -16.06 -3.31 22.05
CA HIS A 175 -16.89 -3.72 23.16
C HIS A 175 -18.33 -3.22 22.94
N PRO A 176 -19.34 -4.06 23.22
CA PRO A 176 -20.72 -3.74 22.88
C PRO A 176 -21.27 -2.38 23.34
N LEU A 177 -20.83 -1.90 24.50
CA LEU A 177 -21.23 -0.58 25.00
C LEU A 177 -20.94 0.51 23.94
N LEU A 178 -19.75 0.44 23.35
CA LEU A 178 -19.36 1.35 22.29
C LEU A 178 -20.36 1.31 21.14
N ILE A 179 -20.77 0.11 20.76
CA ILE A 179 -21.80 -0.06 19.73
C ILE A 179 -23.12 0.56 20.17
N ARG A 180 -23.48 0.32 21.42
CA ARG A 180 -24.73 0.89 21.96
C ARG A 180 -24.72 2.42 21.87
N ILE A 181 -23.57 3.01 22.18
CA ILE A 181 -23.42 4.46 21.99
C ILE A 181 -23.52 4.82 20.49
N ILE A 182 -22.78 4.09 19.66
CA ILE A 182 -22.76 4.30 18.21
C ILE A 182 -24.15 4.26 17.62
N ASP A 183 -24.96 3.30 18.03
CA ASP A 183 -26.26 3.07 17.45
C ASP A 183 -27.35 3.97 18.06
N THR A 184 -27.17 5.28 17.95
CA THR A 184 -28.15 6.24 18.42
C THR A 184 -28.31 7.35 17.39
N PRO A 185 -29.52 7.96 17.31
CA PRO A 185 -29.72 9.14 16.46
C PRO A 185 -28.60 10.17 16.63
N GLN A 186 -28.28 10.46 17.88
CA GLN A 186 -27.31 11.46 18.26
C GLN A 186 -25.97 11.22 17.56
N PHE A 187 -25.58 9.95 17.47
CA PHE A 187 -24.31 9.57 16.90
C PHE A 187 -24.40 9.38 15.40
N GLN A 188 -25.42 8.66 14.98
CA GLN A 188 -25.64 8.34 13.58
C GLN A 188 -25.75 9.60 12.74
N ARG A 189 -26.27 10.67 13.33
CA ARG A 189 -26.28 11.98 12.67
C ARG A 189 -24.92 12.37 12.05
N LEU A 190 -23.81 11.83 12.58
CA LEU A 190 -22.48 12.16 12.02
C LEU A 190 -22.24 11.57 10.64
N ARG A 191 -23.16 10.72 10.18
CA ARG A 191 -23.05 10.16 8.82
C ARG A 191 -23.31 11.23 7.76
N TYR A 192 -23.92 12.32 8.19
CA TYR A 192 -24.46 13.30 7.28
C TYR A 192 -23.77 14.64 7.43
N ILE A 193 -22.52 14.61 7.87
CA ILE A 193 -21.66 15.81 7.97
C ILE A 193 -20.29 15.49 7.35
N LYS A 194 -20.02 16.09 6.20
CA LYS A 194 -18.74 15.90 5.51
C LYS A 194 -17.61 16.40 6.40
N GLN A 195 -16.56 15.58 6.49
CA GLN A 195 -15.39 15.92 7.32
C GLN A 195 -14.82 17.25 6.89
N LEU A 196 -14.52 17.37 5.58
CA LEU A 196 -13.85 18.54 5.06
C LEU A 196 -14.80 19.64 4.59
N GLY A 197 -16.07 19.49 4.90
CA GLY A 197 -17.09 20.49 4.58
C GLY A 197 -17.10 20.88 3.12
N GLY A 198 -16.71 22.13 2.84
CA GLY A 198 -16.67 22.61 1.47
C GLY A 198 -15.64 21.88 0.63
N GLY A 199 -14.67 21.32 1.30
CA GLY A 199 -13.65 20.46 0.71
C GLY A 199 -14.16 19.57 -0.41
N TYR A 200 -15.26 18.87 -0.14
CA TYR A 200 -15.83 17.91 -1.08
C TYR A 200 -16.10 18.54 -2.46
N TYR A 201 -16.32 19.85 -2.49
CA TYR A 201 -16.60 20.57 -3.72
C TYR A 201 -15.33 21.02 -4.44
N VAL A 202 -14.18 20.72 -3.86
CA VAL A 202 -12.88 20.99 -4.46
C VAL A 202 -12.14 19.68 -4.66
N PHE A 203 -12.20 18.80 -3.66
CA PHE A 203 -11.59 17.49 -3.72
C PHE A 203 -12.69 16.45 -3.78
N PRO A 204 -12.98 15.93 -5.00
CA PRO A 204 -14.09 15.01 -5.14
C PRO A 204 -13.85 13.68 -4.39
N GLY A 205 -12.61 13.43 -4.03
CA GLY A 205 -12.27 12.27 -3.22
C GLY A 205 -12.76 12.40 -1.79
N ALA A 206 -12.89 13.64 -1.31
CA ALA A 206 -13.13 13.88 0.11
C ALA A 206 -14.61 13.85 0.44
N SER A 207 -15.19 12.66 0.32
CA SER A 207 -16.62 12.44 0.55
C SER A 207 -16.86 11.89 1.94
N HIS A 208 -15.79 11.59 2.67
CA HIS A 208 -15.90 10.97 3.98
C HIS A 208 -16.49 11.93 5.02
N ASN A 209 -17.24 11.33 5.95
CA ASN A 209 -17.96 12.06 6.98
C ASN A 209 -17.37 11.83 8.37
N ARG A 210 -17.86 12.59 9.35
CA ARG A 210 -17.37 12.52 10.72
C ARG A 210 -17.57 11.16 11.38
N PHE A 211 -18.63 10.46 10.99
CA PHE A 211 -18.96 9.15 11.54
C PHE A 211 -17.78 8.15 11.55
N GLU A 212 -17.24 7.89 10.37
CA GLU A 212 -16.17 6.92 10.22
C GLU A 212 -14.89 7.38 10.88
N HIS A 213 -14.66 8.69 10.83
CA HIS A 213 -13.51 9.28 11.49
C HIS A 213 -13.61 9.11 13.01
N SER A 214 -14.82 9.28 13.53
CA SER A 214 -15.09 9.11 14.94
C SER A 214 -14.81 7.67 15.35
N LEU A 215 -15.33 6.74 14.57
CA LEU A 215 -15.01 5.32 14.76
C LEU A 215 -13.50 5.12 14.86
N GLY A 216 -12.79 5.62 13.84
CA GLY A 216 -11.34 5.50 13.82
C GLY A 216 -10.67 6.03 15.09
N VAL A 217 -11.07 7.25 15.50
CA VAL A 217 -10.50 7.86 16.70
C VAL A 217 -10.75 7.01 17.93
N GLY A 218 -11.98 6.54 18.09
CA GLY A 218 -12.30 5.65 19.20
C GLY A 218 -11.36 4.46 19.22
N TYR A 219 -11.23 3.79 18.08
CA TYR A 219 -10.37 2.63 17.98
C TYR A 219 -8.92 2.94 18.36
N LEU A 220 -8.36 3.99 17.77
CA LEU A 220 -6.98 4.38 18.10
C LEU A 220 -6.79 4.70 19.58
N ALA A 221 -7.72 5.48 20.13
CA ALA A 221 -7.69 5.74 21.57
C ALA A 221 -7.57 4.43 22.34
N GLY A 222 -8.46 3.51 22.02
CA GLY A 222 -8.40 2.16 22.57
C GLY A 222 -7.03 1.53 22.44
N CYS A 223 -6.48 1.60 21.24
CA CYS A 223 -5.16 1.01 20.98
C CYS A 223 -4.05 1.59 21.87
N LEU A 224 -3.93 2.92 21.87
CA LEU A 224 -2.87 3.55 22.65
C LEU A 224 -3.02 3.26 24.15
N VAL A 225 -4.24 3.39 24.66
CA VAL A 225 -4.46 3.11 26.08
C VAL A 225 -4.17 1.64 26.42
N ARG A 226 -4.59 0.72 25.56
CA ARG A 226 -4.23 -0.70 25.76
C ARG A 226 -2.72 -0.89 25.83
N ALA A 227 -2.01 -0.34 24.83
CA ALA A 227 -0.55 -0.49 24.77
C ALA A 227 0.11 0.00 26.06
N LEU A 228 -0.25 1.20 26.48
CA LEU A 228 0.28 1.73 27.73
C LEU A 228 -0.12 0.88 28.92
N ALA A 229 -1.35 0.38 28.91
CA ALA A 229 -1.83 -0.50 29.97
C ALA A 229 -0.94 -1.73 30.13
N GLU A 230 -0.71 -2.46 29.04
CA GLU A 230 0.12 -3.68 29.15
C GLU A 230 1.59 -3.38 29.42
N LYS A 231 2.17 -2.43 28.68
CA LYS A 231 3.61 -2.14 28.85
C LYS A 231 3.97 -1.70 30.26
N GLN A 232 3.04 -1.06 30.96
CA GLN A 232 3.27 -0.62 32.34
C GLN A 232 2.07 -0.99 33.21
N PRO A 233 2.04 -2.23 33.73
CA PRO A 233 0.90 -2.66 34.53
C PRO A 233 0.80 -1.90 35.86
N GLU A 234 1.91 -1.30 36.27
CA GLU A 234 1.95 -0.52 37.49
C GLU A 234 1.06 0.71 37.41
N LEU A 235 0.74 1.14 36.19
CA LEU A 235 -0.12 2.32 35.97
C LEU A 235 -1.54 2.20 36.49
N GLN A 236 -1.97 0.98 36.81
CA GLN A 236 -3.30 0.74 37.39
C GLN A 236 -4.40 1.08 36.37
N ILE A 237 -4.15 0.87 35.09
CA ILE A 237 -5.14 1.19 34.06
C ILE A 237 -6.16 0.07 33.93
N SER A 238 -7.41 0.39 34.19
CA SER A 238 -8.50 -0.60 34.23
C SER A 238 -9.32 -0.68 32.95
N GLU A 239 -10.19 -1.69 32.87
CA GLU A 239 -11.15 -1.80 31.79
C GLU A 239 -11.96 -0.52 31.67
N ARG A 240 -12.42 -0.07 32.83
CA ARG A 240 -13.21 1.14 32.96
C ARG A 240 -12.54 2.32 32.27
N ASP A 241 -11.29 2.58 32.63
CA ASP A 241 -10.52 3.67 32.05
C ASP A 241 -10.46 3.57 30.53
N ILE A 242 -10.12 2.38 30.06
CA ILE A 242 -9.96 2.12 28.64
C ILE A 242 -11.28 2.41 27.89
N LEU A 243 -12.39 1.89 28.43
CA LEU A 243 -13.68 2.18 27.84
C LEU A 243 -14.02 3.67 27.85
N CYS A 244 -13.75 4.34 28.98
CA CYS A 244 -14.00 5.79 29.05
C CYS A 244 -13.19 6.53 27.98
N VAL A 245 -11.93 6.12 27.82
CA VAL A 245 -11.05 6.74 26.83
C VAL A 245 -11.59 6.48 25.42
N GLN A 246 -12.00 5.23 25.15
CA GLN A 246 -12.59 4.92 23.86
C GLN A 246 -13.86 5.72 23.58
N ILE A 247 -14.73 5.85 24.58
CA ILE A 247 -15.97 6.60 24.40
C ILE A 247 -15.67 8.07 24.12
N ALA A 248 -14.73 8.63 24.91
CA ALA A 248 -14.25 9.98 24.64
C ALA A 248 -13.77 10.08 23.19
N GLY A 249 -13.00 9.08 22.77
CA GLY A 249 -12.61 8.96 21.37
C GLY A 249 -13.78 9.06 20.41
N LEU A 250 -14.71 8.12 20.52
CA LEU A 250 -15.91 8.10 19.69
C LEU A 250 -16.63 9.45 19.63
N CYS A 251 -16.79 10.08 20.80
CA CYS A 251 -17.70 11.23 20.90
C CYS A 251 -17.04 12.60 20.86
N HIS A 252 -15.77 12.68 20.47
CA HIS A 252 -15.07 13.96 20.43
C HIS A 252 -15.64 14.90 19.39
N ASP A 253 -16.26 14.33 18.35
CA ASP A 253 -16.83 15.13 17.26
C ASP A 253 -18.35 15.09 17.21
N LEU A 254 -18.97 14.54 18.26
CA LEU A 254 -20.43 14.47 18.35
C LEU A 254 -21.14 15.79 18.04
N GLY A 255 -20.49 16.90 18.37
CA GLY A 255 -21.11 18.20 18.31
C GLY A 255 -20.72 19.09 17.17
N HIS A 256 -20.28 18.50 16.05
CA HIS A 256 -20.03 19.27 14.84
C HIS A 256 -21.33 19.59 14.15
N GLY A 257 -21.41 20.78 13.55
CA GLY A 257 -22.60 21.16 12.81
C GLY A 257 -22.43 20.83 11.33
N PRO A 258 -23.39 21.24 10.49
CA PRO A 258 -23.30 21.06 9.05
C PRO A 258 -21.99 21.61 8.47
N PHE A 259 -21.32 20.78 7.66
CA PHE A 259 -20.07 21.18 7.00
C PHE A 259 -18.95 21.44 8.00
N SER A 260 -19.01 20.75 9.12
CA SER A 260 -17.87 20.62 10.06
C SER A 260 -17.37 21.96 10.60
N HIS A 261 -16.17 22.37 10.15
CA HIS A 261 -15.50 23.51 10.76
C HIS A 261 -16.09 24.85 10.32
N MET A 262 -16.72 24.85 9.17
CA MET A 262 -17.43 26.03 8.68
C MET A 262 -18.44 26.48 9.72
N PHE A 263 -19.22 25.53 10.22
CA PHE A 263 -20.31 25.84 11.13
C PHE A 263 -19.82 26.51 12.40
N ASP A 264 -18.88 25.88 13.09
CA ASP A 264 -18.39 26.41 14.37
C ASP A 264 -17.32 27.48 14.17
N GLY A 265 -16.76 27.56 12.98
CA GLY A 265 -15.66 28.47 12.69
C GLY A 265 -16.01 29.69 11.88
N ARG A 266 -17.08 29.63 11.09
CA ARG A 266 -17.48 30.75 10.24
C ARG A 266 -18.91 31.22 10.52
N PHE A 267 -19.86 30.28 10.60
CA PHE A 267 -21.28 30.65 10.68
C PHE A 267 -21.72 31.13 12.07
N ILE A 268 -21.52 30.29 13.09
CA ILE A 268 -21.94 30.62 14.45
C ILE A 268 -21.25 31.90 14.98
N PRO A 269 -19.92 32.00 14.81
CA PRO A 269 -19.27 33.21 15.30
C PRO A 269 -19.84 34.47 14.63
N ARG A 270 -20.28 34.30 13.39
CA ARG A 270 -20.83 35.39 12.61
C ARG A 270 -22.29 35.65 12.92
N ALA A 271 -23.02 34.60 13.28
CA ALA A 271 -24.45 34.68 13.53
C ALA A 271 -24.75 34.84 15.02
N ARG A 272 -23.83 34.38 15.85
CA ARG A 272 -24.00 34.46 17.30
C ARG A 272 -22.72 34.92 17.97
N PRO A 273 -22.29 36.16 17.70
CA PRO A 273 -21.00 36.67 18.19
C PRO A 273 -20.97 36.69 19.70
N GLU A 274 -22.15 36.85 20.29
CA GLU A 274 -22.29 36.87 21.73
C GLU A 274 -21.89 35.54 22.34
N LYS A 275 -22.33 34.45 21.70
CA LYS A 275 -22.02 33.14 22.23
C LYS A 275 -20.62 32.74 21.81
N LYS A 276 -19.82 32.27 22.75
CA LYS A 276 -18.57 31.61 22.39
C LYS A 276 -18.87 30.15 22.33
N TRP A 277 -18.61 29.54 21.18
CA TRP A 277 -19.07 28.19 20.92
C TRP A 277 -18.00 27.39 20.22
N LYS A 278 -17.72 26.21 20.75
CA LYS A 278 -16.77 25.29 20.19
C LYS A 278 -17.49 23.97 20.00
N HIS A 279 -17.18 23.27 18.92
CA HIS A 279 -17.88 22.04 18.59
C HIS A 279 -17.75 21.02 19.74
N GLU A 280 -16.72 21.19 20.56
CA GLU A 280 -16.55 20.37 21.75
C GLU A 280 -17.69 20.59 22.74
N GLN A 281 -18.08 21.84 22.92
CA GLN A 281 -19.21 22.22 23.76
C GLN A 281 -20.43 21.41 23.34
N GLY A 282 -20.71 21.45 22.04
CA GLY A 282 -21.78 20.68 21.46
C GLY A 282 -21.56 19.19 21.66
N SER A 283 -20.31 18.75 21.57
CA SER A 283 -19.98 17.35 21.75
C SER A 283 -20.39 16.88 23.15
N ILE A 284 -19.92 17.57 24.19
CA ILE A 284 -20.28 17.15 25.55
C ILE A 284 -21.80 17.27 25.81
N GLU A 285 -22.38 18.38 25.34
CA GLU A 285 -23.83 18.55 25.51
C GLU A 285 -24.60 17.42 24.82
N MET A 286 -24.15 17.05 23.63
CA MET A 286 -24.82 16.03 22.85
C MET A 286 -24.59 14.64 23.42
N PHE A 287 -23.40 14.42 23.99
CA PHE A 287 -23.15 13.15 24.67
C PHE A 287 -24.08 13.01 25.87
N GLU A 288 -24.16 14.08 26.66
CA GLU A 288 -25.13 14.13 27.74
C GLU A 288 -26.54 13.84 27.23
N HIS A 289 -26.91 14.47 26.12
CA HIS A 289 -28.20 14.13 25.48
C HIS A 289 -28.27 12.68 25.04
N LEU A 290 -27.15 12.16 24.54
CA LEU A 290 -27.13 10.80 23.97
C LEU A 290 -27.44 9.77 25.06
N VAL A 291 -26.68 9.84 26.14
CA VAL A 291 -26.85 8.86 27.21
C VAL A 291 -28.25 8.92 27.83
N ASN A 292 -28.85 10.11 27.81
CA ASN A 292 -30.14 10.34 28.43
C ASN A 292 -31.32 9.98 27.56
N SER A 293 -31.26 10.33 26.27
CA SER A 293 -32.37 9.99 25.35
C SER A 293 -32.53 8.49 25.25
N ASN A 294 -31.42 7.77 25.39
CA ASN A 294 -31.39 6.33 25.18
C ASN A 294 -31.25 5.56 26.48
N GLU A 295 -31.26 6.27 27.59
CA GLU A 295 -31.20 5.68 28.93
C GLU A 295 -30.01 4.73 29.08
N LEU A 296 -28.88 5.14 28.53
CA LEU A 296 -27.64 4.35 28.55
C LEU A 296 -26.83 4.52 29.84
N LYS A 297 -27.33 5.31 30.78
CA LYS A 297 -26.65 5.46 32.05
C LYS A 297 -26.67 4.12 32.74
N LEU A 298 -27.88 3.57 32.73
CA LEU A 298 -28.17 2.26 33.28
C LEU A 298 -27.37 1.17 32.56
N VAL A 299 -27.32 1.25 31.24
CA VAL A 299 -26.55 0.29 30.43
C VAL A 299 -25.07 0.39 30.76
N MET A 300 -24.55 1.62 30.87
CA MET A 300 -23.17 1.83 31.27
C MET A 300 -22.92 1.18 32.61
N LYS A 301 -23.85 1.35 33.55
CA LYS A 301 -23.72 0.66 34.85
C LYS A 301 -23.69 -0.85 34.67
N ASN A 302 -24.64 -1.39 33.89
CA ASN A 302 -24.67 -2.84 33.66
C ASN A 302 -23.40 -3.43 33.04
N TYR A 303 -22.62 -2.60 32.35
CA TYR A 303 -21.36 -3.05 31.73
C TYR A 303 -20.14 -2.76 32.59
N GLY A 304 -20.36 -2.15 33.74
CA GLY A 304 -19.29 -1.97 34.74
C GLY A 304 -18.70 -0.58 34.81
N LEU A 305 -19.34 0.42 34.19
CA LEU A 305 -18.94 1.81 34.38
C LEU A 305 -19.70 2.43 35.56
N VAL A 306 -19.13 3.48 36.13
CA VAL A 306 -19.77 4.24 37.21
C VAL A 306 -20.16 5.61 36.64
N PRO A 307 -21.43 5.76 36.23
CA PRO A 307 -21.86 6.91 35.40
C PRO A 307 -21.41 8.26 35.91
N GLU A 308 -21.63 8.49 37.20
CA GLU A 308 -21.30 9.78 37.83
C GLU A 308 -19.86 10.22 37.59
N GLU A 309 -18.92 9.35 37.91
CA GLU A 309 -17.49 9.64 37.70
C GLU A 309 -17.11 9.62 36.21
N ASP A 310 -17.46 8.51 35.56
CA ASP A 310 -16.96 8.22 34.22
C ASP A 310 -17.50 9.13 33.14
N ILE A 311 -18.75 9.60 33.31
CA ILE A 311 -19.27 10.55 32.32
C ILE A 311 -18.51 11.86 32.43
N THR A 312 -18.19 12.26 33.66
CA THR A 312 -17.39 13.46 33.90
C THR A 312 -16.01 13.28 33.26
N PHE A 313 -15.44 12.10 33.45
CA PHE A 313 -14.16 11.79 32.80
C PHE A 313 -14.24 11.95 31.29
N ILE A 314 -15.21 11.23 30.69
CA ILE A 314 -15.44 11.29 29.23
C ILE A 314 -15.58 12.74 28.75
N LYS A 315 -16.51 13.47 29.38
CA LYS A 315 -16.72 14.89 29.03
C LYS A 315 -15.43 15.69 29.11
N GLU A 316 -14.74 15.57 30.24
CA GLU A 316 -13.49 16.30 30.45
C GLU A 316 -12.43 15.97 29.39
N GLN A 317 -12.36 14.70 28.97
CA GLN A 317 -11.42 14.33 27.90
C GLN A 317 -11.66 15.10 26.61
N ILE A 318 -12.93 15.28 26.27
CA ILE A 318 -13.32 15.99 25.04
C ILE A 318 -13.08 17.48 25.24
N MET A 319 -13.60 18.00 26.35
CA MET A 319 -13.59 19.44 26.56
C MET A 319 -12.25 19.99 27.00
N GLY A 320 -11.79 19.54 28.16
CA GLY A 320 -10.68 20.19 28.85
C GLY A 320 -11.13 20.54 30.26
N PRO A 321 -10.27 21.29 30.99
CA PRO A 321 -10.44 21.65 32.41
C PRO A 321 -11.87 21.63 32.94
N LEU A 330 -3.50 23.12 42.40
CA LEU A 330 -3.67 21.68 42.47
C LEU A 330 -4.43 21.15 41.25
N TRP A 331 -4.85 19.89 41.29
CA TRP A 331 -5.39 19.16 40.14
C TRP A 331 -6.78 19.64 39.70
N PRO A 332 -6.86 20.26 38.50
CA PRO A 332 -8.13 20.80 37.99
C PRO A 332 -9.23 19.79 37.68
N TYR A 333 -8.89 18.70 37.02
CA TYR A 333 -9.91 17.70 36.60
C TYR A 333 -10.56 16.98 37.79
N LYS A 334 -11.82 16.59 37.61
CA LYS A 334 -12.53 15.82 38.62
C LYS A 334 -12.70 14.35 38.22
N GLY A 335 -12.74 14.10 36.92
CA GLY A 335 -12.98 12.77 36.40
C GLY A 335 -12.01 11.67 36.84
N ARG A 336 -10.72 12.00 36.92
CA ARG A 336 -9.71 11.07 37.42
C ARG A 336 -8.65 11.76 38.27
N PRO A 337 -8.05 11.05 39.24
CA PRO A 337 -6.96 11.61 40.04
C PRO A 337 -5.74 12.01 39.22
N ALA A 338 -4.98 12.96 39.74
CA ALA A 338 -3.75 13.44 39.10
C ALA A 338 -2.75 12.33 38.80
N THR A 339 -2.88 11.20 39.48
CA THR A 339 -1.95 10.09 39.27
C THR A 339 -2.13 9.48 37.88
N LYS A 340 -3.36 9.57 37.36
CA LYS A 340 -3.66 9.08 36.01
C LYS A 340 -3.84 10.24 35.03
N SER A 341 -2.98 11.24 35.11
CA SER A 341 -3.12 12.45 34.30
C SER A 341 -2.94 12.17 32.82
N PHE A 342 -2.01 11.27 32.50
CA PHE A 342 -1.66 10.93 31.13
C PHE A 342 -2.87 10.58 30.25
N LEU A 343 -3.90 10.00 30.85
CA LEU A 343 -5.11 9.65 30.14
C LEU A 343 -5.72 10.84 29.40
N TYR A 344 -5.47 12.05 29.93
CA TYR A 344 -6.03 13.26 29.33
C TYR A 344 -5.23 13.71 28.12
N GLU A 345 -4.09 13.06 27.88
CA GLU A 345 -3.25 13.38 26.71
C GLU A 345 -3.56 12.51 25.49
N ILE A 346 -4.49 11.57 25.63
CA ILE A 346 -4.80 10.62 24.57
C ILE A 346 -5.72 11.20 23.50
N VAL A 347 -6.96 11.48 23.87
CA VAL A 347 -7.96 11.88 22.87
C VAL A 347 -7.73 13.29 22.35
N SER A 348 -7.75 14.26 23.24
CA SER A 348 -7.42 15.64 22.90
C SER A 348 -6.22 16.12 23.67
N ASN A 349 -5.14 16.39 22.93
CA ASN A 349 -3.95 16.98 23.50
C ASN A 349 -3.64 18.28 22.78
N LYS A 350 -4.30 19.35 23.22
CA LYS A 350 -4.19 20.66 22.59
C LYS A 350 -2.85 21.30 22.95
N ARG A 351 -2.18 20.76 23.97
CA ARG A 351 -0.86 21.26 24.38
C ARG A 351 0.16 21.20 23.26
N ASN A 352 0.47 19.99 22.78
CA ASN A 352 1.53 19.79 21.78
C ASN A 352 1.01 19.33 20.42
N GLY A 353 -0.30 19.18 20.32
CA GLY A 353 -0.93 18.73 19.09
C GLY A 353 -0.46 17.37 18.62
N ILE A 354 -0.48 16.40 19.54
CA ILE A 354 -0.16 15.00 19.21
C ILE A 354 -1.16 14.08 19.90
N ASP A 355 -2.23 13.75 19.21
CA ASP A 355 -3.30 12.91 19.76
C ASP A 355 -3.87 11.99 18.68
N VAL A 356 -4.75 11.09 19.09
CA VAL A 356 -5.27 10.06 18.20
C VAL A 356 -6.29 10.63 17.18
N ASP A 357 -6.93 11.73 17.58
CA ASP A 357 -7.82 12.45 16.70
C ASP A 357 -7.06 12.86 15.43
N LYS A 358 -5.95 13.55 15.65
CA LYS A 358 -5.08 14.02 14.58
C LYS A 358 -4.53 12.86 13.78
N TRP A 359 -4.19 11.76 14.45
CA TRP A 359 -3.66 10.59 13.77
C TRP A 359 -4.68 10.10 12.76
N ASP A 360 -5.88 9.83 13.25
CA ASP A 360 -6.93 9.33 12.37
C ASP A 360 -7.23 10.31 11.24
N TYR A 361 -7.55 11.57 11.55
CA TYR A 361 -7.96 12.44 10.45
C TYR A 361 -6.82 12.81 9.51
N PHE A 362 -5.59 12.83 10.01
CA PHE A 362 -4.44 12.97 9.12
C PHE A 362 -4.45 11.82 8.12
N ALA A 363 -4.45 10.58 8.63
CA ALA A 363 -4.41 9.40 7.77
C ALA A 363 -5.57 9.37 6.80
N ARG A 364 -6.77 9.57 7.33
CA ARG A 364 -8.00 9.50 6.54
C ARG A 364 -8.06 10.58 5.47
N ASP A 365 -7.80 11.84 5.87
CA ASP A 365 -7.85 12.93 4.90
C ASP A 365 -6.79 12.71 3.85
N CYS A 366 -5.62 12.22 4.28
CA CYS A 366 -4.57 11.86 3.32
C CYS A 366 -5.07 10.78 2.38
N HIS A 367 -5.76 9.79 2.92
CA HIS A 367 -6.33 8.69 2.13
C HIS A 367 -7.28 9.21 1.06
N HIS A 368 -8.25 10.03 1.47
CA HIS A 368 -9.27 10.50 0.50
C HIS A 368 -8.84 11.66 -0.40
N LEU A 369 -7.90 12.50 0.04
CA LEU A 369 -7.43 13.61 -0.80
C LEU A 369 -6.45 13.17 -1.86
N GLY A 370 -5.82 12.03 -1.64
CA GLY A 370 -4.76 11.58 -2.54
C GLY A 370 -3.43 12.18 -2.12
N ILE A 371 -3.09 11.96 -0.85
CA ILE A 371 -1.78 12.35 -0.32
C ILE A 371 -1.30 11.15 0.46
N GLN A 372 -0.01 10.85 0.32
CA GLN A 372 0.56 9.73 1.04
C GLN A 372 1.29 10.17 2.30
N ASN A 373 1.01 9.48 3.39
CA ASN A 373 1.27 9.94 4.75
C ASN A 373 2.51 9.29 5.38
N ASN A 374 3.56 10.09 5.54
CA ASN A 374 4.84 9.61 6.06
C ASN A 374 4.82 9.12 7.50
N PHE A 375 3.71 9.35 8.21
CA PHE A 375 3.66 9.08 9.64
C PHE A 375 3.00 7.75 9.97
N ASP A 376 3.79 6.83 10.52
CA ASP A 376 3.28 5.56 10.99
C ASP A 376 2.96 5.67 12.48
N TYR A 377 1.67 5.73 12.81
CA TYR A 377 1.26 5.89 14.20
C TYR A 377 1.45 4.62 15.03
N LYS A 378 1.39 3.47 14.37
CA LYS A 378 1.61 2.21 15.05
C LYS A 378 3.03 2.19 15.65
N ARG A 379 3.97 2.82 14.93
CA ARG A 379 5.33 2.96 15.44
C ARG A 379 5.31 3.76 16.71
N PHE A 380 4.44 4.78 16.72
CA PHE A 380 4.37 5.68 17.85
C PHE A 380 3.82 4.93 19.04
N ILE A 381 2.73 4.19 18.81
CA ILE A 381 2.11 3.42 19.88
C ILE A 381 3.07 2.41 20.48
N LYS A 382 3.82 1.68 19.67
CA LYS A 382 4.82 0.76 20.26
C LYS A 382 5.83 1.43 21.18
N PHE A 383 6.35 2.57 20.76
CA PHE A 383 7.38 3.28 21.53
C PHE A 383 6.83 4.33 22.48
N ALA A 384 5.55 4.19 22.85
CA ALA A 384 4.91 5.14 23.77
C ALA A 384 4.96 4.62 25.20
N ARG A 385 5.42 5.47 26.12
CA ARG A 385 5.49 5.16 27.54
C ARG A 385 5.11 6.33 28.39
N ILE A 386 4.45 6.04 29.51
CA ILE A 386 4.29 7.03 30.56
C ILE A 386 5.54 7.09 31.40
N CYS A 387 5.96 8.30 31.77
CA CYS A 387 7.01 8.48 32.75
C CYS A 387 6.94 9.87 33.34
N GLU A 388 7.52 10.04 34.52
CA GLU A 388 7.30 11.23 35.32
C GLU A 388 8.16 12.41 34.91
N VAL A 389 7.56 13.60 35.02
CA VAL A 389 8.23 14.86 34.76
C VAL A 389 8.07 15.74 35.98
N GLU A 390 9.13 16.48 36.30
CA GLU A 390 9.10 17.44 37.40
C GLU A 390 9.50 18.83 36.91
N TYR A 391 8.54 19.77 36.94
CA TYR A 391 8.85 21.17 36.67
C TYR A 391 8.56 22.03 37.90
N LYS A 392 9.52 22.88 38.24
CA LYS A 392 9.45 23.74 39.42
C LYS A 392 8.74 25.05 39.12
N VAL A 393 7.64 25.30 39.82
CA VAL A 393 6.91 26.56 39.72
C VAL A 393 6.75 27.19 41.10
N TYR A 399 8.16 24.91 45.80
CA TYR A 399 7.07 24.26 45.11
C TYR A 399 7.52 23.69 43.75
N ILE A 400 7.62 22.36 43.69
CA ILE A 400 7.90 21.63 42.44
C ILE A 400 6.72 20.71 42.11
N ARG A 401 6.33 20.72 40.82
CA ARG A 401 5.21 19.89 40.38
C ARG A 401 5.71 18.56 39.81
N LYS A 402 5.00 17.47 40.08
CA LYS A 402 5.37 16.14 39.55
C LYS A 402 4.21 15.51 38.80
N VAL A 403 4.39 15.21 37.51
CA VAL A 403 3.26 14.72 36.67
C VAL A 403 3.64 13.64 35.67
N LYS A 404 2.67 12.78 35.37
CA LYS A 404 2.86 11.66 34.43
C LYS A 404 2.37 12.00 33.04
N HIS A 405 3.30 12.27 32.12
CA HIS A 405 2.98 12.55 30.72
C HIS A 405 3.19 11.32 29.82
N ILE A 406 2.64 11.36 28.62
CA ILE A 406 2.94 10.36 27.60
C ILE A 406 4.23 10.78 26.91
N CYS A 407 5.15 9.86 26.79
CA CYS A 407 6.48 10.11 26.31
C CYS A 407 6.93 9.07 25.31
N SER A 408 7.86 9.45 24.44
CA SER A 408 8.35 8.57 23.40
C SER A 408 9.86 8.54 23.44
N ARG A 409 10.42 7.38 23.09
CA ARG A 409 11.86 7.18 23.11
C ARG A 409 12.53 8.24 22.23
N GLU A 410 13.58 8.85 22.76
CA GLU A 410 14.17 10.08 22.20
C GLU A 410 14.49 9.99 20.70
N LYS A 411 14.93 8.82 20.27
CA LYS A 411 15.30 8.56 18.88
C LYS A 411 14.10 8.35 17.95
N GLU A 412 12.89 8.35 18.49
CA GLU A 412 11.66 8.35 17.70
C GLU A 412 11.17 9.75 17.40
N VAL A 413 12.10 10.68 17.34
CA VAL A 413 11.79 12.07 17.00
C VAL A 413 11.56 12.21 15.50
N GLY A 414 12.22 11.36 14.72
CA GLY A 414 12.07 11.37 13.28
C GLY A 414 10.65 11.08 12.85
N ASN A 415 9.99 10.19 13.60
CA ASN A 415 8.60 9.89 13.34
C ASN A 415 7.71 11.15 13.46
N LEU A 416 7.99 11.98 14.45
CA LEU A 416 7.25 13.22 14.63
C LEU A 416 7.55 14.22 13.52
N TYR A 417 8.79 14.21 13.03
CA TYR A 417 9.16 15.03 11.89
C TYR A 417 8.30 14.65 10.68
N ASP A 418 8.00 13.36 10.55
CA ASP A 418 7.12 12.88 9.50
C ASP A 418 5.69 13.37 9.70
N MET A 419 5.22 13.32 10.94
CA MET A 419 3.86 13.75 11.25
C MET A 419 3.65 15.20 10.93
N PHE A 420 4.57 16.04 11.41
CA PHE A 420 4.43 17.48 11.23
C PHE A 420 4.60 17.89 9.78
N HIS A 421 5.36 17.11 9.01
CA HIS A 421 5.41 17.33 7.57
C HIS A 421 4.03 17.11 6.98
N THR A 422 3.44 15.96 7.29
CA THR A 422 2.11 15.61 6.82
C THR A 422 1.11 16.66 7.26
N ARG A 423 1.26 17.12 8.50
CA ARG A 423 0.40 18.15 9.06
C ARG A 423 0.48 19.40 8.20
N ASN A 424 1.69 19.83 7.89
CA ASN A 424 1.89 21.00 7.02
C ASN A 424 1.40 20.73 5.62
N CYS A 425 1.70 19.54 5.13
CA CYS A 425 1.34 19.13 3.77
C CYS A 425 -0.17 19.21 3.59
N LEU A 426 -0.92 18.74 4.58
CA LEU A 426 -2.37 18.82 4.50
C LEU A 426 -2.84 20.25 4.63
N HIS A 427 -2.30 20.96 5.61
CA HIS A 427 -2.68 22.35 5.85
C HIS A 427 -2.43 23.22 4.60
N ARG A 428 -1.27 23.09 3.99
CA ARG A 428 -0.95 23.86 2.79
C ARG A 428 -1.91 23.53 1.66
N ARG A 429 -1.95 22.26 1.29
CA ARG A 429 -2.64 21.78 0.11
C ARG A 429 -4.17 21.74 0.21
N ALA A 430 -4.71 21.36 1.37
CA ALA A 430 -6.11 21.04 1.51
C ALA A 430 -6.90 21.92 2.47
N TYR A 431 -6.44 22.05 3.71
CA TYR A 431 -7.23 22.71 4.75
C TYR A 431 -7.44 24.20 4.48
N GLN A 432 -6.36 24.93 4.28
CA GLN A 432 -6.46 26.36 4.00
C GLN A 432 -6.51 26.62 2.50
N HIS A 433 -7.14 25.70 1.78
CA HIS A 433 -7.27 25.81 0.33
C HIS A 433 -8.15 27.00 -0.04
N LYS A 434 -7.66 27.85 -0.93
CA LYS A 434 -8.30 29.13 -1.24
C LYS A 434 -9.75 29.02 -1.75
N ILE A 435 -10.05 27.93 -2.44
CA ILE A 435 -11.40 27.68 -2.98
C ILE A 435 -12.32 27.00 -1.99
N SER A 436 -11.80 25.96 -1.33
CA SER A 436 -12.56 25.28 -0.27
C SER A 436 -13.13 26.28 0.70
N ASN A 437 -12.26 27.17 1.16
CA ASN A 437 -12.66 28.24 2.06
C ASN A 437 -13.67 29.18 1.41
N LEU A 438 -13.51 29.43 0.11
CA LEU A 438 -14.46 30.27 -0.60
C LEU A 438 -15.85 29.64 -0.52
N ILE A 439 -15.91 28.34 -0.78
CA ILE A 439 -17.16 27.58 -0.69
C ILE A 439 -17.73 27.57 0.73
N ASP A 440 -16.85 27.37 1.72
CA ASP A 440 -17.29 27.52 3.11
C ASP A 440 -17.90 28.90 3.37
N ILE A 441 -17.26 29.93 2.83
CA ILE A 441 -17.71 31.32 2.98
C ILE A 441 -19.07 31.50 2.33
N MET A 442 -19.23 30.95 1.13
CA MET A 442 -20.51 31.08 0.43
C MET A 442 -21.63 30.32 1.14
N ILE A 443 -21.32 29.12 1.61
CA ILE A 443 -22.34 28.34 2.37
C ILE A 443 -22.73 29.11 3.63
N THR A 444 -21.71 29.62 4.33
CA THR A 444 -22.00 30.47 5.49
C THR A 444 -22.92 31.62 5.11
N ASP A 445 -22.56 32.35 4.06
CA ASP A 445 -23.41 33.44 3.57
C ASP A 445 -24.86 33.01 3.35
N ALA A 446 -25.01 31.91 2.63
CA ALA A 446 -26.36 31.37 2.37
C ALA A 446 -27.10 31.07 3.66
N PHE A 447 -26.41 30.38 4.57
CA PHE A 447 -26.99 30.07 5.87
C PHE A 447 -27.44 31.31 6.61
N LEU A 448 -26.57 32.31 6.63
CA LEU A 448 -26.90 33.60 7.24
C LEU A 448 -28.17 34.17 6.63
N LYS A 449 -28.27 34.13 5.30
CA LYS A 449 -29.48 34.61 4.64
C LYS A 449 -30.68 33.69 4.78
N ALA A 450 -30.44 32.42 5.08
CA ALA A 450 -31.52 31.46 5.30
C ALA A 450 -31.97 31.41 6.76
N ASP A 451 -31.07 31.80 7.66
CA ASP A 451 -31.28 31.61 9.10
C ASP A 451 -32.62 32.12 9.65
N PRO A 452 -33.05 33.34 9.23
CA PRO A 452 -34.26 33.92 9.81
C PRO A 452 -35.56 33.14 9.55
N TYR A 453 -35.63 32.41 8.43
CA TYR A 453 -36.87 31.78 7.98
C TYR A 453 -36.97 30.29 8.25
N VAL A 454 -35.83 29.60 8.28
CA VAL A 454 -35.83 28.15 8.45
C VAL A 454 -36.16 27.76 9.87
N GLU A 455 -37.23 26.97 10.03
CA GLU A 455 -37.62 26.44 11.34
C GLU A 455 -37.10 25.03 11.57
N ILE A 456 -36.63 24.77 12.78
CA ILE A 456 -36.14 23.44 13.20
C ILE A 456 -36.67 23.19 14.60
N THR A 457 -37.51 22.16 14.73
CA THR A 457 -38.17 21.86 16.01
C THR A 457 -37.28 21.06 16.94
N GLY A 458 -37.25 21.48 18.20
CA GLY A 458 -36.45 20.78 19.23
C GLY A 458 -37.36 20.13 20.24
N THR A 459 -36.90 20.08 21.49
CA THR A 459 -37.66 19.45 22.55
C THR A 459 -38.95 20.21 22.79
N ALA A 460 -40.05 19.46 22.93
CA ALA A 460 -41.39 20.02 23.06
C ALA A 460 -41.83 20.70 21.77
N GLY A 461 -41.06 20.50 20.68
CA GLY A 461 -41.41 21.07 19.39
C GLY A 461 -41.24 22.57 19.31
N LYS A 462 -40.49 23.15 20.24
CA LYS A 462 -40.15 24.55 20.21
C LYS A 462 -39.33 24.82 18.94
N LYS A 463 -39.70 25.85 18.19
CA LYS A 463 -39.06 26.15 16.93
C LYS A 463 -37.70 26.81 17.17
N PHE A 464 -36.70 26.39 16.41
CA PHE A 464 -35.38 26.99 16.48
C PHE A 464 -34.92 27.39 15.09
N ARG A 465 -34.05 28.40 15.04
CA ARG A 465 -33.44 28.83 13.78
C ARG A 465 -32.13 28.07 13.64
N ILE A 466 -31.60 28.04 12.43
CA ILE A 466 -30.33 27.33 12.17
C ILE A 466 -29.25 27.71 13.18
N SER A 467 -29.13 29.01 13.47
CA SER A 467 -28.10 29.52 14.38
C SER A 467 -28.35 29.14 15.84
N THR A 468 -29.60 28.89 16.20
CA THR A 468 -29.96 28.65 17.60
C THR A 468 -30.22 27.17 17.91
N ALA A 469 -30.17 26.31 16.90
CA ALA A 469 -30.35 24.89 17.10
C ALA A 469 -29.29 24.33 18.07
N ILE A 470 -28.12 24.95 18.09
CA ILE A 470 -27.05 24.55 18.99
C ILE A 470 -27.45 24.61 20.47
N ASP A 471 -28.52 25.35 20.75
CA ASP A 471 -28.99 25.52 22.13
C ASP A 471 -29.88 24.38 22.59
N ASP A 472 -30.47 23.65 21.64
CA ASP A 472 -31.30 22.50 21.97
C ASP A 472 -30.80 21.27 21.24
N MET A 473 -30.37 20.27 22.01
CA MET A 473 -29.76 19.08 21.42
C MET A 473 -30.72 18.31 20.52
N GLU A 474 -32.00 18.31 20.86
CA GLU A 474 -32.97 17.53 20.09
C GLU A 474 -33.30 18.22 18.77
N ALA A 475 -32.99 19.51 18.68
CA ALA A 475 -33.05 20.24 17.42
C ALA A 475 -31.75 20.03 16.67
N PHE A 476 -30.63 20.27 17.35
CA PHE A 476 -29.31 20.09 16.77
C PHE A 476 -29.10 18.67 16.23
N THR A 477 -29.78 17.70 16.83
CA THR A 477 -29.71 16.31 16.39
C THR A 477 -30.19 16.19 14.94
N LYS A 478 -31.08 17.09 14.53
CA LYS A 478 -31.65 17.05 13.19
C LYS A 478 -30.88 17.91 12.20
N LEU A 479 -29.96 18.73 12.72
CA LEU A 479 -29.23 19.67 11.86
C LEU A 479 -28.02 19.01 11.22
N THR A 480 -28.06 18.83 9.91
CA THR A 480 -27.00 18.13 9.17
C THR A 480 -26.68 18.87 7.88
N ASP A 481 -25.78 18.31 7.07
CA ASP A 481 -25.44 18.91 5.78
C ASP A 481 -26.65 19.04 4.88
N ASN A 482 -27.62 18.15 5.05
CA ASN A 482 -28.75 18.06 4.15
C ASN A 482 -29.55 19.37 4.12
N ILE A 483 -29.42 20.14 5.21
CA ILE A 483 -30.00 21.48 5.30
C ILE A 483 -29.65 22.31 4.06
N PHE A 484 -28.50 22.01 3.49
CA PHE A 484 -28.08 22.56 2.21
C PHE A 484 -29.18 22.36 1.17
N LEU A 485 -29.61 21.11 0.99
CA LEU A 485 -30.64 20.81 -0.02
C LEU A 485 -32.02 21.29 0.38
N GLU A 486 -32.29 21.27 1.67
CA GLU A 486 -33.60 21.68 2.18
C GLU A 486 -33.88 23.12 1.80
N VAL A 487 -32.90 23.99 2.04
CA VAL A 487 -32.97 25.37 1.58
C VAL A 487 -33.12 25.40 0.07
N LEU A 488 -32.19 24.74 -0.61
CA LEU A 488 -32.12 24.74 -2.07
C LEU A 488 -33.44 24.31 -2.72
N HIS A 489 -34.12 23.37 -2.09
CA HIS A 489 -35.36 22.81 -2.63
C HIS A 489 -36.63 23.49 -2.08
N SER A 490 -36.47 24.42 -1.14
CA SER A 490 -37.61 25.01 -0.46
C SER A 490 -38.46 25.85 -1.38
N THR A 491 -39.78 25.80 -1.17
CA THR A 491 -40.73 26.54 -2.00
C THR A 491 -41.00 27.93 -1.42
N ASP A 492 -40.63 28.13 -0.16
CA ASP A 492 -40.81 29.41 0.52
C ASP A 492 -40.03 30.49 -0.21
N PRO A 493 -40.71 31.58 -0.64
CA PRO A 493 -40.01 32.59 -1.43
C PRO A 493 -39.12 33.54 -0.63
N GLN A 494 -39.09 33.39 0.68
CA GLN A 494 -38.22 34.21 1.51
C GLN A 494 -36.77 33.72 1.47
N LEU A 495 -36.56 32.49 1.02
CA LEU A 495 -35.23 31.91 0.93
C LEU A 495 -34.59 32.08 -0.43
N SER A 496 -35.31 32.68 -1.36
CA SER A 496 -34.84 32.83 -2.75
C SER A 496 -33.44 33.44 -2.78
N GLU A 497 -33.19 34.37 -1.87
CA GLU A 497 -31.85 34.90 -1.71
C GLU A 497 -30.87 33.81 -1.30
N ALA A 498 -31.26 33.00 -0.33
CA ALA A 498 -30.39 31.95 0.18
C ALA A 498 -30.18 30.86 -0.86
N GLN A 499 -31.25 30.53 -1.57
CA GLN A 499 -31.21 29.51 -2.59
C GLN A 499 -30.20 29.87 -3.68
N SER A 500 -30.36 31.09 -4.21
CA SER A 500 -29.56 31.57 -5.33
C SER A 500 -28.06 31.46 -5.03
N ILE A 501 -27.70 31.64 -3.77
CA ILE A 501 -26.32 31.46 -3.34
C ILE A 501 -25.93 30.01 -3.46
N LEU A 502 -26.83 29.11 -3.08
CA LEU A 502 -26.53 27.69 -3.10
C LEU A 502 -26.50 27.15 -4.52
N ARG A 503 -27.35 27.69 -5.38
CA ARG A 503 -27.37 27.29 -6.78
C ARG A 503 -26.06 27.72 -7.44
N ASN A 504 -25.53 28.87 -7.00
CA ASN A 504 -24.26 29.37 -7.52
C ASN A 504 -23.10 28.45 -7.15
N ILE A 505 -23.14 27.93 -5.92
CA ILE A 505 -22.12 26.97 -5.49
C ILE A 505 -22.22 25.71 -6.35
N GLU A 506 -23.45 25.29 -6.61
CA GLU A 506 -23.69 24.07 -7.39
C GLU A 506 -23.21 24.23 -8.82
N CYS A 507 -23.44 25.41 -9.39
CA CYS A 507 -23.09 25.68 -10.79
C CYS A 507 -21.79 26.46 -10.93
N ARG A 508 -20.95 26.40 -9.91
CA ARG A 508 -19.58 26.92 -9.99
C ARG A 508 -19.53 28.41 -10.40
N ASN A 509 -20.43 29.20 -9.84
CA ASN A 509 -20.50 30.63 -10.06
C ASN A 509 -20.08 31.35 -8.80
N LEU A 510 -18.82 31.14 -8.42
CA LEU A 510 -18.33 31.58 -7.11
C LEU A 510 -17.78 33.00 -7.17
N TYR A 511 -17.64 33.62 -6.01
CA TYR A 511 -16.96 34.91 -5.89
C TYR A 511 -15.55 34.80 -6.48
N LYS A 512 -15.08 35.86 -7.14
CA LYS A 512 -13.74 35.87 -7.74
C LYS A 512 -12.67 36.11 -6.68
N TYR A 513 -11.63 35.27 -6.69
CA TYR A 513 -10.54 35.34 -5.74
C TYR A 513 -9.48 36.33 -6.23
N LEU A 514 -9.38 37.48 -5.54
CA LEU A 514 -8.48 38.54 -5.99
C LEU A 514 -7.04 38.24 -5.66
N GLY A 515 -6.83 37.49 -4.59
CA GLY A 515 -5.50 37.12 -4.17
C GLY A 515 -5.28 37.06 -2.67
N GLU A 516 -4.07 36.66 -2.33
CA GLU A 516 -3.60 36.52 -0.97
C GLU A 516 -2.61 37.60 -0.63
N THR A 517 -2.50 37.94 0.65
CA THR A 517 -1.49 38.87 1.11
C THR A 517 -1.02 38.52 2.52
N GLN A 518 0.17 39.02 2.85
CA GLN A 518 0.84 38.74 4.11
C GLN A 518 1.22 40.05 4.80
N PRO A 519 1.04 40.13 6.13
CA PRO A 519 1.48 41.33 6.84
C PRO A 519 2.97 41.28 7.17
N LYS A 520 3.69 42.34 6.80
CA LYS A 520 5.14 42.42 6.98
C LYS A 520 5.56 42.41 8.44
N ARG A 521 4.83 43.19 9.23
CA ARG A 521 5.10 43.34 10.65
C ARG A 521 3.77 43.45 11.36
N GLU A 522 3.77 43.18 12.65
CA GLU A 522 2.52 43.14 13.42
C GLU A 522 1.57 42.13 12.82
N LYS A 523 0.35 42.09 13.34
CA LYS A 523 -0.72 41.25 12.77
C LYS A 523 -2.04 42.00 12.96
N ILE A 524 -3.16 41.39 12.63
CA ILE A 524 -4.43 42.10 12.68
C ILE A 524 -5.27 41.70 13.88
N ARG A 525 -5.58 42.71 14.69
CA ARG A 525 -6.41 42.58 15.88
C ARG A 525 -7.73 41.91 15.54
N LYS A 526 -8.12 40.96 16.37
CA LYS A 526 -9.40 40.26 16.17
C LYS A 526 -10.57 41.25 16.11
N GLU A 527 -10.39 42.43 16.71
CA GLU A 527 -11.40 43.47 16.71
C GLU A 527 -11.46 44.08 15.32
N GLU A 528 -10.28 44.23 14.74
CA GLU A 528 -10.05 44.97 13.50
C GLU A 528 -10.65 44.34 12.25
N TYR A 529 -11.12 43.08 12.37
CA TYR A 529 -11.59 42.31 11.22
C TYR A 529 -12.76 42.94 10.46
N GLU A 530 -13.84 43.22 11.18
CA GLU A 530 -15.07 43.67 10.56
C GLU A 530 -14.91 44.96 9.76
N ARG A 531 -13.85 45.72 10.05
CA ARG A 531 -13.56 46.94 9.31
C ARG A 531 -13.03 46.62 7.91
N LEU A 532 -12.32 45.51 7.79
CA LEU A 532 -11.48 45.24 6.63
C LEU A 532 -12.17 45.38 5.27
N PRO A 533 -13.38 44.82 5.13
CA PRO A 533 -14.06 44.97 3.84
C PRO A 533 -14.32 46.45 3.48
N GLN A 534 -14.55 47.26 4.48
CA GLN A 534 -14.74 48.71 4.30
C GLN A 534 -13.45 49.34 3.81
N GLU A 535 -12.35 49.02 4.48
CA GLU A 535 -11.04 49.57 4.12
C GLU A 535 -10.66 49.30 2.67
N VAL A 536 -10.87 48.06 2.24
CA VAL A 536 -10.55 47.64 0.88
C VAL A 536 -11.42 48.38 -0.12
N ALA A 537 -12.70 48.50 0.21
CA ALA A 537 -13.65 49.19 -0.65
C ALA A 537 -13.29 50.65 -0.82
N LYS A 538 -13.03 51.32 0.32
CA LYS A 538 -12.78 52.76 0.32
C LYS A 538 -11.39 53.14 -0.23
N ALA A 539 -10.41 52.26 -0.09
CA ALA A 539 -9.10 52.46 -0.73
C ALA A 539 -9.23 52.51 -2.24
N LYS A 540 -8.88 53.66 -2.83
CA LYS A 540 -8.97 53.82 -4.28
C LYS A 540 -7.58 53.92 -4.92
N PRO A 541 -7.41 53.40 -6.15
CA PRO A 541 -6.12 53.42 -6.82
C PRO A 541 -5.78 54.78 -7.43
N VAL A 547 -15.96 53.33 -11.00
CA VAL A 547 -17.13 52.65 -10.41
C VAL A 547 -16.93 52.48 -8.90
N GLU A 548 -17.97 52.81 -8.12
CA GLU A 548 -17.98 52.59 -6.70
C GLU A 548 -18.25 51.14 -6.35
N LEU A 549 -17.47 50.67 -5.38
CA LEU A 549 -17.49 49.31 -4.89
C LEU A 549 -17.81 49.33 -3.40
N LYS A 550 -19.04 48.93 -3.08
CA LYS A 550 -19.52 48.95 -1.71
C LYS A 550 -18.76 47.92 -0.87
N ALA A 551 -18.76 48.11 0.44
CA ALA A 551 -18.01 47.25 1.35
C ALA A 551 -18.49 45.79 1.34
N GLU A 552 -19.75 45.61 0.96
CA GLU A 552 -20.37 44.28 0.96
C GLU A 552 -19.81 43.45 -0.18
N ASP A 553 -19.37 44.14 -1.24
CA ASP A 553 -18.84 43.50 -2.43
C ASP A 553 -17.54 42.72 -2.18
N PHE A 554 -16.95 42.91 -1.00
CA PHE A 554 -15.69 42.26 -0.65
C PHE A 554 -15.82 41.36 0.56
N ILE A 555 -15.07 40.26 0.54
CA ILE A 555 -14.85 39.47 1.75
C ILE A 555 -13.35 39.37 1.98
N VAL A 556 -12.92 39.70 3.19
CA VAL A 556 -11.53 39.54 3.59
C VAL A 556 -11.48 38.35 4.55
N ASP A 557 -10.60 37.42 4.26
CA ASP A 557 -10.51 36.14 4.95
C ASP A 557 -9.16 36.03 5.61
N VAL A 558 -9.16 36.15 6.94
CA VAL A 558 -7.94 36.09 7.73
C VAL A 558 -7.70 34.66 8.20
N ILE A 559 -6.47 34.19 8.07
CA ILE A 559 -6.11 32.81 8.39
C ILE A 559 -4.82 32.76 9.22
N ASN A 560 -4.87 32.02 10.33
CA ASN A 560 -3.72 31.93 11.24
C ASN A 560 -2.99 30.60 11.10
N VAL A 561 -1.72 30.67 10.70
CA VAL A 561 -0.92 29.51 10.32
C VAL A 561 -0.58 28.54 11.45
N ASP A 562 -0.27 29.08 12.63
CA ASP A 562 0.16 28.25 13.78
C ASP A 562 1.49 27.53 13.50
N ARG A 573 4.78 21.04 24.63
CA ARG A 573 5.48 20.20 23.69
C ARG A 573 5.40 18.72 24.09
N VAL A 574 6.31 17.93 23.51
CA VAL A 574 6.38 16.48 23.70
C VAL A 574 7.60 16.17 24.55
N HIS A 575 7.54 15.05 25.28
CA HIS A 575 8.60 14.69 26.24
C HIS A 575 9.13 13.30 25.97
N PHE A 576 10.43 13.08 26.19
CA PHE A 576 11.07 11.83 25.80
C PHE A 576 11.72 11.09 26.96
N TYR A 577 12.00 9.80 26.74
CA TYR A 577 12.68 8.96 27.73
C TYR A 577 13.88 8.27 27.11
N GLU A 603 2.17 32.58 11.18
CA GLU A 603 1.95 33.80 10.43
C GLU A 603 0.47 34.11 10.24
N GLN A 604 0.20 35.06 9.36
CA GLN A 604 -1.16 35.43 8.99
C GLN A 604 -1.28 35.47 7.48
N LEU A 605 -2.34 34.83 6.97
CA LEU A 605 -2.67 34.88 5.55
C LEU A 605 -3.99 35.59 5.37
N ILE A 606 -4.00 36.57 4.45
CA ILE A 606 -5.23 37.32 4.17
C ILE A 606 -5.64 37.13 2.73
N ARG A 607 -6.82 36.53 2.53
CA ARG A 607 -7.36 36.34 1.17
C ARG A 607 -8.51 37.30 0.93
N VAL A 608 -8.52 37.96 -0.23
CA VAL A 608 -9.65 38.84 -0.56
C VAL A 608 -10.45 38.31 -1.74
N TYR A 609 -11.76 38.19 -1.53
CA TYR A 609 -12.69 37.79 -2.60
C TYR A 609 -13.65 38.93 -2.92
N CYS A 610 -13.99 39.06 -4.21
CA CYS A 610 -15.00 40.03 -4.63
C CYS A 610 -16.26 39.31 -5.14
N LYS A 611 -17.42 39.71 -4.65
CA LYS A 611 -18.70 39.11 -5.04
C LYS A 611 -19.10 39.46 -6.47
N LYS A 612 -18.95 40.73 -6.84
CA LYS A 612 -19.30 41.20 -8.19
C LYS A 612 -18.41 40.51 -9.23
N LYS A 613 -19.05 39.84 -10.19
CA LYS A 613 -18.33 38.92 -11.07
C LYS A 613 -18.07 39.43 -12.49
N ASP A 614 -18.40 40.68 -12.75
CA ASP A 614 -18.11 41.31 -14.04
C ASP A 614 -16.65 41.77 -14.13
N GLY A 615 -16.15 41.90 -15.36
CA GLY A 615 -14.75 42.22 -15.62
C GLY A 615 -14.26 43.55 -15.06
N LYS A 616 -15.00 44.62 -15.33
CA LYS A 616 -14.61 45.95 -14.90
C LYS A 616 -14.61 46.10 -13.38
N SER A 617 -15.66 45.63 -12.74
CA SER A 617 -15.69 45.56 -11.27
C SER A 617 -14.54 44.70 -10.74
N LEU A 618 -14.21 43.65 -11.49
CA LEU A 618 -13.09 42.77 -11.11
C LEU A 618 -11.75 43.50 -11.14
N ASP A 619 -11.49 44.22 -12.25
CA ASP A 619 -10.32 45.09 -12.32
C ASP A 619 -10.27 46.11 -11.18
N ALA A 620 -11.38 46.85 -11.05
CA ALA A 620 -11.49 47.87 -10.01
C ALA A 620 -11.18 47.29 -8.63
N ALA A 621 -11.79 46.15 -8.34
CA ALA A 621 -11.60 45.48 -7.06
C ALA A 621 -10.16 45.01 -6.90
N GLY A 622 -9.60 44.45 -7.97
CA GLY A 622 -8.21 44.02 -7.96
C GLY A 622 -7.28 45.15 -7.55
N LYS A 623 -7.37 46.28 -8.27
CA LYS A 623 -6.50 47.40 -7.95
C LYS A 623 -6.83 48.03 -6.59
N HIS A 624 -8.11 48.03 -6.21
CA HIS A 624 -8.48 48.39 -4.83
C HIS A 624 -7.67 47.56 -3.84
N PHE A 625 -7.69 46.24 -4.04
CA PHE A 625 -6.95 45.32 -3.18
C PHE A 625 -5.45 45.59 -3.17
N VAL A 626 -4.88 45.77 -4.37
CA VAL A 626 -3.45 46.15 -4.45
C VAL A 626 -3.17 47.41 -3.61
N GLN A 627 -3.98 48.45 -3.82
CA GLN A 627 -3.75 49.70 -3.08
C GLN A 627 -3.92 49.51 -1.57
N TRP A 628 -4.92 48.72 -1.17
CA TRP A 628 -5.09 48.42 0.25
C TRP A 628 -3.87 47.72 0.81
N CYS A 629 -3.35 46.77 0.02
CA CYS A 629 -2.12 46.07 0.42
C CYS A 629 -0.93 47.04 0.56
N ALA A 630 -0.76 47.88 -0.46
CA ALA A 630 0.32 48.87 -0.43
C ALA A 630 0.20 49.82 0.76
N LEU A 631 -1.03 50.28 1.02
CA LEU A 631 -1.27 51.27 2.07
C LEU A 631 -0.93 50.73 3.44
N ARG A 632 -1.34 49.51 3.72
CA ARG A 632 -1.08 48.88 5.03
C ARG A 632 0.31 48.28 5.06
N ASP A 633 1.08 48.50 4.00
CA ASP A 633 2.43 47.95 3.87
C ASP A 633 2.39 46.43 3.99
N PHE A 634 1.54 45.83 3.17
CA PHE A 634 1.41 44.38 3.09
C PHE A 634 2.16 43.88 1.87
N THR A 635 2.41 42.58 1.81
CA THR A 635 3.04 41.99 0.64
C THR A 635 2.24 42.35 -0.61
N LYS A 636 2.95 42.58 -1.71
CA LYS A 636 2.30 42.74 -2.99
C LYS A 636 1.57 41.44 -3.35
N PRO A 637 0.26 41.53 -3.62
CA PRO A 637 -0.61 40.34 -3.75
C PRO A 637 -0.08 39.21 -4.63
N GLN A 638 -0.27 37.98 -4.17
CA GLN A 638 0.11 36.72 -4.84
C GLN A 638 0.72 36.87 -6.22
N THR B 86 -6.39 40.71 -20.34
CA THR B 86 -7.45 39.89 -19.70
C THR B 86 -7.46 38.48 -20.29
N ASP B 87 -8.37 37.66 -19.78
CA ASP B 87 -8.62 36.31 -20.28
C ASP B 87 -9.76 36.33 -21.26
N LEU B 88 -9.86 35.30 -22.11
CA LEU B 88 -11.00 35.17 -22.99
C LEU B 88 -12.21 34.76 -22.15
N ARG B 89 -11.95 34.16 -20.99
CA ARG B 89 -12.99 33.73 -20.07
C ARG B 89 -13.91 34.89 -19.65
N THR B 90 -13.31 36.05 -19.48
CA THR B 90 -14.05 37.26 -19.07
C THR B 90 -14.86 37.90 -20.21
N TRP B 91 -14.51 37.57 -21.46
CA TRP B 91 -15.06 38.26 -22.62
C TRP B 91 -16.51 37.94 -22.90
N GLU B 92 -17.32 38.98 -23.00
CA GLU B 92 -18.70 38.86 -23.47
C GLU B 92 -18.66 38.58 -24.97
N PRO B 93 -19.81 38.23 -25.57
CA PRO B 93 -19.82 38.10 -27.02
C PRO B 93 -19.45 39.42 -27.73
N GLU B 94 -19.95 40.53 -27.21
CA GLU B 94 -19.61 41.86 -27.75
C GLU B 94 -18.09 42.11 -27.71
N ASP B 95 -17.46 41.65 -26.64
CA ASP B 95 -16.01 41.77 -26.52
C ASP B 95 -15.32 41.00 -27.62
N VAL B 96 -15.81 39.80 -27.89
CA VAL B 96 -15.29 38.99 -28.98
C VAL B 96 -15.55 39.69 -30.32
N CYS B 97 -16.70 40.31 -30.46
CA CYS B 97 -17.01 41.10 -31.66
C CYS B 97 -16.00 42.23 -31.84
N SER B 98 -15.69 42.91 -30.74
CA SER B 98 -14.71 43.99 -30.79
C SER B 98 -13.33 43.44 -31.14
N PHE B 99 -12.98 42.31 -30.52
CA PHE B 99 -11.74 41.61 -30.86
C PHE B 99 -11.66 41.25 -32.34
N LEU B 100 -12.75 40.73 -32.89
CA LEU B 100 -12.82 40.35 -34.28
C LEU B 100 -12.68 41.58 -35.18
N GLU B 101 -13.38 42.67 -34.80
CA GLU B 101 -13.28 43.91 -35.57
C GLU B 101 -11.88 44.48 -35.58
N ASN B 102 -11.32 44.68 -34.38
CA ASN B 102 -10.00 45.31 -34.26
C ASN B 102 -8.87 44.39 -34.71
N ARG B 103 -9.24 43.18 -35.12
CA ARG B 103 -8.29 42.25 -35.75
C ARG B 103 -8.50 42.17 -37.26
N GLY B 104 -9.48 42.91 -37.77
CA GLY B 104 -9.71 42.99 -39.22
C GLY B 104 -11.02 42.50 -39.78
N PHE B 105 -11.79 41.73 -39.00
CA PHE B 105 -13.13 41.30 -39.49
C PHE B 105 -14.18 42.33 -39.09
N ARG B 106 -14.45 43.27 -39.98
CA ARG B 106 -15.32 44.41 -39.65
C ARG B 106 -16.70 44.33 -40.30
N GLU B 107 -17.01 43.18 -40.90
CA GLU B 107 -18.25 42.98 -41.63
C GLU B 107 -19.38 42.55 -40.70
N LYS B 108 -20.43 43.35 -40.67
CA LYS B 108 -21.48 43.24 -39.65
C LYS B 108 -22.16 41.86 -39.57
N LYS B 109 -22.25 41.20 -40.71
CA LYS B 109 -22.88 39.88 -40.78
C LYS B 109 -22.12 38.87 -39.92
N VAL B 110 -20.80 38.82 -40.12
CA VAL B 110 -19.93 37.94 -39.33
C VAL B 110 -19.95 38.29 -37.84
N LEU B 111 -20.07 39.58 -37.53
CA LEU B 111 -20.19 40.01 -36.14
C LEU B 111 -21.54 39.55 -35.56
N ASP B 112 -22.55 39.61 -36.41
CA ASP B 112 -23.89 39.18 -36.04
C ASP B 112 -23.94 37.69 -35.78
N ILE B 113 -23.21 36.91 -36.61
CA ILE B 113 -23.02 35.48 -36.31
C ILE B 113 -22.63 35.29 -34.86
N PHE B 114 -21.60 36.03 -34.44
CA PHE B 114 -21.03 35.88 -33.11
C PHE B 114 -21.95 36.38 -32.01
N ARG B 115 -22.58 37.54 -32.22
CA ARG B 115 -23.52 38.01 -31.22
C ARG B 115 -24.71 37.04 -31.05
N ASP B 116 -25.24 36.58 -32.19
CA ASP B 116 -26.43 35.70 -32.17
C ASP B 116 -26.22 34.37 -31.47
N ASN B 117 -25.09 33.71 -31.75
CA ASN B 117 -24.82 32.40 -31.17
C ASN B 117 -24.14 32.49 -29.80
N LYS B 118 -24.01 33.73 -29.30
CA LYS B 118 -23.44 33.99 -27.98
C LYS B 118 -22.09 33.32 -27.81
N ILE B 119 -21.23 33.47 -28.81
CA ILE B 119 -19.90 32.89 -28.75
C ILE B 119 -19.01 33.74 -27.85
N ALA B 120 -19.14 33.55 -26.54
CA ALA B 120 -18.27 34.22 -25.59
C ALA B 120 -16.83 33.79 -25.82
N GLY B 121 -15.89 34.53 -25.23
CA GLY B 121 -14.47 34.30 -25.45
C GLY B 121 -14.02 32.89 -25.18
N SER B 122 -14.55 32.29 -24.14
CA SER B 122 -14.12 30.97 -23.68
C SER B 122 -14.19 29.91 -24.79
N PHE B 123 -15.07 30.10 -25.77
CA PHE B 123 -15.21 29.15 -26.86
C PHE B 123 -14.11 29.28 -27.93
N LEU B 124 -13.53 30.48 -28.03
CA LEU B 124 -12.67 30.81 -29.18
C LEU B 124 -11.59 29.80 -29.49
N PRO B 125 -10.83 29.36 -28.48
CA PRO B 125 -9.76 28.40 -28.77
C PRO B 125 -10.22 27.00 -29.13
N PHE B 126 -11.55 26.78 -29.21
CA PHE B 126 -12.11 25.47 -29.52
C PHE B 126 -12.82 25.46 -30.88
N LEU B 127 -12.71 26.55 -31.61
CA LEU B 127 -13.31 26.66 -32.94
C LEU B 127 -12.48 25.98 -34.04
N ASP B 128 -13.13 25.49 -35.07
CA ASP B 128 -12.48 24.74 -36.16
C ASP B 128 -12.63 25.50 -37.47
N GLU B 129 -11.86 25.11 -38.49
CA GLU B 129 -12.09 25.59 -39.84
C GLU B 129 -13.48 25.19 -40.28
N ASP B 130 -13.80 23.93 -40.03
CA ASP B 130 -15.09 23.37 -40.43
C ASP B 130 -16.20 23.97 -39.58
N ARG B 131 -15.86 24.26 -38.33
CA ARG B 131 -16.84 24.89 -37.44
C ARG B 131 -17.18 26.28 -37.89
N LEU B 132 -16.14 27.04 -38.21
CA LEU B 132 -16.35 28.41 -38.66
C LEU B 132 -17.07 28.38 -39.99
N GLU B 133 -16.77 27.35 -40.81
CA GLU B 133 -17.60 27.13 -42.00
C GLU B 133 -19.07 26.91 -41.62
N ASP B 134 -19.32 26.02 -40.67
CA ASP B 134 -20.68 25.66 -40.26
C ASP B 134 -21.45 26.81 -39.61
N LEU B 135 -20.77 27.62 -38.81
CA LEU B 135 -21.39 28.78 -38.16
C LEU B 135 -21.88 29.73 -39.26
N GLY B 136 -21.14 29.74 -40.36
CA GLY B 136 -21.53 30.47 -41.55
C GLY B 136 -20.56 31.54 -41.95
N VAL B 137 -19.30 31.17 -42.10
CA VAL B 137 -18.34 31.97 -42.84
C VAL B 137 -17.80 31.05 -43.94
N SER B 138 -18.15 31.34 -45.19
CA SER B 138 -17.86 30.40 -46.30
C SER B 138 -16.58 30.77 -47.04
N SER B 139 -15.80 31.66 -46.43
CA SER B 139 -14.57 32.18 -47.01
C SER B 139 -13.39 31.31 -46.58
N LEU B 140 -13.01 30.41 -47.48
CA LEU B 140 -12.00 29.38 -47.27
C LEU B 140 -10.76 29.84 -46.54
N GLU B 141 -10.33 31.08 -46.79
CA GLU B 141 -9.13 31.61 -46.14
C GLU B 141 -9.48 32.48 -44.93
N GLU B 142 -10.65 33.10 -44.93
CA GLU B 142 -11.12 33.87 -43.76
C GLU B 142 -11.08 33.03 -42.50
N ARG B 143 -11.52 31.79 -42.66
CA ARG B 143 -11.56 30.84 -41.57
C ARG B 143 -10.16 30.61 -41.03
N LYS B 144 -9.23 30.41 -41.94
CA LYS B 144 -7.83 30.17 -41.59
C LYS B 144 -7.28 31.32 -40.75
N LYS B 145 -7.42 32.54 -41.26
CA LYS B 145 -6.92 33.68 -40.52
C LYS B 145 -7.71 33.94 -39.24
N MET B 146 -9.00 33.67 -39.23
CA MET B 146 -9.80 33.76 -37.99
C MET B 146 -9.13 32.89 -36.94
N ILE B 147 -8.91 31.63 -37.30
CA ILE B 147 -8.25 30.70 -36.40
C ILE B 147 -6.85 31.18 -36.04
N GLU B 148 -6.13 31.74 -37.02
CA GLU B 148 -4.82 32.33 -36.76
C GLU B 148 -4.93 33.39 -35.66
N CYS B 149 -5.86 34.32 -35.80
CA CYS B 149 -6.11 35.36 -34.82
C CYS B 149 -6.35 34.72 -33.47
N ILE B 150 -7.19 33.69 -33.45
CA ILE B 150 -7.43 32.97 -32.20
C ILE B 150 -6.15 32.32 -31.66
N GLN B 151 -5.28 31.83 -32.55
CA GLN B 151 -4.02 31.22 -32.12
C GLN B 151 -3.03 32.26 -31.58
N GLN B 152 -3.01 33.44 -32.18
CA GLN B 152 -2.18 34.55 -31.73
C GLN B 152 -2.42 34.87 -30.25
N LEU B 153 -3.62 34.59 -29.76
CA LEU B 153 -4.01 34.96 -28.41
C LEU B 153 -3.22 34.25 -27.32
N SER B 154 -3.14 34.88 -26.16
CA SER B 154 -2.44 34.33 -25.00
C SER B 154 -2.88 32.92 -24.66
N GLN B 155 -4.18 32.75 -24.41
CA GLN B 155 -4.72 31.50 -23.88
C GLN B 155 -5.09 30.50 -24.96
N SER B 156 -4.60 29.28 -24.80
CA SER B 156 -4.85 28.18 -25.74
C SER B 156 -5.83 27.17 -25.15
N ARG B 157 -6.02 26.06 -25.86
CA ARG B 157 -6.93 25.00 -25.44
C ARG B 157 -6.61 24.49 -24.04
N ILE B 158 -5.37 24.06 -23.85
CA ILE B 158 -4.93 23.46 -22.58
C ILE B 158 -4.93 24.48 -21.46
N ASP B 159 -5.01 25.76 -21.82
CA ASP B 159 -5.06 26.83 -20.83
C ASP B 159 -6.46 27.03 -20.23
N LEU B 160 -7.45 26.33 -20.76
CA LEU B 160 -8.83 26.47 -20.28
C LEU B 160 -9.44 25.14 -19.80
N MET B 161 -8.62 24.10 -19.76
CA MET B 161 -9.05 22.81 -19.21
C MET B 161 -9.17 22.96 -17.69
N LYS B 162 -9.86 22.03 -17.04
CA LYS B 162 -9.82 21.99 -15.57
C LYS B 162 -9.21 20.72 -15.00
N VAL B 163 -8.37 20.88 -13.98
CA VAL B 163 -7.70 19.75 -13.32
C VAL B 163 -8.32 19.37 -11.99
N PHE B 164 -8.91 18.20 -11.90
CA PHE B 164 -9.32 17.58 -10.64
C PHE B 164 -8.18 16.74 -10.06
N ASN B 165 -8.03 16.74 -8.74
CA ASN B 165 -7.23 15.71 -8.08
C ASN B 165 -8.08 14.61 -7.47
N ASP B 166 -8.10 13.45 -8.11
CA ASP B 166 -8.78 12.25 -7.64
C ASP B 166 -7.80 11.27 -6.96
N PRO B 167 -8.22 10.68 -5.83
CA PRO B 167 -7.34 9.72 -5.15
C PRO B 167 -7.13 8.41 -5.88
N ILE B 168 -8.02 8.09 -6.82
CA ILE B 168 -7.93 6.84 -7.59
C ILE B 168 -7.10 7.05 -8.82
N HIS B 169 -7.23 8.22 -9.44
CA HIS B 169 -6.65 8.49 -10.77
C HIS B 169 -5.60 9.58 -10.76
N GLY B 170 -5.35 10.17 -9.61
CA GLY B 170 -4.44 11.30 -9.52
C GLY B 170 -5.09 12.50 -10.19
N HIS B 171 -4.29 13.27 -10.94
CA HIS B 171 -4.80 14.49 -11.56
C HIS B 171 -5.64 14.17 -12.78
N ILE B 172 -6.64 15.00 -13.07
CA ILE B 172 -7.63 14.72 -14.11
C ILE B 172 -7.99 15.98 -14.87
N GLU B 173 -7.60 16.03 -16.15
CA GLU B 173 -7.97 17.13 -17.02
C GLU B 173 -9.37 16.92 -17.60
N PHE B 174 -10.16 17.97 -17.63
CA PHE B 174 -11.44 17.97 -18.32
C PHE B 174 -11.60 19.18 -19.25
N HIS B 175 -11.98 18.89 -20.48
CA HIS B 175 -12.48 19.88 -21.43
C HIS B 175 -13.67 20.66 -20.83
N PRO B 176 -13.68 22.00 -21.00
CA PRO B 176 -14.68 22.84 -20.31
C PRO B 176 -16.16 22.43 -20.46
N LEU B 177 -16.53 21.91 -21.63
CA LEU B 177 -17.88 21.40 -21.85
C LEU B 177 -18.27 20.37 -20.78
N LEU B 178 -17.34 19.45 -20.51
CA LEU B 178 -17.54 18.44 -19.46
C LEU B 178 -17.84 19.10 -18.14
N ILE B 179 -17.10 20.16 -17.82
CA ILE B 179 -17.35 20.92 -16.59
C ILE B 179 -18.73 21.55 -16.61
N ARG B 180 -19.09 22.14 -17.74
CA ARG B 180 -20.44 22.72 -17.87
C ARG B 180 -21.54 21.69 -17.65
N ILE B 181 -21.32 20.49 -18.17
CA ILE B 181 -22.26 19.39 -17.88
C ILE B 181 -22.24 19.06 -16.39
N ILE B 182 -21.04 18.90 -15.84
CA ILE B 182 -20.86 18.58 -14.42
C ILE B 182 -21.54 19.62 -13.53
N ASP B 183 -21.38 20.90 -13.88
CA ASP B 183 -21.86 21.99 -13.06
C ASP B 183 -23.33 22.30 -13.31
N THR B 184 -24.19 21.31 -13.10
CA THR B 184 -25.64 21.50 -13.20
C THR B 184 -26.32 20.82 -12.03
N PRO B 185 -27.50 21.34 -11.61
CA PRO B 185 -28.30 20.65 -10.59
C PRO B 185 -28.44 19.15 -10.93
N GLN B 186 -28.76 18.88 -12.19
CA GLN B 186 -28.99 17.55 -12.69
C GLN B 186 -27.85 16.60 -12.36
N PHE B 187 -26.62 17.11 -12.49
CA PHE B 187 -25.42 16.30 -12.28
C PHE B 187 -24.98 16.36 -10.82
N GLN B 188 -24.97 17.56 -10.27
CA GLN B 188 -24.56 17.79 -8.89
C GLN B 188 -25.37 16.94 -7.92
N ARG B 189 -26.64 16.68 -8.28
CA ARG B 189 -27.46 15.74 -7.51
C ARG B 189 -26.77 14.41 -7.19
N LEU B 190 -25.81 14.00 -8.03
CA LEU B 190 -25.11 12.72 -7.79
C LEU B 190 -24.19 12.77 -6.57
N ARG B 191 -24.03 13.96 -5.99
CA ARG B 191 -23.22 14.08 -4.77
C ARG B 191 -23.96 13.48 -3.56
N TYR B 192 -25.26 13.26 -3.74
CA TYR B 192 -26.14 12.90 -2.64
C TYR B 192 -26.72 11.51 -2.82
N ILE B 193 -25.97 10.65 -3.51
CA ILE B 193 -26.33 9.25 -3.70
C ILE B 193 -25.12 8.37 -3.43
N LYS B 194 -25.14 7.66 -2.32
CA LYS B 194 -24.06 6.74 -1.96
C LYS B 194 -23.93 5.67 -3.01
N GLN B 195 -22.68 5.42 -3.44
CA GLN B 195 -22.45 4.42 -4.49
C GLN B 195 -23.00 3.07 -4.10
N LEU B 196 -22.61 2.59 -2.91
CA LEU B 196 -22.97 1.26 -2.46
C LEU B 196 -24.27 1.21 -1.65
N GLY B 197 -25.01 2.32 -1.65
CA GLY B 197 -26.29 2.38 -0.97
C GLY B 197 -26.22 1.98 0.49
N GLY B 198 -26.83 0.84 0.80
CA GLY B 198 -26.84 0.31 2.17
C GLY B 198 -25.44 -0.07 2.64
N GLY B 199 -24.58 -0.35 1.68
CA GLY B 199 -23.16 -0.59 1.90
C GLY B 199 -22.55 0.28 3.00
N TYR B 200 -22.80 1.59 2.94
CA TYR B 200 -22.23 2.55 3.87
C TYR B 200 -22.53 2.19 5.32
N TYR B 201 -23.65 1.49 5.55
CA TYR B 201 -24.07 1.12 6.89
C TYR B 201 -23.44 -0.20 7.33
N VAL B 202 -22.63 -0.78 6.48
CA VAL B 202 -21.91 -2.02 6.77
C VAL B 202 -20.42 -1.73 6.69
N PHE B 203 -20.02 -1.01 5.65
CA PHE B 203 -18.63 -0.61 5.46
C PHE B 203 -18.51 0.89 5.64
N PRO B 204 -18.04 1.32 6.83
CA PRO B 204 -17.99 2.76 7.11
C PRO B 204 -17.03 3.53 6.20
N GLY B 205 -16.14 2.78 5.52
CA GLY B 205 -15.27 3.38 4.52
C GLY B 205 -16.00 3.80 3.29
N ALA B 206 -17.14 3.14 3.02
CA ALA B 206 -17.83 3.31 1.74
C ALA B 206 -18.75 4.50 1.75
N SER B 207 -18.16 5.69 1.84
CA SER B 207 -18.90 6.93 1.92
C SER B 207 -19.02 7.61 0.56
N HIS B 208 -18.36 7.04 -0.44
CA HIS B 208 -18.27 7.64 -1.77
C HIS B 208 -19.58 7.60 -2.52
N ASN B 209 -19.82 8.65 -3.31
CA ASN B 209 -21.07 8.83 -4.03
C ASN B 209 -20.87 8.68 -5.54
N ARG B 210 -21.97 8.62 -6.28
CA ARG B 210 -21.94 8.44 -7.73
C ARG B 210 -21.17 9.55 -8.48
N PHE B 211 -21.22 10.76 -7.94
CA PHE B 211 -20.58 11.92 -8.54
C PHE B 211 -19.12 11.69 -8.95
N GLU B 212 -18.29 11.37 -7.97
CA GLU B 212 -16.85 11.22 -8.21
C GLU B 212 -16.54 10.01 -9.09
N HIS B 213 -17.35 8.97 -8.93
CA HIS B 213 -17.23 7.79 -9.74
C HIS B 213 -17.54 8.14 -11.21
N SER B 214 -18.55 8.95 -11.42
CA SER B 214 -18.92 9.42 -12.73
C SER B 214 -17.78 10.22 -13.35
N LEU B 215 -17.24 11.15 -12.58
CA LEU B 215 -16.03 11.87 -13.02
C LEU B 215 -14.96 10.89 -13.48
N GLY B 216 -14.64 9.93 -12.62
CA GLY B 216 -13.65 8.91 -12.96
C GLY B 216 -13.94 8.20 -14.27
N VAL B 217 -15.18 7.73 -14.43
CA VAL B 217 -15.55 7.02 -15.66
C VAL B 217 -15.37 7.92 -16.89
N GLY B 218 -15.83 9.16 -16.80
CA GLY B 218 -15.61 10.12 -17.87
C GLY B 218 -14.14 10.19 -18.25
N TYR B 219 -13.32 10.38 -17.24
CA TYR B 219 -11.88 10.46 -17.44
C TYR B 219 -11.31 9.23 -18.14
N LEU B 220 -11.61 8.04 -17.60
CA LEU B 220 -11.10 6.81 -18.22
C LEU B 220 -11.55 6.64 -19.67
N ALA B 221 -12.85 6.91 -19.90
CA ALA B 221 -13.37 6.89 -21.26
C ALA B 221 -12.48 7.75 -22.17
N GLY B 222 -12.25 8.99 -21.74
CA GLY B 222 -11.34 9.88 -22.44
C GLY B 222 -9.98 9.25 -22.71
N CYS B 223 -9.41 8.64 -21.68
CA CYS B 223 -8.09 8.00 -21.83
C CYS B 223 -8.07 6.94 -22.92
N LEU B 224 -8.98 5.98 -22.82
CA LEU B 224 -9.00 4.87 -23.77
C LEU B 224 -9.23 5.36 -25.21
N VAL B 225 -10.22 6.24 -25.38
CA VAL B 225 -10.51 6.75 -26.72
C VAL B 225 -9.31 7.52 -27.30
N ARG B 226 -8.66 8.35 -26.47
CA ARG B 226 -7.44 9.01 -26.92
C ARG B 226 -6.39 8.02 -27.39
N ALA B 227 -6.09 7.04 -26.53
CA ALA B 227 -5.05 6.06 -26.83
C ALA B 227 -5.30 5.38 -28.18
N LEU B 228 -6.52 4.88 -28.35
CA LEU B 228 -6.86 4.24 -29.61
C LEU B 228 -6.80 5.23 -30.78
N ALA B 229 -7.24 6.47 -30.53
CA ALA B 229 -7.17 7.50 -31.58
C ALA B 229 -5.75 7.68 -32.10
N GLU B 230 -4.81 7.93 -31.20
CA GLU B 230 -3.43 8.15 -31.66
C GLU B 230 -2.74 6.89 -32.18
N LYS B 231 -2.87 5.77 -31.47
CA LYS B 231 -2.20 4.54 -31.93
C LYS B 231 -2.60 4.08 -33.33
N GLN B 232 -3.84 4.38 -33.71
CA GLN B 232 -4.36 4.02 -35.03
C GLN B 232 -5.08 5.22 -35.64
N PRO B 233 -4.34 6.12 -36.30
CA PRO B 233 -4.94 7.32 -36.86
C PRO B 233 -5.88 7.01 -38.02
N GLU B 234 -5.73 5.82 -38.61
CA GLU B 234 -6.57 5.41 -39.72
C GLU B 234 -8.04 5.30 -39.30
N LEU B 235 -8.26 5.14 -38.00
CA LEU B 235 -9.59 4.96 -37.44
C LEU B 235 -10.48 6.18 -37.61
N GLN B 236 -9.89 7.33 -37.95
CA GLN B 236 -10.65 8.57 -38.20
C GLN B 236 -11.40 9.01 -36.94
N ILE B 237 -10.79 8.80 -35.77
CA ILE B 237 -11.42 9.21 -34.52
C ILE B 237 -11.16 10.70 -34.28
N SER B 238 -12.22 11.48 -34.21
CA SER B 238 -12.13 12.94 -34.12
C SER B 238 -12.26 13.42 -32.68
N GLU B 239 -11.99 14.71 -32.48
CA GLU B 239 -12.22 15.38 -31.21
C GLU B 239 -13.67 15.19 -30.76
N ARG B 240 -14.58 15.38 -31.73
CA ARG B 240 -16.00 15.23 -31.53
C ARG B 240 -16.33 13.89 -30.87
N ASP B 241 -15.84 12.82 -31.49
CA ASP B 241 -16.04 11.46 -31.00
C ASP B 241 -15.55 11.33 -29.56
N ILE B 242 -14.34 11.83 -29.33
CA ILE B 242 -13.70 11.74 -28.01
C ILE B 242 -14.56 12.42 -26.95
N LEU B 243 -15.01 13.65 -27.24
CA LEU B 243 -15.88 14.32 -26.28
C LEU B 243 -17.18 13.59 -26.06
N CYS B 244 -17.80 13.11 -27.15
CA CYS B 244 -19.05 12.35 -26.98
C CYS B 244 -18.84 11.12 -26.08
N VAL B 245 -17.70 10.44 -26.28
CA VAL B 245 -17.40 9.26 -25.44
C VAL B 245 -17.20 9.69 -23.99
N GLN B 246 -16.44 10.78 -23.78
CA GLN B 246 -16.26 11.29 -22.42
C GLN B 246 -17.58 11.69 -21.75
N ILE B 247 -18.47 12.34 -22.50
CA ILE B 247 -19.75 12.77 -21.96
C ILE B 247 -20.59 11.55 -21.58
N ALA B 248 -20.62 10.56 -22.48
CA ALA B 248 -21.28 9.30 -22.19
C ALA B 248 -20.70 8.72 -20.91
N GLY B 249 -19.37 8.76 -20.81
CA GLY B 249 -18.68 8.39 -19.57
C GLY B 249 -19.25 9.07 -18.34
N LEU B 250 -19.17 10.41 -18.33
CA LEU B 250 -19.71 11.21 -17.21
C LEU B 250 -21.14 10.83 -16.85
N CYS B 251 -21.97 10.68 -17.87
CA CYS B 251 -23.42 10.61 -17.64
C CYS B 251 -24.05 9.22 -17.60
N HIS B 252 -23.23 8.17 -17.50
CA HIS B 252 -23.77 6.80 -17.49
C HIS B 252 -24.59 6.52 -16.24
N ASP B 253 -24.29 7.23 -15.14
CA ASP B 253 -24.99 7.04 -13.87
C ASP B 253 -25.86 8.22 -13.47
N LEU B 254 -26.08 9.15 -14.40
CA LEU B 254 -26.94 10.33 -14.16
C LEU B 254 -28.29 9.98 -13.57
N GLY B 255 -28.79 8.80 -13.92
CA GLY B 255 -30.16 8.42 -13.59
C GLY B 255 -30.33 7.40 -12.47
N HIS B 256 -29.38 7.32 -11.56
CA HIS B 256 -29.55 6.50 -10.36
C HIS B 256 -30.44 7.21 -9.37
N GLY B 257 -31.25 6.44 -8.64
CA GLY B 257 -32.12 6.99 -7.61
C GLY B 257 -31.42 6.92 -6.26
N PRO B 258 -32.15 7.28 -5.18
CA PRO B 258 -31.60 7.17 -3.83
C PRO B 258 -31.05 5.77 -3.51
N PHE B 259 -29.83 5.74 -3.00
CA PHE B 259 -29.17 4.48 -2.62
C PHE B 259 -28.93 3.60 -3.83
N SER B 260 -28.74 4.25 -4.99
CA SER B 260 -28.21 3.59 -6.18
C SER B 260 -29.04 2.40 -6.67
N HIS B 261 -28.51 1.18 -6.51
CA HIS B 261 -29.12 0.00 -7.11
C HIS B 261 -30.38 -0.48 -6.39
N MET B 262 -30.47 -0.12 -5.11
CA MET B 262 -31.66 -0.43 -4.33
C MET B 262 -32.89 0.14 -5.02
N PHE B 263 -32.79 1.40 -5.45
CA PHE B 263 -33.91 2.10 -6.02
C PHE B 263 -34.45 1.42 -7.27
N ASP B 264 -33.57 1.21 -8.24
CA ASP B 264 -33.97 0.63 -9.54
C ASP B 264 -34.06 -0.89 -9.50
N GLY B 265 -33.49 -1.50 -8.48
CA GLY B 265 -33.41 -2.95 -8.39
C GLY B 265 -34.33 -3.59 -7.40
N ARG B 266 -34.76 -2.87 -6.39
CA ARG B 266 -35.63 -3.39 -5.32
C ARG B 266 -36.94 -2.62 -5.20
N PHE B 267 -36.86 -1.29 -5.15
CA PHE B 267 -38.01 -0.46 -4.84
C PHE B 267 -39.02 -0.28 -6.00
N ILE B 268 -38.53 0.27 -7.11
CA ILE B 268 -39.39 0.52 -8.28
C ILE B 268 -40.03 -0.76 -8.82
N PRO B 269 -39.23 -1.84 -8.96
CA PRO B 269 -39.82 -3.08 -9.44
C PRO B 269 -40.94 -3.57 -8.54
N ARG B 270 -40.80 -3.29 -7.25
CA ARG B 270 -41.77 -3.72 -6.25
C ARG B 270 -42.98 -2.79 -6.20
N ALA B 271 -42.75 -1.52 -6.49
CA ALA B 271 -43.78 -0.50 -6.40
C ALA B 271 -44.46 -0.27 -7.75
N ARG B 272 -43.75 -0.59 -8.83
CA ARG B 272 -44.27 -0.40 -10.19
C ARG B 272 -43.91 -1.62 -11.03
N PRO B 273 -44.45 -2.81 -10.69
CA PRO B 273 -44.05 -4.06 -11.32
C PRO B 273 -44.27 -4.07 -12.82
N GLU B 274 -45.28 -3.32 -13.27
CA GLU B 274 -45.58 -3.21 -14.68
C GLU B 274 -44.41 -2.56 -15.41
N LYS B 275 -43.87 -1.52 -14.78
CA LYS B 275 -42.94 -0.65 -15.47
C LYS B 275 -41.58 -1.29 -15.40
N LYS B 276 -40.91 -1.35 -16.55
CA LYS B 276 -39.50 -1.70 -16.56
C LYS B 276 -38.74 -0.40 -16.59
N TRP B 277 -37.85 -0.28 -15.62
CA TRP B 277 -37.12 0.94 -15.39
C TRP B 277 -35.70 0.54 -15.09
N LYS B 278 -34.80 1.21 -15.76
CA LYS B 278 -33.39 0.93 -15.67
C LYS B 278 -32.78 2.28 -15.35
N HIS B 279 -31.76 2.30 -14.51
CA HIS B 279 -31.15 3.57 -14.14
C HIS B 279 -30.59 4.26 -15.38
N GLU B 280 -30.29 3.46 -16.41
CA GLU B 280 -29.88 3.99 -17.71
C GLU B 280 -30.99 4.80 -18.36
N GLN B 281 -32.22 4.29 -18.31
CA GLN B 281 -33.38 5.01 -18.82
C GLN B 281 -33.40 6.41 -18.24
N GLY B 282 -33.28 6.46 -16.91
CA GLY B 282 -33.21 7.71 -16.19
C GLY B 282 -32.00 8.52 -16.61
N SER B 283 -30.89 7.85 -16.86
CA SER B 283 -29.67 8.51 -17.29
C SER B 283 -29.89 9.28 -18.59
N ILE B 284 -30.39 8.59 -19.61
CA ILE B 284 -30.61 9.24 -20.90
C ILE B 284 -31.66 10.34 -20.79
N GLU B 285 -32.75 10.05 -20.07
CA GLU B 285 -33.79 11.05 -19.87
C GLU B 285 -33.25 12.29 -19.17
N MET B 286 -32.42 12.08 -18.16
CA MET B 286 -31.89 13.16 -17.36
C MET B 286 -30.84 13.94 -18.12
N PHE B 287 -30.06 13.25 -18.96
CA PHE B 287 -29.12 13.96 -19.83
C PHE B 287 -29.87 14.88 -20.78
N GLU B 288 -30.91 14.33 -21.43
CA GLU B 288 -31.78 15.14 -22.27
C GLU B 288 -32.32 16.34 -21.49
N HIS B 289 -32.77 16.09 -20.26
CA HIS B 289 -33.19 17.19 -19.39
C HIS B 289 -32.04 18.14 -19.06
N LEU B 290 -30.84 17.59 -18.88
CA LEU B 290 -29.71 18.38 -18.42
C LEU B 290 -29.35 19.42 -19.46
N VAL B 291 -29.15 18.96 -20.69
CA VAL B 291 -28.73 19.87 -21.76
C VAL B 291 -29.80 20.94 -22.04
N ASN B 292 -31.06 20.61 -21.82
CA ASN B 292 -32.17 21.51 -22.14
C ASN B 292 -32.49 22.52 -21.03
N SER B 293 -32.45 22.07 -19.77
CA SER B 293 -32.70 22.99 -18.66
C SER B 293 -31.66 24.09 -18.60
N ASN B 294 -30.45 23.76 -19.03
CA ASN B 294 -29.30 24.64 -18.92
C ASN B 294 -28.91 25.22 -20.27
N GLU B 295 -29.73 24.90 -21.28
CA GLU B 295 -29.56 25.42 -22.63
C GLU B 295 -28.16 25.16 -23.18
N LEU B 296 -27.64 23.98 -22.92
CA LEU B 296 -26.32 23.58 -23.39
C LEU B 296 -26.31 23.09 -24.83
N LYS B 297 -27.44 23.13 -25.52
CA LYS B 297 -27.50 22.77 -26.93
C LYS B 297 -26.63 23.78 -27.69
N LEU B 298 -26.89 25.05 -27.42
CA LEU B 298 -26.16 26.16 -28.02
C LEU B 298 -24.69 26.08 -27.64
N VAL B 299 -24.42 25.81 -26.37
CA VAL B 299 -23.06 25.67 -25.87
C VAL B 299 -22.34 24.50 -26.54
N MET B 300 -23.02 23.36 -26.67
CA MET B 300 -22.49 22.20 -27.36
C MET B 300 -22.11 22.56 -28.80
N LYS B 301 -23.01 23.28 -29.48
CA LYS B 301 -22.69 23.74 -30.83
C LYS B 301 -21.44 24.61 -30.82
N ASN B 302 -21.41 25.59 -29.91
CA ASN B 302 -20.22 26.46 -29.80
C ASN B 302 -18.90 25.71 -29.49
N TYR B 303 -18.99 24.53 -28.88
CA TYR B 303 -17.79 23.72 -28.56
C TYR B 303 -17.50 22.66 -29.62
N GLY B 304 -18.35 22.59 -30.63
CA GLY B 304 -18.09 21.73 -31.78
C GLY B 304 -18.83 20.45 -31.89
N LEU B 305 -19.87 20.31 -31.08
CA LEU B 305 -20.74 19.15 -31.22
C LEU B 305 -21.89 19.49 -32.15
N VAL B 306 -22.45 18.45 -32.76
CA VAL B 306 -23.64 18.59 -33.58
C VAL B 306 -24.76 17.91 -32.78
N PRO B 307 -25.54 18.71 -32.03
CA PRO B 307 -26.45 18.17 -31.01
C PRO B 307 -27.31 17.04 -31.53
N GLU B 308 -27.83 17.22 -32.74
CA GLU B 308 -28.72 16.30 -33.40
C GLU B 308 -28.15 14.88 -33.41
N GLU B 309 -26.96 14.74 -33.97
CA GLU B 309 -26.27 13.44 -34.05
C GLU B 309 -25.69 13.01 -32.69
N ASP B 310 -24.91 13.92 -32.12
CA ASP B 310 -24.07 13.58 -30.96
C ASP B 310 -24.86 13.28 -29.68
N ILE B 311 -26.02 13.93 -29.50
CA ILE B 311 -26.83 13.58 -28.33
C ILE B 311 -27.34 12.15 -28.48
N THR B 312 -27.74 11.80 -29.70
CA THR B 312 -28.19 10.44 -29.99
C THR B 312 -27.05 9.47 -29.74
N PHE B 313 -25.85 9.83 -30.19
CA PHE B 313 -24.67 9.00 -29.91
C PHE B 313 -24.48 8.79 -28.42
N ILE B 314 -24.40 9.90 -27.67
CA ILE B 314 -24.24 9.85 -26.21
C ILE B 314 -25.28 8.97 -25.57
N LYS B 315 -26.56 9.25 -25.87
CA LYS B 315 -27.66 8.42 -25.34
C LYS B 315 -27.46 6.95 -25.66
N GLU B 316 -27.18 6.67 -26.93
CA GLU B 316 -26.97 5.28 -27.38
C GLU B 316 -25.84 4.58 -26.63
N GLN B 317 -24.76 5.31 -26.36
CA GLN B 317 -23.66 4.71 -25.59
C GLN B 317 -24.10 4.24 -24.22
N ILE B 318 -24.93 5.03 -23.55
CA ILE B 318 -25.40 4.71 -22.21
C ILE B 318 -26.44 3.59 -22.27
N MET B 319 -27.46 3.79 -23.12
CA MET B 319 -28.54 2.80 -23.20
C MET B 319 -28.21 1.53 -23.98
N GLY B 320 -27.88 1.69 -25.25
CA GLY B 320 -27.80 0.56 -26.17
C GLY B 320 -28.66 0.81 -27.40
N PRO B 321 -28.81 -0.20 -28.29
CA PRO B 321 -29.44 -0.14 -29.61
C PRO B 321 -30.40 1.03 -29.83
N LEU B 330 -29.72 -4.68 -40.28
CA LEU B 330 -28.78 -3.60 -40.52
C LEU B 330 -28.20 -3.09 -39.20
N TRP B 331 -27.41 -2.02 -39.31
CA TRP B 331 -26.70 -1.43 -38.20
C TRP B 331 -27.71 -0.71 -37.30
N PRO B 332 -27.92 -1.23 -36.08
CA PRO B 332 -28.95 -0.66 -35.21
C PRO B 332 -28.72 0.79 -34.79
N TYR B 333 -27.51 1.15 -34.43
CA TYR B 333 -27.22 2.50 -33.94
C TYR B 333 -27.37 3.55 -35.03
N LYS B 334 -27.82 4.74 -34.64
CA LYS B 334 -27.95 5.87 -35.56
C LYS B 334 -26.87 6.93 -35.29
N GLY B 335 -26.40 6.98 -34.06
CA GLY B 335 -25.42 7.96 -33.64
C GLY B 335 -24.11 7.94 -34.40
N ARG B 336 -23.61 6.75 -34.72
CA ARG B 336 -22.39 6.62 -35.52
C ARG B 336 -22.50 5.44 -36.50
N PRO B 337 -21.89 5.55 -37.69
CA PRO B 337 -21.84 4.43 -38.65
C PRO B 337 -21.12 3.18 -38.11
N ALA B 338 -21.48 2.03 -38.66
CA ALA B 338 -20.88 0.74 -38.30
C ALA B 338 -19.36 0.74 -38.42
N THR B 339 -18.81 1.67 -39.21
CA THR B 339 -17.36 1.76 -39.38
C THR B 339 -16.70 2.21 -38.08
N LYS B 340 -17.47 2.94 -37.25
CA LYS B 340 -16.96 3.38 -35.95
C LYS B 340 -17.57 2.57 -34.80
N SER B 341 -17.71 1.27 -34.98
CA SER B 341 -18.47 0.43 -34.04
C SER B 341 -17.82 0.33 -32.65
N PHE B 342 -16.50 0.20 -32.64
CA PHE B 342 -15.74 0.01 -31.40
C PHE B 342 -16.04 1.05 -30.32
N LEU B 343 -16.39 2.26 -30.73
CA LEU B 343 -16.76 3.33 -29.80
C LEU B 343 -17.87 2.91 -28.85
N TYR B 344 -18.73 1.99 -29.29
CA TYR B 344 -19.83 1.54 -28.45
C TYR B 344 -19.40 0.50 -27.43
N GLU B 345 -18.15 0.05 -27.51
CA GLU B 345 -17.60 -0.89 -26.54
C GLU B 345 -16.86 -0.22 -25.37
N ILE B 346 -16.78 1.10 -25.38
CA ILE B 346 -15.98 1.81 -24.37
C ILE B 346 -16.70 2.00 -23.06
N VAL B 347 -17.75 2.80 -23.05
CA VAL B 347 -18.40 3.19 -21.79
C VAL B 347 -19.20 2.04 -21.20
N SER B 348 -20.16 1.54 -21.99
CA SER B 348 -20.93 0.35 -21.59
C SER B 348 -20.68 -0.78 -22.57
N ASN B 349 -20.05 -1.83 -22.06
CA ASN B 349 -19.83 -3.05 -22.83
C ASN B 349 -20.45 -4.20 -22.08
N LYS B 350 -21.76 -4.36 -22.27
CA LYS B 350 -22.53 -5.36 -21.58
C LYS B 350 -22.27 -6.75 -22.18
N ARG B 351 -21.65 -6.80 -23.36
CA ARG B 351 -21.30 -8.08 -23.98
C ARG B 351 -20.35 -8.93 -23.11
N ASN B 352 -19.13 -8.43 -22.87
CA ASN B 352 -18.11 -9.21 -22.17
C ASN B 352 -17.77 -8.65 -20.79
N GLY B 353 -18.45 -7.58 -20.41
CA GLY B 353 -18.20 -6.94 -19.12
C GLY B 353 -16.77 -6.46 -18.94
N ILE B 354 -16.27 -5.72 -19.91
CA ILE B 354 -14.95 -5.08 -19.83
C ILE B 354 -15.07 -3.65 -20.36
N ASP B 355 -15.34 -2.72 -19.45
CA ASP B 355 -15.54 -1.33 -19.80
C ASP B 355 -14.98 -0.42 -18.72
N VAL B 356 -14.98 0.87 -18.97
CA VAL B 356 -14.35 1.84 -18.07
C VAL B 356 -15.16 2.08 -16.79
N ASP B 357 -16.47 1.86 -16.88
CA ASP B 357 -17.33 1.93 -15.72
C ASP B 357 -16.85 0.96 -14.65
N LYS B 358 -16.73 -0.29 -15.07
CA LYS B 358 -16.24 -1.36 -14.20
C LYS B 358 -14.84 -1.08 -13.67
N TRP B 359 -13.99 -0.52 -14.53
CA TRP B 359 -12.63 -0.20 -14.14
C TRP B 359 -12.67 0.78 -12.97
N ASP B 360 -13.36 1.89 -13.19
CA ASP B 360 -13.42 2.92 -12.15
C ASP B 360 -14.02 2.39 -10.87
N TYR B 361 -15.23 1.81 -10.94
CA TYR B 361 -15.89 1.43 -9.69
C TYR B 361 -15.19 0.24 -9.01
N PHE B 362 -14.55 -0.61 -9.79
CA PHE B 362 -13.70 -1.64 -9.19
C PHE B 362 -12.63 -0.97 -8.36
N ALA B 363 -11.86 -0.08 -8.98
CA ALA B 363 -10.74 0.57 -8.29
C ALA B 363 -11.22 1.38 -7.07
N ARG B 364 -12.25 2.18 -7.27
CA ARG B 364 -12.79 3.04 -6.23
C ARG B 364 -13.39 2.25 -5.06
N ASP B 365 -14.22 1.26 -5.38
CA ASP B 365 -14.84 0.45 -4.33
C ASP B 365 -13.75 -0.31 -3.60
N CYS B 366 -12.75 -0.78 -4.34
CA CYS B 366 -11.60 -1.42 -3.70
C CYS B 366 -10.90 -0.43 -2.77
N HIS B 367 -10.75 0.80 -3.21
CA HIS B 367 -10.16 1.85 -2.37
C HIS B 367 -10.91 2.05 -1.07
N HIS B 368 -12.22 2.29 -1.16
CA HIS B 368 -12.98 2.63 0.05
C HIS B 368 -13.36 1.44 0.91
N LEU B 369 -13.48 0.24 0.32
CA LEU B 369 -13.80 -0.95 1.10
C LEU B 369 -12.61 -1.54 1.84
N GLY B 370 -11.42 -1.23 1.37
CA GLY B 370 -10.21 -1.82 1.94
C GLY B 370 -9.93 -3.14 1.29
N ILE B 371 -9.83 -3.13 -0.04
CA ILE B 371 -9.50 -4.32 -0.83
C ILE B 371 -8.44 -3.90 -1.83
N GLN B 372 -7.47 -4.78 -2.10
CA GLN B 372 -6.45 -4.44 -3.11
C GLN B 372 -6.82 -5.01 -4.48
N ASN B 373 -6.69 -4.18 -5.50
CA ASN B 373 -7.21 -4.44 -6.82
C ASN B 373 -6.12 -4.91 -7.78
N ASN B 374 -6.16 -6.20 -8.11
CA ASN B 374 -5.14 -6.84 -8.93
C ASN B 374 -5.03 -6.32 -10.36
N PHE B 375 -6.01 -5.54 -10.79
CA PHE B 375 -6.12 -5.14 -12.20
C PHE B 375 -5.61 -3.72 -12.46
N ASP B 376 -4.54 -3.62 -13.22
CA ASP B 376 -4.01 -2.34 -13.66
C ASP B 376 -4.56 -1.98 -15.02
N TYR B 377 -5.48 -1.02 -15.05
CA TYR B 377 -6.16 -0.61 -16.27
C TYR B 377 -5.25 0.16 -17.23
N LYS B 378 -4.26 0.85 -16.69
CA LYS B 378 -3.33 1.61 -17.53
C LYS B 378 -2.56 0.65 -18.44
N ARG B 379 -2.26 -0.53 -17.92
CA ARG B 379 -1.59 -1.58 -18.69
C ARG B 379 -2.49 -2.02 -19.82
N PHE B 380 -3.79 -2.06 -19.54
CA PHE B 380 -4.78 -2.46 -20.53
C PHE B 380 -4.88 -1.42 -21.63
N ILE B 381 -5.04 -0.16 -21.23
CA ILE B 381 -5.19 0.92 -22.21
C ILE B 381 -3.97 1.04 -23.10
N LYS B 382 -2.78 0.99 -22.53
CA LYS B 382 -1.57 1.07 -23.35
C LYS B 382 -1.50 -0.06 -24.38
N PHE B 383 -1.89 -1.27 -23.98
CA PHE B 383 -1.85 -2.45 -24.86
C PHE B 383 -3.18 -2.69 -25.58
N ALA B 384 -4.00 -1.65 -25.69
CA ALA B 384 -5.29 -1.75 -26.35
C ALA B 384 -5.22 -1.34 -27.80
N ARG B 385 -5.75 -2.19 -28.68
CA ARG B 385 -5.82 -1.90 -30.12
C ARG B 385 -7.14 -2.34 -30.70
N ILE B 386 -7.64 -1.59 -31.67
CA ILE B 386 -8.76 -2.04 -32.51
C ILE B 386 -8.23 -2.95 -33.61
N CYS B 387 -8.98 -4.01 -33.90
CA CYS B 387 -8.69 -4.86 -35.05
C CYS B 387 -9.91 -5.67 -35.41
N GLU B 388 -9.97 -6.13 -36.66
CA GLU B 388 -11.21 -6.64 -37.24
C GLU B 388 -11.52 -8.11 -36.97
N VAL B 389 -12.80 -8.40 -36.86
CA VAL B 389 -13.34 -9.73 -36.67
C VAL B 389 -14.33 -10.03 -37.78
N GLU B 390 -14.31 -11.28 -38.26
CA GLU B 390 -15.27 -11.75 -39.25
C GLU B 390 -15.98 -13.00 -38.76
N TYR B 391 -17.29 -12.91 -38.51
CA TYR B 391 -18.07 -14.10 -38.16
C TYR B 391 -19.21 -14.35 -39.12
N LYS B 392 -19.31 -15.59 -39.60
CA LYS B 392 -20.31 -16.00 -40.57
C LYS B 392 -21.62 -16.44 -39.92
N VAL B 393 -22.71 -15.74 -40.24
CA VAL B 393 -24.04 -16.13 -39.79
C VAL B 393 -24.98 -16.26 -41.00
N TYR B 399 -23.67 -15.03 -46.12
CA TYR B 399 -23.68 -13.89 -45.24
C TYR B 399 -22.59 -13.98 -44.16
N ILE B 400 -21.55 -13.15 -44.30
CA ILE B 400 -20.49 -13.02 -43.28
C ILE B 400 -20.47 -11.59 -42.71
N ARG B 401 -20.38 -11.49 -41.38
CA ARG B 401 -20.34 -10.20 -40.71
C ARG B 401 -18.89 -9.80 -40.41
N LYS B 402 -18.58 -8.51 -40.64
CA LYS B 402 -17.22 -7.95 -40.39
C LYS B 402 -17.29 -6.75 -39.47
N VAL B 403 -16.60 -6.80 -38.33
CA VAL B 403 -16.71 -5.74 -37.31
C VAL B 403 -15.40 -5.39 -36.60
N LYS B 404 -15.29 -4.13 -36.18
CA LYS B 404 -14.13 -3.63 -35.43
C LYS B 404 -14.38 -3.66 -33.92
N HIS B 405 -13.79 -4.63 -33.24
CA HIS B 405 -13.85 -4.71 -31.78
C HIS B 405 -12.59 -4.18 -31.12
N ILE B 406 -12.66 -3.89 -29.82
CA ILE B 406 -11.49 -3.50 -29.02
C ILE B 406 -10.78 -4.76 -28.54
N CYS B 407 -9.49 -4.81 -28.73
CA CYS B 407 -8.69 -5.99 -28.46
C CYS B 407 -7.42 -5.68 -27.69
N SER B 408 -6.92 -6.69 -26.99
CA SER B 408 -5.72 -6.57 -26.18
C SER B 408 -4.73 -7.66 -26.55
N ARG B 409 -3.43 -7.36 -26.41
CA ARG B 409 -2.37 -8.32 -26.72
C ARG B 409 -2.61 -9.63 -25.96
N GLU B 410 -2.46 -10.74 -26.67
CA GLU B 410 -2.81 -12.06 -26.16
C GLU B 410 -2.19 -12.40 -24.79
N LYS B 411 -0.96 -11.94 -24.59
CA LYS B 411 -0.27 -12.17 -23.32
C LYS B 411 -0.69 -11.26 -22.17
N GLU B 412 -1.63 -10.34 -22.43
CA GLU B 412 -2.27 -9.59 -21.37
C GLU B 412 -3.53 -10.30 -20.92
N VAL B 413 -3.51 -11.63 -21.01
CA VAL B 413 -4.59 -12.48 -20.54
C VAL B 413 -4.61 -12.56 -19.02
N GLY B 414 -3.41 -12.49 -18.44
CA GLY B 414 -3.27 -12.54 -16.99
C GLY B 414 -3.93 -11.33 -16.35
N ASN B 415 -3.82 -10.19 -17.02
CA ASN B 415 -4.44 -8.97 -16.55
C ASN B 415 -5.96 -9.12 -16.39
N LEU B 416 -6.60 -9.78 -17.34
CA LEU B 416 -8.03 -10.02 -17.25
C LEU B 416 -8.39 -10.98 -16.15
N TYR B 417 -7.57 -12.01 -15.93
CA TYR B 417 -7.80 -12.91 -14.80
C TYR B 417 -7.71 -12.15 -13.50
N ASP B 418 -6.82 -11.15 -13.44
CA ASP B 418 -6.74 -10.30 -12.26
C ASP B 418 -8.02 -9.49 -12.08
N MET B 419 -8.55 -8.96 -13.19
CA MET B 419 -9.79 -8.16 -13.14
C MET B 419 -10.95 -9.00 -12.62
N PHE B 420 -11.11 -10.18 -13.22
CA PHE B 420 -12.26 -11.02 -12.90
C PHE B 420 -12.17 -11.56 -11.47
N HIS B 421 -10.95 -11.73 -10.96
CA HIS B 421 -10.80 -12.05 -9.55
C HIS B 421 -11.35 -10.90 -8.69
N THR B 422 -10.91 -9.69 -8.99
CA THR B 422 -11.34 -8.50 -8.27
C THR B 422 -12.86 -8.38 -8.35
N ARG B 423 -13.41 -8.67 -9.52
CA ARG B 423 -14.83 -8.63 -9.74
C ARG B 423 -15.52 -9.62 -8.78
N ASN B 424 -15.00 -10.84 -8.70
CA ASN B 424 -15.53 -11.83 -7.78
C ASN B 424 -15.28 -11.43 -6.33
N CYS B 425 -14.08 -10.92 -6.07
CA CYS B 425 -13.70 -10.52 -4.73
C CYS B 425 -14.67 -9.47 -4.19
N LEU B 426 -15.01 -8.51 -5.05
CA LEU B 426 -15.96 -7.46 -4.68
C LEU B 426 -17.37 -8.00 -4.56
N HIS B 427 -17.79 -8.78 -5.55
CA HIS B 427 -19.13 -9.39 -5.53
C HIS B 427 -19.28 -10.26 -4.28
N ARG B 428 -18.29 -11.09 -3.98
CA ARG B 428 -18.33 -11.92 -2.79
C ARG B 428 -18.48 -11.12 -1.50
N ARG B 429 -17.47 -10.28 -1.24
CA ARG B 429 -17.32 -9.63 0.05
C ARG B 429 -18.28 -8.45 0.27
N ALA B 430 -18.55 -7.69 -0.79
CA ALA B 430 -19.22 -6.39 -0.62
C ALA B 430 -20.59 -6.28 -1.28
N TYR B 431 -20.68 -6.60 -2.57
CA TYR B 431 -21.90 -6.31 -3.32
C TYR B 431 -23.08 -7.13 -2.86
N GLN B 432 -22.92 -8.46 -2.84
CA GLN B 432 -24.00 -9.34 -2.42
C GLN B 432 -23.90 -9.66 -0.95
N HIS B 433 -23.42 -8.68 -0.18
CA HIS B 433 -23.26 -8.84 1.28
C HIS B 433 -24.63 -8.98 1.94
N LYS B 434 -24.78 -10.02 2.75
CA LYS B 434 -26.07 -10.39 3.32
C LYS B 434 -26.73 -9.31 4.17
N ILE B 435 -25.93 -8.47 4.81
CA ILE B 435 -26.43 -7.37 5.64
C ILE B 435 -26.68 -6.11 4.82
N SER B 436 -25.73 -5.75 3.96
CA SER B 436 -25.91 -4.61 3.06
C SER B 436 -27.24 -4.71 2.35
N ASN B 437 -27.48 -5.88 1.77
CA ASN B 437 -28.74 -6.17 1.09
C ASN B 437 -29.92 -6.11 2.05
N LEU B 438 -29.71 -6.56 3.28
CA LEU B 438 -30.78 -6.49 4.29
C LEU B 438 -31.18 -5.01 4.49
N ILE B 439 -30.17 -4.16 4.63
CA ILE B 439 -30.41 -2.73 4.78
C ILE B 439 -31.08 -2.13 3.55
N ASP B 440 -30.59 -2.51 2.37
CA ASP B 440 -31.30 -2.09 1.13
C ASP B 440 -32.77 -2.51 1.16
N ILE B 441 -33.02 -3.73 1.62
CA ILE B 441 -34.36 -4.30 1.72
C ILE B 441 -35.19 -3.49 2.71
N MET B 442 -34.60 -3.15 3.85
CA MET B 442 -35.30 -2.36 4.85
C MET B 442 -35.62 -0.94 4.39
N ILE B 443 -34.65 -0.31 3.73
CA ILE B 443 -34.87 1.04 3.19
C ILE B 443 -35.97 0.97 2.15
N THR B 444 -35.89 -0.04 1.28
CA THR B 444 -36.97 -0.28 0.32
C THR B 444 -38.33 -0.40 1.01
N ASP B 445 -38.39 -1.26 2.02
CA ASP B 445 -39.63 -1.42 2.80
C ASP B 445 -40.15 -0.10 3.35
N ALA B 446 -39.25 0.66 3.96
CA ALA B 446 -39.61 1.99 4.48
C ALA B 446 -40.15 2.90 3.38
N PHE B 447 -39.43 2.93 2.26
CA PHE B 447 -39.86 3.73 1.13
C PHE B 447 -41.24 3.32 0.64
N LEU B 448 -41.45 2.02 0.52
CA LEU B 448 -42.76 1.49 0.15
C LEU B 448 -43.82 1.97 1.12
N LYS B 449 -43.53 1.92 2.42
CA LYS B 449 -44.51 2.42 3.39
C LYS B 449 -44.63 3.93 3.43
N ALA B 450 -43.61 4.64 2.95
CA ALA B 450 -43.68 6.09 2.87
C ALA B 450 -44.24 6.58 1.54
N ASP B 451 -44.15 5.75 0.51
CA ASP B 451 -44.43 6.16 -0.88
C ASP B 451 -45.75 6.90 -1.09
N PRO B 452 -46.85 6.42 -0.47
CA PRO B 452 -48.14 7.07 -0.76
C PRO B 452 -48.30 8.54 -0.31
N TYR B 453 -47.54 9.01 0.68
CA TYR B 453 -47.76 10.32 1.29
C TYR B 453 -46.76 11.35 0.87
N VAL B 454 -45.56 10.91 0.56
CA VAL B 454 -44.47 11.82 0.27
C VAL B 454 -44.72 12.49 -1.07
N GLU B 455 -44.87 13.82 -1.02
CA GLU B 455 -45.04 14.58 -2.25
C GLU B 455 -43.72 15.16 -2.71
N ILE B 456 -43.45 15.10 -4.01
CA ILE B 456 -42.25 15.68 -4.63
C ILE B 456 -42.70 16.39 -5.91
N THR B 457 -42.47 17.70 -5.97
CA THR B 457 -42.98 18.49 -7.11
C THR B 457 -42.05 18.45 -8.33
N GLY B 458 -42.65 18.28 -9.50
CA GLY B 458 -41.90 18.28 -10.77
C GLY B 458 -42.22 19.48 -11.61
N THR B 459 -42.20 19.32 -12.94
CA THR B 459 -42.48 20.43 -13.86
C THR B 459 -43.91 20.88 -13.69
N ALA B 460 -44.11 22.20 -13.65
CA ALA B 460 -45.42 22.81 -13.41
C ALA B 460 -45.93 22.52 -11.99
N GLY B 461 -45.08 21.96 -11.14
CA GLY B 461 -45.44 21.69 -9.76
C GLY B 461 -46.39 20.55 -9.56
N LYS B 462 -46.49 19.66 -10.55
CA LYS B 462 -47.29 18.44 -10.41
C LYS B 462 -46.66 17.63 -9.26
N LYS B 463 -47.48 17.18 -8.31
CA LYS B 463 -46.97 16.42 -7.20
C LYS B 463 -46.66 15.00 -7.62
N PHE B 464 -45.54 14.46 -7.18
CA PHE B 464 -45.15 13.10 -7.48
C PHE B 464 -44.82 12.34 -6.22
N ARG B 465 -45.01 11.03 -6.27
CA ARG B 465 -44.65 10.14 -5.18
C ARG B 465 -43.22 9.66 -5.43
N ILE B 466 -42.58 9.11 -4.40
CA ILE B 466 -41.22 8.60 -4.53
C ILE B 466 -41.09 7.68 -5.75
N SER B 467 -42.06 6.79 -5.90
CA SER B 467 -42.04 5.79 -6.97
C SER B 467 -42.27 6.41 -8.37
N THR B 468 -42.93 7.56 -8.42
CA THR B 468 -43.32 8.17 -9.69
C THR B 468 -42.47 9.35 -10.10
N ALA B 469 -41.54 9.77 -9.23
CA ALA B 469 -40.63 10.87 -9.58
C ALA B 469 -39.83 10.57 -10.84
N ILE B 470 -39.58 9.28 -11.08
CA ILE B 470 -38.85 8.82 -12.27
C ILE B 470 -39.53 9.23 -13.57
N ASP B 471 -40.82 9.59 -13.49
CA ASP B 471 -41.60 9.95 -14.68
C ASP B 471 -41.40 11.40 -15.08
N ASP B 472 -40.96 12.23 -14.13
CA ASP B 472 -40.65 13.63 -14.40
C ASP B 472 -39.23 13.98 -13.95
N MET B 473 -38.39 14.37 -14.90
CA MET B 473 -36.99 14.63 -14.60
C MET B 473 -36.77 15.76 -13.60
N GLU B 474 -37.66 16.75 -13.64
CA GLU B 474 -37.50 17.92 -12.78
C GLU B 474 -37.92 17.58 -11.34
N ALA B 475 -38.67 16.50 -11.18
CA ALA B 475 -38.94 15.93 -9.87
C ALA B 475 -37.80 15.01 -9.47
N PHE B 476 -37.45 14.08 -10.36
CA PHE B 476 -36.35 13.15 -10.13
C PHE B 476 -35.05 13.83 -9.78
N THR B 477 -34.85 15.05 -10.29
CA THR B 477 -33.67 15.83 -9.98
C THR B 477 -33.56 16.07 -8.47
N LYS B 478 -34.69 16.10 -7.79
CA LYS B 478 -34.74 16.38 -6.36
C LYS B 478 -34.66 15.14 -5.51
N LEU B 479 -34.81 13.97 -6.13
CA LEU B 479 -34.83 12.72 -5.38
C LEU B 479 -33.44 12.17 -5.13
N THR B 480 -33.02 12.22 -3.87
CA THR B 480 -31.67 11.80 -3.48
C THR B 480 -31.75 10.98 -2.19
N ASP B 481 -30.58 10.60 -1.66
CA ASP B 481 -30.53 9.84 -0.40
C ASP B 481 -31.20 10.58 0.75
N ASN B 482 -31.22 11.90 0.67
CA ASN B 482 -31.67 12.72 1.79
C ASN B 482 -33.13 12.45 2.13
N ILE B 483 -33.87 11.94 1.15
CA ILE B 483 -35.26 11.51 1.35
C ILE B 483 -35.35 10.55 2.54
N PHE B 484 -34.27 9.83 2.78
CA PHE B 484 -34.10 9.03 4.00
C PHE B 484 -34.39 9.88 5.23
N LEU B 485 -33.69 11.01 5.35
CA LEU B 485 -33.84 11.87 6.55
C LEU B 485 -35.15 12.63 6.56
N GLU B 486 -35.63 12.98 5.37
CA GLU B 486 -36.89 13.73 5.25
C GLU B 486 -38.02 12.92 5.85
N VAL B 487 -38.11 11.66 5.46
CA VAL B 487 -39.06 10.73 6.06
C VAL B 487 -38.81 10.63 7.57
N LEU B 488 -37.58 10.27 7.93
CA LEU B 488 -37.22 10.04 9.33
C LEU B 488 -37.53 11.24 10.23
N HIS B 489 -37.38 12.44 9.71
CA HIS B 489 -37.61 13.66 10.48
C HIS B 489 -39.01 14.22 10.30
N SER B 490 -39.84 13.59 9.45
CA SER B 490 -41.12 14.15 9.08
C SER B 490 -42.06 14.23 10.26
N THR B 491 -42.86 15.29 10.28
CA THR B 491 -43.79 15.53 11.37
C THR B 491 -45.15 14.90 11.06
N ASP B 492 -45.38 14.56 9.80
CA ASP B 492 -46.61 13.92 9.33
C ASP B 492 -46.80 12.56 10.00
N PRO B 493 -47.95 12.33 10.65
CA PRO B 493 -48.14 11.06 11.34
C PRO B 493 -48.49 9.88 10.45
N GLN B 494 -48.62 10.11 9.14
CA GLN B 494 -48.88 9.01 8.21
C GLN B 494 -47.62 8.21 7.92
N LEU B 495 -46.47 8.81 8.21
CA LEU B 495 -45.19 8.16 7.96
C LEU B 495 -44.65 7.41 9.17
N SER B 496 -45.39 7.48 10.27
CA SER B 496 -44.97 6.87 11.53
C SER B 496 -44.55 5.42 11.31
N GLU B 497 -45.29 4.74 10.44
CA GLU B 497 -44.93 3.41 10.02
C GLU B 497 -43.59 3.39 9.32
N ALA B 498 -43.39 4.33 8.39
CA ALA B 498 -42.17 4.40 7.60
C ALA B 498 -40.97 4.82 8.45
N GLN B 499 -41.19 5.77 9.33
CA GLN B 499 -40.13 6.31 10.19
C GLN B 499 -39.55 5.19 11.04
N SER B 500 -40.44 4.48 11.73
CA SER B 500 -40.05 3.45 12.68
C SER B 500 -39.12 2.42 12.03
N ILE B 501 -39.32 2.16 10.75
CA ILE B 501 -38.42 1.28 10.01
C ILE B 501 -37.05 1.93 9.88
N LEU B 502 -37.04 3.23 9.63
CA LEU B 502 -35.77 3.94 9.44
C LEU B 502 -35.03 4.11 10.76
N ARG B 503 -35.77 4.30 11.84
CA ARG B 503 -35.18 4.38 13.16
C ARG B 503 -34.56 3.04 13.53
N ASN B 504 -35.20 1.96 13.07
CA ASN B 504 -34.68 0.62 13.30
C ASN B 504 -33.35 0.39 12.58
N ILE B 505 -33.23 0.92 11.36
CA ILE B 505 -31.97 0.86 10.63
C ILE B 505 -30.91 1.63 11.38
N GLU B 506 -31.29 2.77 11.93
CA GLU B 506 -30.35 3.62 12.66
C GLU B 506 -29.86 2.96 13.94
N CYS B 507 -30.76 2.28 14.64
CA CYS B 507 -30.44 1.65 15.92
C CYS B 507 -30.15 0.16 15.78
N ARG B 508 -29.78 -0.28 14.59
CA ARG B 508 -29.34 -1.66 14.37
C ARG B 508 -30.35 -2.70 14.78
N ASN B 509 -31.59 -2.43 14.51
CA ASN B 509 -32.65 -3.34 14.83
C ASN B 509 -33.21 -3.97 13.57
N LEU B 510 -32.35 -4.70 12.87
CA LEU B 510 -32.65 -5.21 11.55
C LEU B 510 -33.32 -6.57 11.61
N TYR B 511 -33.96 -6.96 10.50
CA TYR B 511 -34.52 -8.30 10.37
C TYR B 511 -33.41 -9.31 10.63
N LYS B 512 -33.71 -10.40 11.32
CA LYS B 512 -32.68 -11.40 11.58
C LYS B 512 -32.53 -12.33 10.38
N TYR B 513 -31.28 -12.59 10.02
CA TYR B 513 -30.93 -13.39 8.87
C TYR B 513 -30.93 -14.88 9.19
N LEU B 514 -31.91 -15.62 8.67
CA LEU B 514 -32.06 -17.05 9.00
C LEU B 514 -31.04 -17.90 8.29
N GLY B 515 -30.60 -17.43 7.12
CA GLY B 515 -29.60 -18.15 6.36
C GLY B 515 -29.78 -18.11 4.86
N GLU B 516 -28.81 -18.73 4.19
CA GLU B 516 -28.75 -18.81 2.75
C GLU B 516 -29.02 -20.24 2.30
N THR B 517 -29.50 -20.41 1.08
CA THR B 517 -29.69 -21.72 0.49
C THR B 517 -29.46 -21.68 -1.00
N GLN B 518 -29.22 -22.87 -1.56
CA GLN B 518 -28.90 -23.03 -2.97
C GLN B 518 -29.85 -24.04 -3.61
N PRO B 519 -30.31 -23.75 -4.84
CA PRO B 519 -31.13 -24.74 -5.52
C PRO B 519 -30.23 -25.79 -6.18
N LYS B 520 -30.50 -27.07 -5.91
CA LYS B 520 -29.62 -28.14 -6.35
C LYS B 520 -29.56 -28.20 -7.87
N ARG B 521 -30.70 -28.10 -8.52
CA ARG B 521 -30.73 -27.98 -9.96
C ARG B 521 -31.90 -27.13 -10.39
N GLU B 522 -31.86 -26.69 -11.65
CA GLU B 522 -32.88 -25.75 -12.17
C GLU B 522 -32.79 -24.47 -11.39
N LYS B 523 -33.72 -23.55 -11.60
CA LYS B 523 -33.67 -22.27 -10.91
C LYS B 523 -35.09 -21.84 -10.55
N ILE B 524 -35.21 -20.64 -10.02
CA ILE B 524 -36.51 -20.10 -9.65
C ILE B 524 -36.96 -19.09 -10.69
N ARG B 525 -38.12 -19.38 -11.31
CA ARG B 525 -38.72 -18.50 -12.31
C ARG B 525 -38.85 -17.07 -11.78
N LYS B 526 -38.53 -16.11 -12.66
CA LYS B 526 -38.63 -14.70 -12.34
C LYS B 526 -40.04 -14.41 -11.82
N GLU B 527 -41.02 -15.17 -12.31
CA GLU B 527 -42.40 -15.06 -11.85
C GLU B 527 -42.63 -15.66 -10.47
N GLU B 528 -41.94 -16.74 -10.17
CA GLU B 528 -42.18 -17.53 -8.97
C GLU B 528 -41.85 -16.80 -7.67
N TYR B 529 -41.21 -15.63 -7.78
CA TYR B 529 -40.70 -14.92 -6.60
C TYR B 529 -41.75 -14.54 -5.55
N GLU B 530 -42.83 -13.87 -5.97
CA GLU B 530 -43.79 -13.33 -4.99
C GLU B 530 -44.38 -14.43 -4.10
N ARG B 531 -44.32 -15.66 -4.59
CA ARG B 531 -44.87 -16.81 -3.89
C ARG B 531 -44.02 -17.21 -2.69
N LEU B 532 -42.71 -17.01 -2.82
CA LEU B 532 -41.75 -17.65 -1.92
C LEU B 532 -41.99 -17.36 -0.44
N PRO B 533 -42.32 -16.09 -0.08
CA PRO B 533 -42.59 -15.82 1.33
C PRO B 533 -43.76 -16.64 1.93
N GLN B 534 -44.79 -16.98 1.14
CA GLN B 534 -45.84 -17.86 1.67
C GLN B 534 -45.33 -19.24 1.92
N GLU B 535 -44.65 -19.78 0.91
CA GLU B 535 -44.16 -21.14 0.95
C GLU B 535 -43.34 -21.38 2.21
N VAL B 536 -42.49 -20.42 2.54
CA VAL B 536 -41.69 -20.50 3.75
C VAL B 536 -42.58 -20.46 4.99
N ALA B 537 -43.57 -19.58 4.97
CA ALA B 537 -44.50 -19.42 6.10
C ALA B 537 -45.30 -20.68 6.33
N LYS B 538 -45.89 -21.19 5.27
CA LYS B 538 -46.81 -22.30 5.28
C LYS B 538 -46.13 -23.66 5.48
N ALA B 539 -44.89 -23.78 5.03
CA ALA B 539 -44.10 -24.98 5.38
C ALA B 539 -43.88 -25.06 6.88
N LYS B 540 -44.45 -26.07 7.52
CA LYS B 540 -44.31 -26.22 8.98
C LYS B 540 -43.45 -27.42 9.35
N PRO B 541 -42.72 -27.34 10.47
CA PRO B 541 -41.78 -28.42 10.86
C PRO B 541 -42.45 -29.63 11.49
N VAL B 547 -46.77 -21.76 16.65
CA VAL B 547 -46.84 -20.31 16.48
C VAL B 547 -47.18 -19.92 15.04
N GLU B 548 -48.10 -18.98 14.90
CA GLU B 548 -48.52 -18.49 13.61
C GLU B 548 -47.52 -17.51 13.01
N LEU B 549 -47.17 -17.76 11.75
CA LEU B 549 -46.21 -16.95 11.03
C LEU B 549 -46.79 -16.51 9.70
N LYS B 550 -47.14 -15.23 9.61
CA LYS B 550 -47.68 -14.64 8.39
C LYS B 550 -46.63 -14.65 7.28
N ALA B 551 -47.09 -14.64 6.03
CA ALA B 551 -46.18 -14.67 4.88
C ALA B 551 -45.34 -13.40 4.82
N GLU B 552 -45.89 -12.33 5.39
CA GLU B 552 -45.24 -11.02 5.38
C GLU B 552 -44.07 -10.99 6.36
N ASP B 553 -44.10 -11.86 7.36
CA ASP B 553 -43.04 -11.97 8.35
C ASP B 553 -41.70 -12.44 7.73
N PHE B 554 -41.75 -12.88 6.48
CA PHE B 554 -40.56 -13.37 5.78
C PHE B 554 -40.21 -12.53 4.57
N ILE B 555 -38.91 -12.40 4.30
CA ILE B 555 -38.43 -11.94 2.99
C ILE B 555 -37.50 -12.98 2.42
N VAL B 556 -37.76 -13.37 1.17
CA VAL B 556 -36.85 -14.25 0.45
C VAL B 556 -36.15 -13.39 -0.60
N ASP B 557 -34.83 -13.47 -0.61
CA ASP B 557 -33.99 -12.65 -1.45
C ASP B 557 -33.20 -13.56 -2.37
N VAL B 558 -33.59 -13.58 -3.64
CA VAL B 558 -32.95 -14.42 -4.65
C VAL B 558 -31.85 -13.61 -5.34
N ILE B 559 -30.67 -14.21 -5.51
CA ILE B 559 -29.49 -13.55 -6.03
C ILE B 559 -28.81 -14.35 -7.13
N ASN B 560 -28.54 -13.70 -8.26
CA ASN B 560 -28.00 -14.37 -9.45
C ASN B 560 -26.51 -14.10 -9.74
N VAL B 561 -25.74 -15.17 -9.85
CA VAL B 561 -24.28 -15.11 -10.00
C VAL B 561 -23.71 -14.41 -11.23
N ASP B 562 -24.32 -14.63 -12.38
CA ASP B 562 -23.80 -14.05 -13.67
C ASP B 562 -22.39 -14.53 -14.03
N ARG B 573 -17.77 -12.05 -25.82
CA ARG B 573 -16.60 -12.19 -24.97
C ARG B 573 -15.46 -11.27 -25.45
N VAL B 574 -14.22 -11.63 -25.11
CA VAL B 574 -13.05 -10.78 -25.37
C VAL B 574 -12.23 -11.33 -26.53
N HIS B 575 -11.56 -10.44 -27.27
CA HIS B 575 -10.80 -10.79 -28.46
C HIS B 575 -9.37 -10.27 -28.36
N PHE B 576 -8.40 -11.03 -28.89
CA PHE B 576 -6.98 -10.66 -28.77
C PHE B 576 -6.31 -10.44 -30.11
N TYR B 577 -5.12 -9.82 -30.09
CA TYR B 577 -4.29 -9.65 -31.28
C TYR B 577 -2.88 -10.14 -31.03
N GLU B 603 -25.19 -19.49 -10.96
CA GLU B 603 -26.12 -20.12 -10.03
C GLU B 603 -27.02 -19.11 -9.31
N GLN B 604 -27.65 -19.56 -8.25
CA GLN B 604 -28.64 -18.80 -7.50
C GLN B 604 -28.38 -18.93 -6.02
N LEU B 605 -28.38 -17.80 -5.33
CA LEU B 605 -28.26 -17.76 -3.89
C LEU B 605 -29.55 -17.22 -3.31
N ILE B 606 -30.11 -17.95 -2.34
CA ILE B 606 -31.39 -17.56 -1.75
C ILE B 606 -31.24 -17.28 -0.27
N ARG B 607 -31.49 -16.02 0.12
CA ARG B 607 -31.37 -15.63 1.53
C ARG B 607 -32.74 -15.41 2.12
N VAL B 608 -32.98 -15.96 3.33
CA VAL B 608 -34.27 -15.72 3.99
C VAL B 608 -34.09 -14.89 5.25
N TYR B 609 -34.85 -13.79 5.33
CA TYR B 609 -34.85 -12.95 6.52
C TYR B 609 -36.23 -13.02 7.17
N CYS B 610 -36.25 -12.99 8.50
CA CYS B 610 -37.51 -12.92 9.24
C CYS B 610 -37.63 -11.57 9.95
N LYS B 611 -38.75 -10.91 9.76
CA LYS B 611 -39.02 -9.61 10.38
C LYS B 611 -39.25 -9.72 11.88
N LYS B 612 -40.02 -10.72 12.31
CA LYS B 612 -40.26 -10.95 13.74
C LYS B 612 -38.99 -11.33 14.50
N LYS B 613 -38.65 -10.54 15.51
CA LYS B 613 -37.32 -10.65 16.14
C LYS B 613 -37.33 -11.28 17.53
N ASP B 614 -38.49 -11.76 17.99
CA ASP B 614 -38.57 -12.47 19.27
C ASP B 614 -38.04 -13.90 19.13
N GLY B 615 -37.59 -14.47 20.24
CA GLY B 615 -36.92 -15.78 20.23
C GLY B 615 -37.72 -16.94 19.64
N LYS B 616 -38.93 -17.11 20.15
CA LYS B 616 -39.79 -18.22 19.79
C LYS B 616 -40.27 -18.18 18.33
N SER B 617 -40.72 -17.00 17.90
CA SER B 617 -41.05 -16.78 16.50
C SER B 617 -39.82 -17.03 15.61
N LEU B 618 -38.67 -16.63 16.13
CA LEU B 618 -37.42 -16.78 15.41
C LEU B 618 -37.02 -18.25 15.25
N ASP B 619 -37.15 -19.02 16.32
CA ASP B 619 -37.01 -20.49 16.24
C ASP B 619 -37.94 -21.05 15.17
N ALA B 620 -39.22 -20.72 15.32
CA ALA B 620 -40.24 -21.19 14.38
C ALA B 620 -39.87 -20.87 12.94
N ALA B 621 -39.43 -19.64 12.71
CA ALA B 621 -39.04 -19.18 11.38
C ALA B 621 -37.83 -19.94 10.86
N GLY B 622 -36.84 -20.16 11.75
CA GLY B 622 -35.67 -20.97 11.39
C GLY B 622 -36.06 -22.31 10.86
N LYS B 623 -36.86 -23.02 11.66
CA LYS B 623 -37.28 -24.38 11.29
C LYS B 623 -38.18 -24.37 10.06
N HIS B 624 -39.03 -23.34 9.96
CA HIS B 624 -39.81 -23.11 8.75
C HIS B 624 -38.91 -23.05 7.52
N PHE B 625 -37.86 -22.23 7.61
CA PHE B 625 -36.90 -22.11 6.53
C PHE B 625 -36.21 -23.42 6.19
N VAL B 626 -35.75 -24.13 7.22
CA VAL B 626 -35.19 -25.48 7.01
C VAL B 626 -36.17 -26.37 6.25
N GLN B 627 -37.41 -26.43 6.74
CA GLN B 627 -38.41 -27.28 6.09
C GLN B 627 -38.69 -26.86 4.66
N TRP B 628 -38.77 -25.56 4.42
CA TRP B 628 -38.97 -25.06 3.05
C TRP B 628 -37.83 -25.49 2.17
N CYS B 629 -36.61 -25.39 2.71
CA CYS B 629 -35.44 -25.86 1.97
C CYS B 629 -35.51 -27.35 1.66
N ALA B 630 -35.84 -28.15 2.68
CA ALA B 630 -35.99 -29.60 2.48
C ALA B 630 -37.07 -29.91 1.45
N LEU B 631 -38.16 -29.16 1.51
CA LEU B 631 -39.34 -29.38 0.69
C LEU B 631 -39.05 -29.18 -0.79
N ARG B 632 -38.37 -28.09 -1.12
CA ARG B 632 -38.02 -27.77 -2.50
C ARG B 632 -36.74 -28.48 -2.94
N ASP B 633 -36.24 -29.36 -2.09
CA ASP B 633 -34.99 -30.07 -2.35
C ASP B 633 -33.84 -29.08 -2.57
N PHE B 634 -33.70 -28.17 -1.63
CA PHE B 634 -32.63 -27.19 -1.62
C PHE B 634 -31.52 -27.65 -0.66
N THR B 635 -30.36 -27.03 -0.76
CA THR B 635 -29.24 -27.27 0.16
C THR B 635 -29.66 -27.03 1.60
N LYS B 636 -29.05 -27.76 2.54
CA LYS B 636 -29.25 -27.48 3.95
C LYS B 636 -28.82 -26.04 4.22
N PRO B 637 -29.69 -25.23 4.83
CA PRO B 637 -29.38 -23.82 5.11
C PRO B 637 -28.03 -23.62 5.79
N GLN B 638 -27.31 -22.59 5.36
CA GLN B 638 -25.96 -22.23 5.86
C GLN B 638 -25.43 -23.05 7.04
N THR C 86 13.38 -23.64 -37.79
CA THR C 86 14.30 -23.29 -36.69
C THR C 86 14.19 -21.79 -36.39
N ASP C 87 14.98 -21.35 -35.41
CA ASP C 87 15.10 -19.93 -35.10
C ASP C 87 16.30 -19.32 -35.77
N LEU C 88 16.31 -17.99 -35.91
CA LEU C 88 17.51 -17.32 -36.40
C LEU C 88 18.57 -17.36 -35.30
N ARG C 89 18.12 -17.50 -34.07
CA ARG C 89 18.98 -17.57 -32.91
C ARG C 89 19.95 -18.75 -33.00
N THR C 90 19.50 -19.85 -33.57
CA THR C 90 20.34 -21.03 -33.75
C THR C 90 21.33 -20.86 -34.92
N TRP C 91 21.04 -19.92 -35.83
CA TRP C 91 21.81 -19.81 -37.07
C TRP C 91 23.21 -19.26 -36.89
N GLU C 92 24.20 -20.02 -37.35
CA GLU C 92 25.55 -19.51 -37.50
C GLU C 92 25.60 -18.55 -38.67
N PRO C 93 26.73 -17.82 -38.83
CA PRO C 93 26.85 -16.93 -39.99
C PRO C 93 26.74 -17.65 -41.35
N GLU C 94 27.36 -18.83 -41.47
CA GLU C 94 27.26 -19.61 -42.69
C GLU C 94 25.82 -19.99 -43.01
N ASP C 95 25.03 -20.27 -41.97
CA ASP C 95 23.63 -20.57 -42.15
C ASP C 95 22.91 -19.39 -42.76
N VAL C 96 23.23 -18.19 -42.25
CA VAL C 96 22.70 -16.96 -42.79
C VAL C 96 23.15 -16.80 -44.25
N CYS C 97 24.41 -17.11 -44.51
CA CYS C 97 24.92 -17.07 -45.88
C CYS C 97 24.12 -17.98 -46.82
N SER C 98 23.84 -19.20 -46.35
CA SER C 98 23.07 -20.15 -47.15
C SER C 98 21.65 -19.65 -47.35
N PHE C 99 21.06 -19.13 -46.27
CA PHE C 99 19.73 -18.52 -46.38
C PHE C 99 19.72 -17.39 -47.42
N LEU C 100 20.72 -16.53 -47.36
CA LEU C 100 20.84 -15.42 -48.31
C LEU C 100 21.01 -15.93 -49.75
N GLU C 101 21.86 -16.95 -49.91
CA GLU C 101 22.06 -17.53 -51.24
C GLU C 101 20.77 -18.11 -51.80
N ASN C 102 20.14 -18.98 -51.01
CA ASN C 102 18.93 -19.65 -51.48
C ASN C 102 17.72 -18.71 -51.52
N ARG C 103 17.93 -17.46 -51.13
CA ARG C 103 16.90 -16.43 -51.26
C ARG C 103 17.23 -15.46 -52.40
N GLY C 104 18.34 -15.74 -53.11
CA GLY C 104 18.66 -14.98 -54.33
C GLY C 104 19.95 -14.21 -54.37
N PHE C 105 20.57 -13.95 -53.21
CA PHE C 105 21.85 -13.24 -53.17
C PHE C 105 23.03 -14.21 -53.20
N ARG C 106 23.55 -14.52 -54.40
CA ARG C 106 24.57 -15.56 -54.51
C ARG C 106 25.99 -15.04 -54.75
N GLU C 107 26.16 -13.73 -54.60
CA GLU C 107 27.40 -13.06 -54.95
C GLU C 107 28.39 -13.08 -53.78
N LYS C 108 29.56 -13.66 -54.04
CA LYS C 108 30.55 -13.97 -53.01
C LYS C 108 30.97 -12.86 -52.07
N LYS C 109 31.08 -11.64 -52.60
CA LYS C 109 31.47 -10.50 -51.75
C LYS C 109 30.47 -10.26 -50.63
N VAL C 110 29.19 -10.22 -51.00
CA VAL C 110 28.11 -10.00 -50.04
C VAL C 110 28.05 -11.12 -49.00
N LEU C 111 28.34 -12.34 -49.42
CA LEU C 111 28.43 -13.46 -48.47
C LEU C 111 29.63 -13.29 -47.58
N ASP C 112 30.71 -12.78 -48.16
CA ASP C 112 31.93 -12.53 -47.41
C ASP C 112 31.69 -11.47 -46.34
N ILE C 113 30.90 -10.44 -46.69
CA ILE C 113 30.47 -9.46 -45.69
C ILE C 113 29.91 -10.16 -44.46
N PHE C 114 28.97 -11.07 -44.68
CA PHE C 114 28.27 -11.74 -43.58
C PHE C 114 29.18 -12.69 -42.81
N ARG C 115 30.00 -13.46 -43.52
CA ARG C 115 30.95 -14.33 -42.81
C ARG C 115 31.93 -13.51 -41.99
N ASP C 116 32.47 -12.45 -42.58
CA ASP C 116 33.50 -11.63 -41.92
C ASP C 116 33.01 -10.96 -40.64
N ASN C 117 31.82 -10.37 -40.68
CA ASN C 117 31.29 -9.68 -39.51
C ASN C 117 30.58 -10.60 -38.54
N LYS C 118 30.61 -11.90 -38.84
CA LYS C 118 30.05 -12.92 -37.95
C LYS C 118 28.60 -12.57 -37.62
N ILE C 119 27.86 -12.18 -38.64
CA ILE C 119 26.46 -11.81 -38.51
C ILE C 119 25.61 -13.07 -38.37
N ALA C 120 25.55 -13.60 -37.16
CA ALA C 120 24.67 -14.72 -36.85
C ALA C 120 23.22 -14.30 -37.09
N GLY C 121 22.32 -15.27 -37.14
CA GLY C 121 20.93 -15.01 -37.47
C GLY C 121 20.24 -13.98 -36.59
N SER C 122 20.53 -14.01 -35.29
CA SER C 122 19.84 -13.16 -34.34
C SER C 122 19.95 -11.66 -34.66
N PHE C 123 20.99 -11.27 -35.41
CA PHE C 123 21.16 -9.87 -35.78
C PHE C 123 20.23 -9.44 -36.91
N LEU C 124 19.80 -10.41 -37.72
CA LEU C 124 19.13 -10.10 -38.99
C LEU C 124 17.98 -9.12 -38.88
N PRO C 125 17.07 -9.33 -37.92
CA PRO C 125 15.93 -8.42 -37.83
C PRO C 125 16.27 -7.02 -37.31
N PHE C 126 17.55 -6.76 -37.04
CA PHE C 126 17.98 -5.46 -36.54
C PHE C 126 18.83 -4.73 -37.57
N LEU C 127 18.91 -5.28 -38.76
CA LEU C 127 19.67 -4.65 -39.85
C LEU C 127 18.88 -3.55 -40.53
N ASP C 128 19.62 -2.56 -41.01
CA ASP C 128 19.05 -1.36 -41.62
C ASP C 128 19.46 -1.31 -43.08
N GLU C 129 18.78 -0.45 -43.84
CA GLU C 129 19.25 -0.11 -45.18
C GLU C 129 20.63 0.53 -45.04
N ASP C 130 20.74 1.42 -44.05
CA ASP C 130 21.98 2.13 -43.79
C ASP C 130 23.05 1.21 -43.23
N ARG C 131 22.63 0.22 -42.46
CA ARG C 131 23.57 -0.76 -41.92
C ARG C 131 24.11 -1.60 -43.05
N LEU C 132 23.22 -2.06 -43.93
CA LEU C 132 23.66 -2.85 -45.08
C LEU C 132 24.54 -2.00 -45.98
N GLU C 133 24.22 -0.71 -46.08
CA GLU C 133 25.13 0.23 -46.73
C GLU C 133 26.51 0.24 -46.07
N ASP C 134 26.53 0.39 -44.75
CA ASP C 134 27.78 0.50 -43.99
C ASP C 134 28.60 -0.79 -43.99
N LEU C 135 27.92 -1.93 -43.92
CA LEU C 135 28.57 -3.24 -43.97
C LEU C 135 29.27 -3.38 -45.32
N GLY C 136 28.68 -2.80 -46.34
CA GLY C 136 29.31 -2.71 -47.65
C GLY C 136 28.56 -3.43 -48.75
N VAL C 137 27.28 -3.08 -48.92
CA VAL C 137 26.54 -3.44 -50.13
C VAL C 137 26.05 -2.12 -50.73
N SER C 138 26.55 -1.80 -51.93
CA SER C 138 26.35 -0.48 -52.53
C SER C 138 25.15 -0.44 -53.47
N SER C 139 24.34 -1.50 -53.44
CA SER C 139 23.21 -1.65 -54.35
C SER C 139 21.93 -1.15 -53.68
N LEU C 140 21.60 0.11 -53.96
CA LEU C 140 20.48 0.81 -53.35
C LEU C 140 19.19 -0.02 -53.35
N GLU C 141 19.07 -0.90 -54.35
CA GLU C 141 17.91 -1.76 -54.52
C GLU C 141 18.08 -3.11 -53.83
N GLU C 142 19.29 -3.63 -53.84
CA GLU C 142 19.59 -4.91 -53.22
C GLU C 142 19.31 -4.91 -51.72
N ARG C 143 19.64 -3.79 -51.08
CA ARG C 143 19.43 -3.62 -49.66
C ARG C 143 17.96 -3.78 -49.33
N LYS C 144 17.12 -3.14 -50.14
CA LYS C 144 15.67 -3.23 -49.99
C LYS C 144 15.20 -4.67 -50.06
N LYS C 145 15.65 -5.39 -51.08
CA LYS C 145 15.23 -6.78 -51.22
C LYS C 145 15.78 -7.64 -50.08
N MET C 146 16.99 -7.35 -49.64
CA MET C 146 17.59 -8.01 -48.48
C MET C 146 16.68 -7.87 -47.27
N ILE C 147 16.32 -6.61 -46.98
CA ILE C 147 15.42 -6.34 -45.88
C ILE C 147 14.06 -7.00 -46.09
N GLU C 148 13.57 -7.02 -47.34
CA GLU C 148 12.36 -7.78 -47.65
C GLU C 148 12.48 -9.23 -47.18
N CYS C 149 13.58 -9.87 -47.62
CA CYS C 149 13.83 -11.28 -47.23
C CYS C 149 13.83 -11.41 -45.71
N ILE C 150 14.50 -10.49 -45.03
CA ILE C 150 14.51 -10.51 -43.57
C ILE C 150 13.11 -10.29 -42.98
N GLN C 151 12.30 -9.46 -43.63
CA GLN C 151 10.95 -9.19 -43.15
C GLN C 151 10.06 -10.41 -43.32
N GLN C 152 10.22 -11.14 -44.44
CA GLN C 152 9.46 -12.36 -44.68
C GLN C 152 9.57 -13.39 -43.56
N LEU C 153 10.68 -13.38 -42.82
CA LEU C 153 10.94 -14.40 -41.79
C LEU C 153 9.95 -14.39 -40.64
N SER C 154 9.78 -15.56 -40.04
CA SER C 154 8.91 -15.74 -38.88
C SER C 154 9.22 -14.74 -37.77
N GLN C 155 10.48 -14.74 -37.31
CA GLN C 155 10.88 -13.99 -36.13
C GLN C 155 11.26 -12.55 -36.42
N SER C 156 10.65 -11.62 -35.70
CA SER C 156 10.85 -10.18 -35.88
C SER C 156 11.67 -9.55 -34.76
N ARG C 157 11.79 -8.22 -34.81
CA ARG C 157 12.51 -7.46 -33.80
C ARG C 157 11.99 -7.74 -32.39
N ILE C 158 10.69 -7.52 -32.22
CA ILE C 158 10.03 -7.65 -30.93
C ILE C 158 9.99 -9.11 -30.48
N ASP C 159 10.27 -10.03 -31.40
CA ASP C 159 10.35 -11.46 -31.08
C ASP C 159 11.66 -11.86 -30.43
N LEU C 160 12.62 -10.94 -30.37
CA LEU C 160 13.93 -11.25 -29.79
C LEU C 160 14.29 -10.33 -28.62
N MET C 161 13.34 -9.48 -28.22
CA MET C 161 13.52 -8.68 -27.01
C MET C 161 13.43 -9.60 -25.80
N LYS C 162 13.99 -9.15 -24.68
CA LYS C 162 13.81 -9.89 -23.41
C LYS C 162 13.06 -9.10 -22.36
N VAL C 163 12.09 -9.78 -21.74
CA VAL C 163 11.25 -9.18 -20.72
C VAL C 163 11.64 -9.61 -19.30
N PHE C 164 12.13 -8.68 -18.50
CA PHE C 164 12.28 -8.89 -17.06
C PHE C 164 10.99 -8.50 -16.32
N ASN C 165 10.65 -9.28 -15.31
CA ASN C 165 9.59 -8.89 -14.39
C ASN C 165 10.17 -8.36 -13.06
N ASP C 166 10.16 -7.05 -12.92
CA ASP C 166 10.69 -6.32 -11.77
C ASP C 166 9.56 -5.84 -10.84
N PRO C 167 9.74 -5.99 -9.50
CA PRO C 167 8.72 -5.52 -8.58
C PRO C 167 8.56 -4.01 -8.48
N ILE C 168 9.57 -3.25 -8.93
CA ILE C 168 9.52 -1.79 -8.89
C ILE C 168 8.90 -1.26 -10.18
N HIS C 169 9.21 -1.90 -11.30
CA HIS C 169 8.86 -1.36 -12.61
C HIS C 169 7.87 -2.23 -13.39
N GLY C 170 7.51 -3.37 -12.84
CA GLY C 170 6.68 -4.35 -13.56
C GLY C 170 7.50 -4.97 -14.65
N HIS C 171 6.93 -5.13 -15.84
CA HIS C 171 7.66 -5.77 -16.94
C HIS C 171 8.66 -4.82 -17.59
N ILE C 172 9.74 -5.37 -18.12
CA ILE C 172 10.85 -4.58 -18.67
C ILE C 172 11.40 -5.22 -19.95
N GLU C 173 11.20 -4.57 -21.08
CA GLU C 173 11.78 -5.00 -22.36
C GLU C 173 13.23 -4.55 -22.48
N PHE C 174 14.10 -5.43 -22.94
CA PHE C 174 15.46 -5.10 -23.27
C PHE C 174 15.86 -5.64 -24.65
N HIS C 175 16.43 -4.75 -25.45
CA HIS C 175 17.11 -5.10 -26.68
C HIS C 175 18.25 -6.12 -26.40
N PRO C 176 18.38 -7.16 -27.25
CA PRO C 176 19.30 -8.27 -27.00
C PRO C 176 20.75 -7.92 -26.64
N LEU C 177 21.28 -6.84 -27.23
CA LEU C 177 22.63 -6.36 -26.91
C LEU C 177 22.78 -6.15 -25.40
N LEU C 178 21.78 -5.49 -24.82
CA LEU C 178 21.76 -5.24 -23.39
C LEU C 178 21.87 -6.56 -22.62
N ILE C 179 21.13 -7.55 -23.07
CA ILE C 179 21.19 -8.89 -22.47
C ILE C 179 22.60 -9.48 -22.61
N ARG C 180 23.19 -9.34 -23.80
CA ARG C 180 24.56 -9.83 -24.03
C ARG C 180 25.53 -9.19 -23.05
N ILE C 181 25.37 -7.88 -22.82
CA ILE C 181 26.19 -7.21 -21.80
C ILE C 181 25.89 -7.77 -20.41
N ILE C 182 24.61 -7.87 -20.09
CA ILE C 182 24.15 -8.38 -18.78
C ILE C 182 24.70 -9.77 -18.46
N ASP C 183 24.68 -10.64 -19.45
CA ASP C 183 25.04 -12.04 -19.26
C ASP C 183 26.55 -12.26 -19.37
N THR C 184 27.31 -11.59 -18.52
CA THR C 184 28.76 -11.76 -18.44
C THR C 184 29.20 -11.87 -16.99
N PRO C 185 30.31 -12.58 -16.71
CA PRO C 185 30.89 -12.57 -15.39
C PRO C 185 30.99 -11.14 -14.81
N GLN C 186 31.52 -10.24 -15.65
CA GLN C 186 31.75 -8.85 -15.27
C GLN C 186 30.49 -8.19 -14.71
N PHE C 187 29.35 -8.48 -15.34
CA PHE C 187 28.10 -7.87 -14.93
C PHE C 187 27.40 -8.69 -13.84
N GLN C 188 27.34 -10.00 -14.04
CA GLN C 188 26.71 -10.92 -13.11
C GLN C 188 27.28 -10.79 -11.71
N ARG C 189 28.57 -10.48 -11.62
CA ARG C 189 29.20 -10.20 -10.33
C ARG C 189 28.39 -9.23 -9.45
N LEU C 190 27.56 -8.36 -10.07
CA LEU C 190 26.77 -7.42 -9.27
C LEU C 190 25.66 -8.08 -8.48
N ARG C 191 25.43 -9.37 -8.73
CA ARG C 191 24.44 -10.13 -7.96
C ARG C 191 24.91 -10.36 -6.54
N TYR C 192 26.19 -10.16 -6.30
CA TYR C 192 26.81 -10.57 -5.04
C TYR C 192 27.34 -9.36 -4.28
N ILE C 193 26.72 -8.20 -4.50
CA ILE C 193 27.04 -6.96 -3.79
C ILE C 193 25.76 -6.29 -3.31
N LYS C 194 25.53 -6.33 -2.00
CA LYS C 194 24.33 -5.71 -1.40
C LYS C 194 24.33 -4.21 -1.67
N GLN C 195 23.17 -3.71 -2.10
CA GLN C 195 23.05 -2.28 -2.40
C GLN C 195 23.40 -1.43 -1.20
N LEU C 196 22.78 -1.71 -0.05
CA LEU C 196 22.95 -0.90 1.14
C LEU C 196 24.08 -1.36 2.06
N GLY C 197 24.90 -2.27 1.55
CA GLY C 197 26.09 -2.73 2.28
C GLY C 197 25.77 -3.25 3.66
N GLY C 198 26.24 -2.54 4.68
CA GLY C 198 25.99 -2.93 6.06
C GLY C 198 24.52 -2.83 6.41
N GLY C 199 23.80 -2.02 5.67
CA GLY C 199 22.36 -1.87 5.76
C GLY C 199 21.60 -3.17 6.04
N TYR C 200 21.92 -4.22 5.26
CA TYR C 200 21.24 -5.50 5.37
C TYR C 200 21.28 -6.06 6.80
N TYR C 201 22.31 -5.67 7.54
CA TYR C 201 22.49 -6.15 8.90
C TYR C 201 21.75 -5.27 9.91
N VAL C 202 21.05 -4.27 9.40
CA VAL C 202 20.21 -3.38 10.20
C VAL C 202 18.78 -3.48 9.71
N PHE C 203 18.60 -3.45 8.40
CA PHE C 203 17.29 -3.56 7.77
C PHE C 203 17.17 -4.90 7.06
N PRO C 204 16.50 -5.88 7.69
CA PRO C 204 16.48 -7.21 7.10
C PRO C 204 15.74 -7.27 5.76
N GLY C 205 14.94 -6.24 5.46
CA GLY C 205 14.28 -6.16 4.17
C GLY C 205 15.24 -5.84 3.06
N ALA C 206 16.36 -5.18 3.40
CA ALA C 206 17.26 -4.64 2.39
C ALA C 206 18.27 -5.68 1.93
N SER C 207 17.76 -6.69 1.23
CA SER C 207 18.56 -7.80 0.75
C SER C 207 18.96 -7.62 -0.71
N HIS C 208 18.46 -6.55 -1.32
CA HIS C 208 18.68 -6.29 -2.74
C HIS C 208 20.13 -5.90 -3.07
N ASN C 209 20.55 -6.32 -4.26
CA ASN C 209 21.91 -6.13 -4.75
C ASN C 209 21.97 -5.15 -5.91
N ARG C 210 23.18 -4.78 -6.31
CA ARG C 210 23.38 -3.81 -7.37
C ARG C 210 22.84 -4.25 -8.73
N PHE C 211 22.84 -5.55 -8.97
CA PHE C 211 22.37 -6.14 -10.22
C PHE C 211 20.97 -5.63 -10.66
N GLU C 212 19.98 -5.85 -9.80
CA GLU C 212 18.61 -5.51 -10.13
C GLU C 212 18.40 -4.00 -10.24
N HIS C 213 19.12 -3.27 -9.40
CA HIS C 213 19.09 -1.81 -9.45
C HIS C 213 19.67 -1.33 -10.78
N SER C 214 20.75 -1.96 -11.22
CA SER C 214 21.38 -1.65 -12.48
C SER C 214 20.42 -1.88 -13.64
N LEU C 215 19.76 -3.04 -13.62
CA LEU C 215 18.71 -3.32 -14.60
C LEU C 215 17.70 -2.18 -14.63
N GLY C 216 17.19 -1.84 -13.45
CA GLY C 216 16.23 -0.76 -13.33
C GLY C 216 16.70 0.55 -13.94
N VAL C 217 17.93 0.96 -13.60
CA VAL C 217 18.48 2.19 -14.14
C VAL C 217 18.56 2.16 -15.66
N GLY C 218 19.06 1.04 -16.19
CA GLY C 218 19.07 0.86 -17.64
C GLY C 218 17.70 1.10 -18.26
N TYR C 219 16.71 0.43 -17.70
CA TYR C 219 15.34 0.54 -18.18
C TYR C 219 14.84 1.99 -18.16
N LEU C 220 14.97 2.64 -17.00
CA LEU C 220 14.51 4.04 -16.89
C LEU C 220 15.21 4.96 -17.88
N ALA C 221 16.53 4.81 -17.99
CA ALA C 221 17.29 5.57 -18.99
C ALA C 221 16.63 5.42 -20.37
N GLY C 222 16.42 4.16 -20.76
CA GLY C 222 15.70 3.85 -21.98
C GLY C 222 14.38 4.58 -22.10
N CYS C 223 13.60 4.55 -21.02
CA CYS C 223 12.29 5.22 -21.02
C CYS C 223 12.39 6.71 -21.32
N LEU C 224 13.22 7.40 -20.54
CA LEU C 224 13.32 8.84 -20.70
C LEU C 224 13.82 9.23 -22.08
N VAL C 225 14.87 8.55 -22.54
CA VAL C 225 15.41 8.87 -23.87
C VAL C 225 14.38 8.60 -24.97
N ARG C 226 13.65 7.48 -24.86
CA ARG C 226 12.56 7.22 -25.80
C ARG C 226 11.56 8.34 -25.84
N ALA C 227 11.05 8.72 -24.65
CA ALA C 227 10.05 9.75 -24.54
C ALA C 227 10.51 11.04 -25.20
N LEU C 228 11.71 11.49 -24.85
CA LEU C 228 12.26 12.70 -25.47
C LEU C 228 12.43 12.53 -26.99
N ALA C 229 12.87 11.35 -27.40
CA ALA C 229 13.03 11.08 -28.83
C ALA C 229 11.73 11.28 -29.61
N GLU C 230 10.66 10.61 -29.17
CA GLU C 230 9.39 10.75 -29.90
C GLU C 230 8.74 12.13 -29.74
N LYS C 231 8.69 12.65 -28.51
CA LYS C 231 8.05 13.96 -28.30
C LYS C 231 8.69 15.09 -29.10
N GLN C 232 9.98 14.98 -29.37
CA GLN C 232 10.71 15.98 -30.15
C GLN C 232 11.59 15.31 -31.19
N PRO C 233 11.02 15.00 -32.37
CA PRO C 233 11.80 14.32 -33.40
C PRO C 233 12.89 15.23 -33.99
N GLU C 234 12.76 16.54 -33.77
CA GLU C 234 13.75 17.49 -34.24
C GLU C 234 15.11 17.28 -33.58
N LEU C 235 15.11 16.65 -32.41
CA LEU C 235 16.32 16.41 -31.65
C LEU C 235 17.29 15.45 -32.31
N GLN C 236 16.81 14.71 -33.30
CA GLN C 236 17.62 13.79 -34.09
C GLN C 236 18.19 12.66 -33.22
N ILE C 237 17.39 12.20 -32.26
CA ILE C 237 17.82 11.12 -31.36
C ILE C 237 17.62 9.78 -32.04
N SER C 238 18.71 9.04 -32.22
CA SER C 238 18.69 7.79 -32.96
C SER C 238 18.61 6.57 -32.06
N GLU C 239 18.38 5.40 -32.66
CA GLU C 239 18.41 4.13 -31.94
C GLU C 239 19.74 3.98 -31.24
N ARG C 240 20.81 4.34 -31.97
CA ARG C 240 22.17 4.29 -31.47
C ARG C 240 22.29 5.01 -30.13
N ASP C 241 21.85 6.26 -30.12
CA ASP C 241 21.87 7.09 -28.92
C ASP C 241 21.14 6.40 -27.77
N ILE C 242 19.94 5.93 -28.07
CA ILE C 242 19.08 5.27 -27.07
C ILE C 242 19.79 4.09 -26.45
N LEU C 243 20.33 3.23 -27.31
CA LEU C 243 21.08 2.07 -26.79
C LEU C 243 22.30 2.47 -25.98
N CYS C 244 23.04 3.47 -26.47
CA CYS C 244 24.21 3.94 -25.70
C CYS C 244 23.79 4.45 -24.31
N VAL C 245 22.67 5.18 -24.28
CA VAL C 245 22.17 5.71 -23.01
C VAL C 245 21.76 4.54 -22.10
N GLN C 246 21.05 3.56 -22.68
CA GLN C 246 20.69 2.37 -21.91
C GLN C 246 21.89 1.61 -21.36
N ILE C 247 22.93 1.45 -22.18
CA ILE C 247 24.14 0.72 -21.76
C ILE C 247 24.81 1.48 -20.62
N ALA C 248 24.93 2.80 -20.80
CA ALA C 248 25.44 3.64 -19.72
C ALA C 248 24.62 3.43 -18.46
N GLY C 249 23.30 3.41 -18.63
CA GLY C 249 22.39 3.05 -17.55
C GLY C 249 22.78 1.77 -16.84
N LEU C 250 22.78 0.67 -17.60
CA LEU C 250 23.14 -0.64 -17.05
C LEU C 250 24.45 -0.62 -16.27
N CYS C 251 25.45 0.04 -16.85
CA CYS C 251 26.82 -0.11 -16.34
C CYS C 251 27.35 0.97 -15.42
N HIS C 252 26.48 1.85 -14.92
CA HIS C 252 26.94 2.94 -14.05
C HIS C 252 27.51 2.44 -12.72
N ASP C 253 27.05 1.26 -12.29
CA ASP C 253 27.48 0.67 -11.02
C ASP C 253 28.31 -0.60 -11.21
N LEU C 254 28.72 -0.87 -12.43
CA LEU C 254 29.59 -2.03 -12.73
C LEU C 254 30.81 -2.13 -11.82
N GLY C 255 31.33 -0.99 -11.38
CA GLY C 255 32.60 -0.92 -10.67
C GLY C 255 32.52 -0.71 -9.18
N HIS C 256 31.41 -1.11 -8.56
CA HIS C 256 31.32 -1.10 -7.11
C HIS C 256 32.05 -2.30 -6.53
N GLY C 257 32.67 -2.11 -5.37
CA GLY C 257 33.36 -3.19 -4.69
C GLY C 257 32.42 -3.84 -3.67
N PRO C 258 32.95 -4.78 -2.86
CA PRO C 258 32.18 -5.42 -1.81
C PRO C 258 31.49 -4.44 -0.87
N PHE C 259 30.19 -4.63 -0.67
CA PHE C 259 29.41 -3.78 0.23
C PHE C 259 29.33 -2.36 -0.26
N SER C 260 29.37 -2.20 -1.58
CA SER C 260 29.01 -0.95 -2.25
C SER C 260 29.86 0.23 -1.81
N HIS C 261 29.25 1.15 -1.04
CA HIS C 261 29.91 2.43 -0.77
C HIS C 261 30.98 2.34 0.31
N MET C 262 30.87 1.33 1.16
CA MET C 262 31.88 1.06 2.18
C MET C 262 33.25 0.89 1.52
N PHE C 263 33.29 0.11 0.44
CA PHE C 263 34.56 -0.22 -0.22
C PHE C 263 35.26 1.01 -0.76
N ASP C 264 34.52 1.78 -1.57
CA ASP C 264 35.10 2.94 -2.22
C ASP C 264 35.10 4.18 -1.34
N GLY C 265 34.34 4.15 -0.28
CA GLY C 265 34.18 5.30 0.60
C GLY C 265 34.89 5.24 1.93
N ARG C 266 35.18 4.04 2.42
CA ARG C 266 35.83 3.86 3.72
C ARG C 266 37.12 3.06 3.64
N PHE C 267 37.09 1.95 2.93
CA PHE C 267 38.24 1.01 2.91
C PHE C 267 39.41 1.45 2.04
N ILE C 268 39.14 1.70 0.75
CA ILE C 268 40.19 2.11 -0.17
C ILE C 268 40.85 3.42 0.25
N PRO C 269 40.03 4.44 0.62
CA PRO C 269 40.63 5.68 1.09
C PRO C 269 41.58 5.47 2.26
N ARG C 270 41.25 4.47 3.08
CA ARG C 270 42.01 4.16 4.28
C ARG C 270 43.22 3.28 3.97
N ALA C 271 43.11 2.43 2.95
CA ALA C 271 44.15 1.47 2.61
C ALA C 271 45.07 2.00 1.50
N ARG C 272 44.55 2.93 0.70
CA ARG C 272 45.30 3.48 -0.43
C ARG C 272 45.08 5.00 -0.47
N PRO C 273 45.56 5.71 0.55
CA PRO C 273 45.28 7.14 0.69
C PRO C 273 45.76 7.96 -0.49
N GLU C 274 46.83 7.50 -1.14
CA GLU C 274 47.36 8.21 -2.30
C GLU C 274 46.35 8.21 -3.42
N LYS C 275 45.71 7.05 -3.62
CA LYS C 275 44.90 6.85 -4.80
C LYS C 275 43.55 7.47 -4.56
N LYS C 276 43.09 8.27 -5.51
CA LYS C 276 41.70 8.65 -5.51
C LYS C 276 41.00 7.71 -6.45
N TRP C 277 39.96 7.07 -5.93
CA TRP C 277 39.29 5.99 -6.62
C TRP C 277 37.80 6.18 -6.42
N LYS C 278 37.10 6.06 -7.54
CA LYS C 278 35.67 6.30 -7.59
C LYS C 278 35.09 5.05 -8.23
N HIS C 279 33.93 4.60 -7.75
CA HIS C 279 33.33 3.39 -8.27
C HIS C 279 33.05 3.54 -9.76
N GLU C 280 32.89 4.79 -10.18
CA GLU C 280 32.73 5.10 -11.61
C GLU C 280 33.98 4.75 -12.40
N GLN C 281 35.15 5.08 -11.85
CA GLN C 281 36.42 4.74 -12.49
C GLN C 281 36.43 3.23 -12.76
N GLY C 282 36.10 2.47 -11.72
CA GLY C 282 35.99 1.02 -11.83
C GLY C 282 34.92 0.63 -12.82
N SER C 283 33.83 1.38 -12.85
CA SER C 283 32.74 1.10 -13.78
C SER C 283 33.24 1.18 -15.22
N ILE C 284 33.86 2.30 -15.59
CA ILE C 284 34.33 2.46 -16.97
C ILE C 284 35.42 1.43 -17.29
N GLU C 285 36.35 1.23 -16.36
CA GLU C 285 37.40 0.22 -16.57
C GLU C 285 36.81 -1.17 -16.76
N MET C 286 35.82 -1.51 -15.96
CA MET C 286 35.23 -2.84 -16.00
C MET C 286 34.36 -3.01 -17.24
N PHE C 287 33.70 -1.93 -17.67
CA PHE C 287 32.96 -1.99 -18.92
C PHE C 287 33.92 -2.27 -20.08
N GLU C 288 35.02 -1.51 -20.11
CA GLU C 288 36.08 -1.76 -21.09
C GLU C 288 36.54 -3.20 -21.02
N HIS C 289 36.74 -3.71 -19.81
CA HIS C 289 37.05 -5.14 -19.65
C HIS C 289 35.91 -6.03 -20.13
N LEU C 290 34.68 -5.61 -19.90
CA LEU C 290 33.51 -6.45 -20.19
C LEU C 290 33.42 -6.70 -21.67
N VAL C 291 33.42 -5.61 -22.45
CA VAL C 291 33.27 -5.72 -23.89
C VAL C 291 34.41 -6.50 -24.54
N ASN C 292 35.59 -6.43 -23.94
CA ASN C 292 36.79 -7.07 -24.49
C ASN C 292 36.95 -8.53 -24.09
N SER C 293 36.66 -8.87 -22.85
CA SER C 293 36.75 -10.28 -22.41
C SER C 293 35.75 -11.12 -23.18
N ASN C 294 34.63 -10.51 -23.55
CA ASN C 294 33.54 -11.21 -24.21
C ASN C 294 33.42 -10.88 -25.68
N GLU C 295 34.36 -10.09 -26.19
CA GLU C 295 34.43 -9.79 -27.61
C GLU C 295 33.13 -9.21 -28.16
N LEU C 296 32.51 -8.34 -27.41
CA LEU C 296 31.27 -7.69 -27.78
C LEU C 296 31.46 -6.45 -28.65
N LYS C 297 32.70 -6.12 -29.02
CA LYS C 297 32.96 -5.01 -29.93
C LYS C 297 32.28 -5.32 -31.26
N LEU C 298 32.56 -6.52 -31.74
CA LEU C 298 32.01 -7.03 -32.97
C LEU C 298 30.49 -7.11 -32.91
N VAL C 299 29.98 -7.60 -31.78
CA VAL C 299 28.54 -7.72 -31.56
C VAL C 299 27.89 -6.34 -31.57
N MET C 300 28.51 -5.38 -30.87
CA MET C 300 28.03 -4.01 -30.88
C MET C 300 27.97 -3.48 -32.30
N LYS C 301 29.01 -3.74 -33.10
CA LYS C 301 28.97 -3.32 -34.49
C LYS C 301 27.79 -3.96 -35.21
N ASN C 302 27.64 -5.29 -35.05
CA ASN C 302 26.50 -5.99 -35.69
C ASN C 302 25.10 -5.49 -35.33
N TYR C 303 24.97 -4.85 -34.17
CA TYR C 303 23.68 -4.31 -33.72
C TYR C 303 23.51 -2.84 -34.07
N GLY C 304 24.52 -2.26 -34.71
CA GLY C 304 24.42 -0.91 -35.24
C GLY C 304 25.08 0.17 -34.41
N LEU C 305 25.93 -0.23 -33.47
CA LEU C 305 26.78 0.72 -32.76
C LEU C 305 28.12 0.91 -33.45
N VAL C 306 28.75 2.05 -33.19
CA VAL C 306 30.11 2.33 -33.67
C VAL C 306 31.02 2.29 -32.44
N PRO C 307 31.70 1.15 -32.21
CA PRO C 307 32.38 0.90 -30.94
C PRO C 307 33.26 2.05 -30.47
N GLU C 308 34.09 2.54 -31.39
CA GLU C 308 35.03 3.60 -31.11
C GLU C 308 34.38 4.87 -30.55
N GLU C 309 33.36 5.38 -31.21
CA GLU C 309 32.63 6.56 -30.74
C GLU C 309 31.78 6.24 -29.50
N ASP C 310 30.94 5.22 -29.66
CA ASP C 310 29.89 4.93 -28.68
C ASP C 310 30.42 4.42 -27.34
N ILE C 311 31.55 3.70 -27.33
CA ILE C 311 32.12 3.27 -26.04
C ILE C 311 32.59 4.52 -25.29
N THR C 312 33.18 5.47 -26.02
CA THR C 312 33.59 6.73 -25.41
C THR C 312 32.39 7.48 -24.86
N PHE C 313 31.31 7.51 -25.63
CA PHE C 313 30.06 8.09 -25.14
C PHE C 313 29.60 7.43 -23.85
N ILE C 314 29.47 6.11 -23.90
CA ILE C 314 29.05 5.31 -22.72
C ILE C 314 29.92 5.63 -21.50
N LYS C 315 31.25 5.51 -21.67
CA LYS C 315 32.18 5.82 -20.59
C LYS C 315 31.96 7.23 -20.06
N GLU C 316 31.93 8.21 -20.97
CA GLU C 316 31.73 9.61 -20.57
C GLU C 316 30.45 9.84 -19.79
N GLN C 317 29.36 9.16 -20.17
CA GLN C 317 28.11 9.30 -19.40
C GLN C 317 28.28 8.87 -17.95
N ILE C 318 29.02 7.79 -17.74
CA ILE C 318 29.25 7.26 -16.40
C ILE C 318 30.19 8.17 -15.64
N MET C 319 31.31 8.52 -16.27
CA MET C 319 32.34 9.29 -15.58
C MET C 319 32.02 10.79 -15.44
N GLY C 320 31.88 11.45 -16.57
CA GLY C 320 31.84 12.93 -16.62
C GLY C 320 32.92 13.41 -17.56
N PRO C 321 33.07 14.75 -17.72
CA PRO C 321 33.98 15.40 -18.69
C PRO C 321 35.27 14.59 -18.99
N LEU C 330 35.00 25.66 -24.91
CA LEU C 330 34.22 24.86 -25.85
C LEU C 330 33.88 23.48 -25.26
N TRP C 331 33.35 22.59 -26.10
CA TRP C 331 32.71 21.35 -25.67
C TRP C 331 33.70 20.28 -25.20
N PRO C 332 33.70 19.96 -23.88
CA PRO C 332 34.64 18.99 -23.33
C PRO C 332 34.47 17.56 -23.82
N TYR C 333 33.23 17.08 -23.89
CA TYR C 333 32.97 15.68 -24.26
C TYR C 333 33.38 15.36 -25.69
N LYS C 334 33.81 14.14 -25.92
CA LYS C 334 34.19 13.68 -27.26
C LYS C 334 33.16 12.71 -27.83
N GLY C 335 32.46 12.00 -26.96
CA GLY C 335 31.49 11.00 -27.35
C GLY C 335 30.35 11.48 -28.23
N ARG C 336 29.83 12.67 -27.94
CA ARG C 336 28.78 13.28 -28.76
C ARG C 336 28.99 14.79 -28.94
N PRO C 337 28.57 15.34 -30.08
CA PRO C 337 28.65 16.80 -30.28
C PRO C 337 27.80 17.59 -29.28
N ALA C 338 28.18 18.85 -29.05
CA ALA C 338 27.45 19.76 -28.15
C ALA C 338 25.98 19.87 -28.49
N THR C 339 25.63 19.54 -29.74
CA THR C 339 24.23 19.62 -30.18
C THR C 339 23.38 18.56 -29.48
N LYS C 340 24.01 17.46 -29.06
CA LYS C 340 23.31 16.39 -28.34
C LYS C 340 23.67 16.40 -26.86
N SER C 341 23.74 17.59 -26.25
CA SER C 341 24.24 17.73 -24.88
C SER C 341 23.35 17.10 -23.82
N PHE C 342 22.04 17.29 -23.98
CA PHE C 342 21.04 16.83 -23.01
C PHE C 342 21.20 15.37 -22.61
N LEU C 343 21.68 14.55 -23.56
CA LEU C 343 21.89 13.13 -23.31
C LEU C 343 22.77 12.87 -22.10
N TYR C 344 23.66 13.83 -21.78
CA TYR C 344 24.57 13.65 -20.65
C TYR C 344 23.90 13.93 -19.31
N GLU C 345 22.66 14.43 -19.35
CA GLU C 345 21.91 14.70 -18.12
C GLU C 345 21.02 13.52 -17.69
N ILE C 346 21.00 12.45 -18.46
CA ILE C 346 20.09 11.33 -18.19
C ILE C 346 20.57 10.40 -17.09
N VAL C 347 21.66 9.68 -17.34
CA VAL C 347 22.12 8.63 -16.44
C VAL C 347 22.76 9.24 -15.16
N SER C 348 23.81 10.04 -15.34
CA SER C 348 24.42 10.75 -14.21
C SER C 348 24.33 12.25 -14.37
N ASN C 349 23.57 12.88 -13.47
CA ASN C 349 23.43 14.33 -13.43
C ASN C 349 23.82 14.87 -12.06
N LYS C 350 25.12 15.08 -11.88
CA LYS C 350 25.66 15.54 -10.61
C LYS C 350 25.35 17.02 -10.36
N ARG C 351 24.93 17.73 -11.41
CA ARG C 351 24.57 19.15 -11.28
C ARG C 351 23.43 19.40 -10.29
N ASN C 352 22.25 18.87 -10.59
CA ASN C 352 21.04 19.15 -9.82
C ASN C 352 20.49 17.94 -9.07
N GLY C 353 21.17 16.81 -9.20
CA GLY C 353 20.74 15.58 -8.55
C GLY C 353 19.36 15.12 -8.99
N ILE C 354 19.14 15.08 -10.30
CA ILE C 354 17.88 14.56 -10.86
C ILE C 354 18.21 13.65 -12.06
N ASP C 355 18.36 12.37 -11.78
CA ASP C 355 18.71 11.39 -12.81
C ASP C 355 18.02 10.06 -12.53
N VAL C 356 18.13 9.13 -13.48
CA VAL C 356 17.40 7.88 -13.41
C VAL C 356 18.00 6.90 -12.38
N ASP C 357 19.29 7.06 -12.09
CA ASP C 357 19.95 6.29 -11.06
C ASP C 357 19.23 6.51 -9.72
N LYS C 358 19.11 7.79 -9.36
CA LYS C 358 18.42 8.19 -8.16
C LYS C 358 16.96 7.76 -8.15
N TRP C 359 16.30 7.83 -9.31
CA TRP C 359 14.92 7.41 -9.41
C TRP C 359 14.80 5.96 -9.02
N ASP C 360 15.57 5.12 -9.69
CA ASP C 360 15.52 3.69 -9.39
C ASP C 360 15.85 3.39 -7.94
N TYR C 361 17.01 3.83 -7.47
CA TYR C 361 17.39 3.41 -6.12
C TYR C 361 16.53 4.06 -5.04
N PHE C 362 15.98 5.24 -5.31
CA PHE C 362 14.97 5.81 -4.42
C PHE C 362 13.80 4.86 -4.31
N ALA C 363 13.20 4.52 -5.44
CA ALA C 363 12.01 3.67 -5.43
C ALA C 363 12.31 2.31 -4.80
N ARG C 364 13.42 1.70 -5.24
CA ARG C 364 13.81 0.38 -4.77
C ARG C 364 14.13 0.35 -3.27
N ASP C 365 14.96 1.30 -2.82
CA ASP C 365 15.31 1.35 -1.40
C ASP C 365 14.07 1.63 -0.58
N CYS C 366 13.18 2.47 -1.09
CA CYS C 366 11.88 2.68 -0.43
C CYS C 366 11.11 1.38 -0.36
N HIS C 367 11.13 0.62 -1.45
CA HIS C 367 10.48 -0.70 -1.48
C HIS C 367 10.99 -1.63 -0.40
N HIS C 368 12.30 -1.81 -0.35
CA HIS C 368 12.87 -2.80 0.58
C HIS C 368 12.99 -2.31 2.02
N LEU C 369 13.09 -1.00 2.25
CA LEU C 369 13.15 -0.49 3.62
C LEU C 369 11.77 -0.40 4.28
N GLY C 370 10.74 -0.32 3.48
CA GLY C 370 9.40 -0.10 3.99
C GLY C 370 9.14 1.38 4.16
N ILE C 371 9.27 2.10 3.04
CA ILE C 371 8.96 3.54 3.01
C ILE C 371 8.14 3.77 1.76
N GLN C 372 7.13 4.64 1.84
CA GLN C 372 6.36 4.98 0.65
C GLN C 372 6.93 6.23 0.00
N ASN C 373 7.09 6.18 -1.31
CA ASN C 373 7.85 7.16 -2.07
C ASN C 373 6.98 8.16 -2.77
N ASN C 374 7.01 9.40 -2.29
CA ASN C 374 6.13 10.46 -2.76
C ASN C 374 6.29 10.84 -4.23
N PHE C 375 7.36 10.36 -4.86
CA PHE C 375 7.73 10.81 -6.20
C PHE C 375 7.34 9.85 -7.31
N ASP C 376 6.45 10.30 -8.20
CA ASP C 376 6.07 9.53 -9.38
C ASP C 376 6.94 9.94 -10.57
N TYR C 377 7.89 9.08 -10.93
CA TYR C 377 8.82 9.36 -12.02
C TYR C 377 8.17 9.25 -13.40
N LYS C 378 7.14 8.41 -13.51
CA LYS C 378 6.42 8.22 -14.76
C LYS C 378 5.78 9.55 -15.20
N ARG C 379 5.26 10.27 -14.22
CA ARG C 379 4.67 11.57 -14.43
C ARG C 379 5.74 12.55 -14.89
N PHE C 380 6.95 12.38 -14.35
CA PHE C 380 8.06 13.24 -14.73
C PHE C 380 8.43 12.97 -16.18
N ILE C 381 8.59 11.70 -16.53
CA ILE C 381 8.98 11.33 -17.89
C ILE C 381 7.98 11.82 -18.92
N LYS C 382 6.68 11.65 -18.67
CA LYS C 382 5.70 12.19 -19.61
C LYS C 382 5.83 13.70 -19.82
N PHE C 383 6.05 14.43 -18.73
CA PHE C 383 6.14 15.89 -18.79
C PHE C 383 7.57 16.39 -18.97
N ALA C 384 8.43 15.52 -19.49
CA ALA C 384 9.82 15.87 -19.73
C ALA C 384 10.05 16.30 -21.16
N ARG C 385 10.68 17.46 -21.33
CA ARG C 385 11.01 18.01 -22.65
C ARG C 385 12.38 18.66 -22.66
N ILE C 386 13.08 18.55 -23.78
CA ILE C 386 14.28 19.36 -24.02
C ILE C 386 13.87 20.74 -24.48
N CYS C 387 14.57 21.76 -23.99
CA CYS C 387 14.39 23.11 -24.48
C CYS C 387 15.58 23.97 -24.13
N GLU C 388 15.77 25.06 -24.88
CA GLU C 388 17.00 25.84 -24.81
C GLU C 388 17.08 26.84 -23.67
N VAL C 389 18.27 27.01 -23.15
CA VAL C 389 18.59 27.96 -22.09
C VAL C 389 19.73 28.86 -22.56
N GLU C 390 19.65 30.15 -22.21
CA GLU C 390 20.76 31.08 -22.42
C GLU C 390 21.20 31.73 -21.12
N TYR C 391 22.43 31.46 -20.71
CA TYR C 391 23.05 32.19 -19.60
C TYR C 391 24.27 32.97 -20.07
N LYS C 392 24.31 34.24 -19.70
CA LYS C 392 25.37 35.16 -20.12
C LYS C 392 26.55 35.13 -19.14
N VAL C 393 27.72 34.77 -19.65
CA VAL C 393 28.96 34.84 -18.87
C VAL C 393 30.01 35.64 -19.63
N TYR C 399 29.46 37.77 -24.40
CA TYR C 399 29.49 36.32 -24.42
C TYR C 399 28.28 35.72 -23.71
N ILE C 400 27.35 35.18 -24.49
CA ILE C 400 26.19 34.45 -23.98
C ILE C 400 26.25 32.99 -24.41
N ARG C 401 26.01 32.08 -23.47
CA ARG C 401 26.05 30.64 -23.77
C ARG C 401 24.63 30.15 -24.07
N LYS C 402 24.48 29.26 -25.05
CA LYS C 402 23.17 28.70 -25.41
C LYS C 402 23.21 27.17 -25.38
N VAL C 403 22.37 26.55 -24.54
CA VAL C 403 22.42 25.08 -24.37
C VAL C 403 21.08 24.38 -24.21
N LYS C 404 21.04 23.11 -24.62
CA LYS C 404 19.87 22.26 -24.53
C LYS C 404 19.89 21.40 -23.26
N HIS C 405 19.13 21.80 -22.25
CA HIS C 405 18.99 21.00 -21.02
C HIS C 405 17.66 20.23 -21.00
N ILE C 406 17.54 19.26 -20.10
CA ILE C 406 16.26 18.55 -19.89
C ILE C 406 15.42 19.36 -18.91
N CYS C 407 14.17 19.58 -19.27
CA CYS C 407 13.28 20.45 -18.53
C CYS C 407 11.91 19.83 -18.33
N SER C 408 11.21 20.29 -17.28
CA SER C 408 9.89 19.80 -16.92
C SER C 408 8.92 20.96 -16.76
N ARG C 409 7.65 20.72 -17.06
CA ARG C 409 6.63 21.74 -16.95
C ARG C 409 6.65 22.35 -15.55
N GLU C 410 6.61 23.68 -15.49
CA GLU C 410 6.82 24.40 -14.23
C GLU C 410 5.86 23.95 -13.12
N LYS C 411 4.65 23.56 -13.50
CA LYS C 411 3.66 23.08 -12.55
C LYS C 411 3.91 21.66 -12.04
N GLU C 412 4.92 21.00 -12.58
CA GLU C 412 5.40 19.72 -12.03
C GLU C 412 6.53 19.96 -11.04
N VAL C 413 6.50 21.12 -10.39
CA VAL C 413 7.50 21.47 -9.38
C VAL C 413 7.21 20.74 -8.07
N GLY C 414 5.95 20.49 -7.82
CA GLY C 414 5.51 19.74 -6.65
C GLY C 414 6.05 18.34 -6.64
N ASN C 415 6.15 17.76 -7.82
CA ASN C 415 6.74 16.44 -7.99
C ASN C 415 8.18 16.39 -7.47
N LEU C 416 8.94 17.43 -7.76
CA LEU C 416 10.32 17.55 -7.26
C LEU C 416 10.36 17.75 -5.76
N TYR C 417 9.39 18.49 -5.22
CA TYR C 417 9.28 18.68 -3.77
C TYR C 417 9.11 17.31 -3.10
N ASP C 418 8.35 16.44 -3.76
CA ASP C 418 8.15 15.07 -3.29
C ASP C 418 9.44 14.27 -3.35
N MET C 419 10.19 14.40 -4.44
CA MET C 419 11.43 13.65 -4.63
C MET C 419 12.43 14.01 -3.54
N PHE C 420 12.63 15.29 -3.32
CA PHE C 420 13.63 15.76 -2.37
C PHE C 420 13.26 15.45 -0.94
N HIS C 421 11.97 15.36 -0.64
CA HIS C 421 11.55 14.86 0.67
C HIS C 421 11.99 13.41 0.82
N THR C 422 11.69 12.60 -0.18
CA THR C 422 12.07 11.18 -0.19
C THR C 422 13.58 11.05 -0.03
N ARG C 423 14.31 11.94 -0.72
CA ARG C 423 15.75 11.96 -0.64
C ARG C 423 16.19 12.20 0.81
N ASN C 424 15.60 13.19 1.45
CA ASN C 424 15.90 13.48 2.85
C ASN C 424 15.41 12.36 3.76
N CYS C 425 14.22 11.85 3.46
CA CYS C 425 13.63 10.77 4.25
C CYS C 425 14.55 9.54 4.26
N LEU C 426 15.08 9.20 3.09
CA LEU C 426 16.00 8.08 2.97
C LEU C 426 17.34 8.36 3.62
N HIS C 427 17.90 9.53 3.35
CA HIS C 427 19.17 9.91 3.93
C HIS C 427 19.11 9.87 5.44
N ARG C 428 18.07 10.48 6.02
CA ARG C 428 17.91 10.46 7.48
C ARG C 428 17.77 9.03 8.02
N ARG C 429 16.77 8.30 7.54
CA ARG C 429 16.41 7.02 8.13
C ARG C 429 17.39 5.89 7.83
N ALA C 430 17.93 5.85 6.61
CA ALA C 430 18.66 4.66 6.17
C ALA C 430 20.14 4.86 5.84
N TYR C 431 20.44 5.85 5.00
CA TYR C 431 21.78 5.97 4.44
C TYR C 431 22.82 6.32 5.49
N GLN C 432 22.57 7.40 6.23
CA GLN C 432 23.49 7.82 7.28
C GLN C 432 23.08 7.23 8.62
N HIS C 433 22.54 6.02 8.59
CA HIS C 433 22.09 5.34 9.81
C HIS C 433 23.28 5.00 10.69
N LYS C 434 23.18 5.38 11.96
CA LYS C 434 24.30 5.30 12.89
C LYS C 434 24.88 3.90 13.09
N ILE C 435 24.03 2.89 12.97
CA ILE C 435 24.45 1.49 13.12
C ILE C 435 24.96 0.88 11.81
N SER C 436 24.23 1.12 10.72
CA SER C 436 24.66 0.68 9.39
C SER C 436 26.09 1.09 9.12
N ASN C 437 26.37 2.37 9.36
CA ASN C 437 27.70 2.92 9.20
C ASN C 437 28.69 2.25 10.15
N LEU C 438 28.23 1.94 11.37
CA LEU C 438 29.07 1.26 12.34
C LEU C 438 29.50 -0.09 11.75
N ILE C 439 28.53 -0.82 11.20
CA ILE C 439 28.82 -2.10 10.56
C ILE C 439 29.76 -1.95 9.37
N ASP C 440 29.51 -0.94 8.54
CA ASP C 440 30.46 -0.63 7.46
C ASP C 440 31.87 -0.40 7.99
N ILE C 441 31.95 0.33 9.09
CA ILE C 441 33.22 0.65 9.71
C ILE C 441 33.90 -0.62 10.20
N MET C 442 33.12 -1.49 10.84
CA MET C 442 33.68 -2.76 11.33
C MET C 442 34.14 -3.68 10.20
N ILE C 443 33.33 -3.77 9.14
CA ILE C 443 33.72 -4.59 7.98
C ILE C 443 34.99 -4.01 7.37
N THR C 444 35.02 -2.69 7.22
CA THR C 444 36.24 -2.01 6.77
C THR C 444 37.46 -2.37 7.64
N ASP C 445 37.28 -2.22 8.95
CA ASP C 445 38.34 -2.58 9.91
C ASP C 445 38.84 -4.00 9.70
N ALA C 446 37.90 -4.93 9.61
CA ALA C 446 38.23 -6.34 9.36
C ALA C 446 39.01 -6.49 8.06
N PHE C 447 38.51 -5.84 7.00
CA PHE C 447 39.19 -5.87 5.70
C PHE C 447 40.61 -5.35 5.80
N LEU C 448 40.77 -4.23 6.47
CA LEU C 448 42.08 -3.66 6.72
C LEU C 448 42.99 -4.67 7.41
N LYS C 449 42.47 -5.35 8.44
CA LYS C 449 43.27 -6.37 9.11
C LYS C 449 43.44 -7.64 8.29
N ALA C 450 42.55 -7.86 7.34
CA ALA C 450 42.63 -9.02 6.43
C ALA C 450 43.44 -8.73 5.18
N ASP C 451 43.52 -7.44 4.81
CA ASP C 451 44.08 -7.03 3.52
C ASP C 451 45.44 -7.62 3.15
N PRO C 452 46.38 -7.67 4.10
CA PRO C 452 47.73 -8.16 3.76
C PRO C 452 47.84 -9.60 3.34
N TYR C 453 46.91 -10.45 3.78
CA TYR C 453 47.05 -11.91 3.64
C TYR C 453 46.18 -12.49 2.54
N VAL C 454 45.05 -11.88 2.27
CA VAL C 454 44.13 -12.41 1.25
C VAL C 454 44.71 -12.14 -0.13
N GLU C 455 45.00 -13.21 -0.86
CA GLU C 455 45.47 -13.13 -2.24
C GLU C 455 44.31 -13.33 -3.21
N ILE C 456 44.30 -12.53 -4.27
CA ILE C 456 43.31 -12.60 -5.33
C ILE C 456 44.03 -12.51 -6.67
N THR C 457 43.91 -13.57 -7.48
CA THR C 457 44.63 -13.63 -8.74
C THR C 457 43.92 -12.87 -9.85
N GLY C 458 44.70 -12.07 -10.61
CA GLY C 458 44.16 -11.31 -11.74
C GLY C 458 44.68 -11.84 -13.06
N THR C 459 44.89 -10.94 -14.02
CA THR C 459 45.38 -11.33 -15.33
C THR C 459 46.79 -11.88 -15.22
N ALA C 460 47.04 -12.99 -15.90
CA ALA C 460 48.32 -13.72 -15.82
C ALA C 460 48.56 -14.34 -14.46
N GLY C 461 47.53 -14.35 -13.61
CA GLY C 461 47.62 -14.99 -12.31
C GLY C 461 48.47 -14.24 -11.30
N LYS C 462 48.73 -12.96 -11.60
CA LYS C 462 49.41 -12.08 -10.67
C LYS C 462 48.52 -11.94 -9.43
N LYS C 463 49.10 -12.14 -8.25
CA LYS C 463 48.33 -12.09 -7.01
C LYS C 463 48.08 -10.62 -6.62
N PHE C 464 46.87 -10.33 -6.16
CA PHE C 464 46.51 -8.99 -5.69
C PHE C 464 45.90 -9.07 -4.29
N ARG C 465 46.03 -8.00 -3.54
CA ARG C 465 45.39 -7.90 -2.23
C ARG C 465 44.00 -7.30 -2.43
N ILE C 466 43.17 -7.40 -1.42
CA ILE C 466 41.82 -6.85 -1.48
C ILE C 466 41.82 -5.43 -1.98
N SER C 467 42.74 -4.64 -1.43
CA SER C 467 42.84 -3.21 -1.73
C SER C 467 43.34 -2.91 -3.14
N THR C 468 44.08 -3.85 -3.71
CA THR C 468 44.75 -3.63 -5.00
C THR C 468 44.07 -4.34 -6.17
N ALA C 469 43.03 -5.13 -5.88
CA ALA C 469 42.29 -5.79 -6.94
C ALA C 469 41.67 -4.77 -7.89
N ILE C 470 41.36 -3.57 -7.36
CA ILE C 470 40.83 -2.48 -8.20
C ILE C 470 41.76 -2.09 -9.36
N ASP C 471 43.02 -2.51 -9.26
CA ASP C 471 44.00 -2.21 -10.30
C ASP C 471 43.95 -3.18 -11.46
N ASP C 472 43.41 -4.36 -11.22
CA ASP C 472 43.25 -5.37 -12.27
C ASP C 472 41.81 -5.86 -12.34
N MET C 473 41.15 -5.61 -13.47
CA MET C 473 39.73 -5.93 -13.60
C MET C 473 39.42 -7.43 -13.46
N GLU C 474 40.36 -8.26 -13.89
CA GLU C 474 40.14 -9.70 -13.90
C GLU C 474 40.27 -10.27 -12.49
N ALA C 475 40.91 -9.50 -11.61
CA ALA C 475 40.91 -9.81 -10.19
C ALA C 475 39.67 -9.23 -9.55
N PHE C 476 39.43 -7.94 -9.82
CA PHE C 476 38.26 -7.24 -9.28
C PHE C 476 36.94 -7.94 -9.62
N THR C 477 36.91 -8.65 -10.75
CA THR C 477 35.72 -9.39 -11.15
C THR C 477 35.35 -10.45 -10.09
N LYS C 478 36.37 -10.93 -9.35
CA LYS C 478 36.16 -11.98 -8.36
C LYS C 478 35.87 -11.39 -6.99
N LEU C 479 36.06 -10.09 -6.85
CA LEU C 479 35.88 -9.42 -5.56
C LEU C 479 34.45 -9.02 -5.31
N THR C 480 33.81 -9.71 -4.36
CA THR C 480 32.39 -9.51 -4.05
C THR C 480 32.19 -9.51 -2.53
N ASP C 481 30.94 -9.40 -2.10
CA ASP C 481 30.62 -9.42 -0.68
C ASP C 481 31.09 -10.70 0.00
N ASN C 482 31.15 -11.78 -0.77
CA ASN C 482 31.39 -13.10 -0.21
C ASN C 482 32.77 -13.16 0.45
N ILE C 483 33.67 -12.28 0.02
CA ILE C 483 34.99 -12.13 0.64
C ILE C 483 34.83 -11.97 2.17
N PHE C 484 33.70 -11.41 2.58
CA PHE C 484 33.27 -11.41 3.97
C PHE C 484 33.33 -12.80 4.57
N LEU C 485 32.68 -13.77 3.92
CA LEU C 485 32.64 -15.14 4.46
C LEU C 485 33.94 -15.87 4.29
N GLU C 486 34.65 -15.56 3.21
CA GLU C 486 35.93 -16.22 2.92
C GLU C 486 36.92 -15.97 4.03
N VAL C 487 37.04 -14.71 4.44
CA VAL C 487 37.83 -14.35 5.61
C VAL C 487 37.30 -15.08 6.83
N LEU C 488 36.00 -14.90 7.09
CA LEU C 488 35.33 -15.46 8.27
C LEU C 488 35.54 -16.99 8.39
N HIS C 489 35.58 -17.68 7.27
CA HIS C 489 35.72 -19.13 7.25
C HIS C 489 37.16 -19.61 7.14
N SER C 490 38.11 -18.70 6.98
CA SER C 490 39.48 -19.10 6.68
C SER C 490 40.15 -19.82 7.84
N THR C 491 40.95 -20.82 7.49
CA THR C 491 41.69 -21.61 8.48
C THR C 491 43.08 -21.01 8.68
N ASP C 492 43.49 -20.12 7.77
CA ASP C 492 44.77 -19.42 7.88
C ASP C 492 44.76 -18.61 9.18
N PRO C 493 45.75 -18.86 10.07
CA PRO C 493 45.72 -18.19 11.36
C PRO C 493 46.19 -16.73 11.36
N GLN C 494 46.59 -16.22 10.19
CA GLN C 494 46.97 -14.82 10.06
C GLN C 494 45.76 -13.91 10.05
N LEU C 495 44.61 -14.49 9.76
CA LEU C 495 43.36 -13.77 9.65
C LEU C 495 42.53 -13.78 10.93
N SER C 496 43.04 -14.49 11.95
CA SER C 496 42.36 -14.63 13.22
C SER C 496 41.92 -13.27 13.75
N GLU C 497 42.78 -12.27 13.54
CA GLU C 497 42.48 -10.91 13.88
C GLU C 497 41.26 -10.40 13.11
N ALA C 498 41.24 -10.66 11.81
CA ALA C 498 40.17 -10.18 10.94
C ALA C 498 38.87 -10.93 11.20
N GLN C 499 38.97 -12.23 11.43
CA GLN C 499 37.82 -13.08 11.64
C GLN C 499 37.04 -12.61 12.85
N SER C 500 37.75 -12.44 13.95
CA SER C 500 37.17 -12.10 15.23
C SER C 500 36.30 -10.85 15.13
N ILE C 501 36.70 -9.92 14.28
CA ILE C 501 35.90 -8.73 14.02
C ILE C 501 34.62 -9.13 13.30
N LEU C 502 34.72 -10.05 12.35
CA LEU C 502 33.56 -10.47 11.56
C LEU C 502 32.61 -11.31 12.41
N ARG C 503 33.15 -12.10 13.31
CA ARG C 503 32.34 -12.89 14.23
C ARG C 503 31.57 -11.96 15.15
N ASN C 504 32.21 -10.86 15.53
CA ASN C 504 31.57 -9.87 16.40
C ASN C 504 30.38 -9.21 15.72
N ILE C 505 30.51 -8.93 14.42
CA ILE C 505 29.39 -8.41 13.65
C ILE C 505 28.27 -9.43 13.64
N GLU C 506 28.63 -10.69 13.45
CA GLU C 506 27.66 -11.77 13.40
C GLU C 506 26.97 -11.97 14.76
N CYS C 507 27.71 -11.81 15.84
CA CYS C 507 27.18 -11.98 17.20
C CYS C 507 26.81 -10.66 17.84
N ARG C 508 26.63 -9.63 17.00
CA ARG C 508 26.08 -8.35 17.44
C ARG C 508 26.86 -7.74 18.61
N ASN C 509 28.18 -7.84 18.56
CA ASN C 509 29.09 -7.30 19.55
C ASN C 509 29.86 -6.13 18.96
N LEU C 510 29.13 -5.08 18.62
CA LEU C 510 29.69 -3.97 17.85
C LEU C 510 30.31 -2.92 18.76
N TYR C 511 31.12 -2.05 18.18
CA TYR C 511 31.64 -0.88 18.90
C TYR C 511 30.46 -0.10 19.45
N LYS C 512 30.58 0.39 20.68
CA LYS C 512 29.47 1.13 21.32
C LYS C 512 29.48 2.57 20.87
N TYR C 513 28.29 3.05 20.49
CA TYR C 513 28.10 4.37 19.91
C TYR C 513 27.94 5.42 21.00
N LEU C 514 28.93 6.30 21.14
CA LEU C 514 28.95 7.28 22.22
C LEU C 514 27.98 8.42 21.97
N GLY C 515 27.76 8.71 20.70
CA GLY C 515 26.87 9.77 20.31
C GLY C 515 27.28 10.57 19.11
N GLU C 516 26.40 11.49 18.76
CA GLU C 516 26.56 12.39 17.61
C GLU C 516 26.83 13.80 18.11
N THR C 517 27.50 14.60 17.31
CA THR C 517 27.72 16.00 17.61
C THR C 517 27.77 16.83 16.35
N GLN C 518 27.55 18.13 16.53
CA GLN C 518 27.46 19.07 15.43
C GLN C 518 28.44 20.23 15.66
N PRO C 519 29.13 20.67 14.59
CA PRO C 519 30.01 21.82 14.73
C PRO C 519 29.28 23.15 14.65
N LYS C 520 29.51 24.03 15.62
CA LYS C 520 28.80 25.30 15.70
C LYS C 520 29.10 26.22 14.51
N ARG C 521 30.36 26.29 14.12
CA ARG C 521 30.74 27.10 12.95
C ARG C 521 31.85 26.45 12.18
N GLU C 522 31.94 26.81 10.90
CA GLU C 522 32.89 26.16 9.99
C GLU C 522 32.67 24.65 10.02
N LYS C 523 33.63 23.91 9.48
CA LYS C 523 33.56 22.45 9.49
C LYS C 523 34.95 21.90 9.72
N ILE C 524 35.09 20.60 9.57
CA ILE C 524 36.36 19.92 9.80
C ILE C 524 37.00 19.69 8.46
N ARG C 525 38.19 20.24 8.30
CA ARG C 525 38.97 20.07 7.09
C ARG C 525 39.08 18.57 6.79
N LYS C 526 38.88 18.25 5.53
CA LYS C 526 38.93 16.86 5.05
C LYS C 526 40.29 16.29 5.46
N GLU C 527 41.26 17.18 5.64
CA GLU C 527 42.63 16.86 6.04
C GLU C 527 42.65 16.42 7.49
N GLU C 528 41.89 17.16 8.29
CA GLU C 528 41.92 17.11 9.75
C GLU C 528 41.39 15.82 10.33
N TYR C 529 40.83 14.95 9.49
CA TYR C 529 40.17 13.74 9.96
C TYR C 529 41.06 12.80 10.77
N GLU C 530 42.21 12.44 10.20
CA GLU C 530 43.06 11.41 10.83
C GLU C 530 43.44 11.77 12.27
N ARG C 531 43.39 13.06 12.59
CA ARG C 531 43.72 13.54 13.91
C ARG C 531 42.66 13.24 14.96
N LEU C 532 41.40 13.21 14.52
CA LEU C 532 40.26 13.28 15.46
C LEU C 532 40.22 12.22 16.59
N PRO C 533 40.47 10.93 16.26
CA PRO C 533 40.41 9.89 17.31
C PRO C 533 41.37 10.16 18.46
N GLN C 534 42.51 10.73 18.14
CA GLN C 534 43.50 11.13 19.14
C GLN C 534 43.00 12.28 20.02
N GLU C 535 42.55 13.35 19.37
CA GLU C 535 42.08 14.52 20.09
C GLU C 535 41.06 14.07 21.13
N VAL C 536 40.20 13.14 20.73
CA VAL C 536 39.18 12.59 21.61
C VAL C 536 39.82 11.79 22.74
N ALA C 537 40.80 10.96 22.39
CA ALA C 537 41.51 10.16 23.37
C ALA C 537 42.23 11.03 24.38
N LYS C 538 42.99 11.99 23.87
CA LYS C 538 43.87 12.81 24.67
C LYS C 538 43.11 13.87 25.48
N ALA C 539 41.93 14.30 25.00
CA ALA C 539 41.06 15.14 25.83
C ALA C 539 40.61 14.37 27.09
N LYS C 540 41.03 14.83 28.26
CA LYS C 540 40.69 14.17 29.53
C LYS C 540 39.72 14.99 30.35
N PRO C 541 38.83 14.34 31.11
CA PRO C 541 37.78 15.08 31.85
C PRO C 541 38.28 15.70 33.15
N VAL C 547 41.79 6.08 33.58
CA VAL C 547 41.74 4.91 32.70
C VAL C 547 42.54 5.20 31.41
N GLU C 548 43.32 4.25 30.95
CA GLU C 548 44.02 4.44 29.70
C GLU C 548 43.11 4.28 28.53
N LEU C 549 43.09 5.29 27.66
CA LEU C 549 42.33 5.21 26.44
C LEU C 549 43.20 5.61 25.26
N LYS C 550 43.69 4.62 24.52
CA LYS C 550 44.49 4.89 23.34
C LYS C 550 43.64 5.48 22.22
N ALA C 551 44.28 6.19 21.30
CA ALA C 551 43.59 6.83 20.21
C ALA C 551 42.88 5.84 19.29
N GLU C 552 43.42 4.63 19.25
CA GLU C 552 42.90 3.56 18.42
C GLU C 552 41.58 3.05 18.95
N ASP C 553 41.35 3.23 20.25
CA ASP C 553 40.11 2.81 20.89
C ASP C 553 38.88 3.59 20.40
N PHE C 554 39.11 4.63 19.62
CA PHE C 554 38.04 5.50 19.11
C PHE C 554 37.93 5.51 17.60
N ILE C 555 36.69 5.64 17.13
CA ILE C 555 36.43 6.01 15.74
C ILE C 555 35.59 7.27 15.73
N VAL C 556 36.08 8.27 14.98
CA VAL C 556 35.28 9.47 14.73
C VAL C 556 34.83 9.42 13.28
N ASP C 557 33.53 9.55 13.06
CA ASP C 557 32.93 9.39 11.76
C ASP C 557 32.25 10.70 11.38
N VAL C 558 32.87 11.39 10.44
CA VAL C 558 32.36 12.69 9.97
C VAL C 558 31.47 12.46 8.74
N ILE C 559 30.33 13.12 8.70
CA ILE C 559 29.32 12.93 7.68
C ILE C 559 28.82 14.27 7.14
N ASN C 560 28.82 14.41 5.82
CA ASN C 560 28.39 15.66 5.18
C ASN C 560 27.00 15.55 4.55
N VAL C 561 26.09 16.40 5.03
CA VAL C 561 24.67 16.34 4.68
C VAL C 561 24.33 16.66 3.23
N ASP C 562 25.03 17.62 2.65
CA ASP C 562 24.75 18.07 1.27
C ASP C 562 23.35 18.69 1.12
N ARG C 573 21.52 23.35 -11.34
CA ARG C 573 20.18 23.16 -10.84
C ARG C 573 19.18 22.78 -11.96
N VAL C 574 17.89 22.96 -11.70
CA VAL C 574 16.83 22.44 -12.58
C VAL C 574 16.14 23.58 -13.33
N HIS C 575 15.66 23.29 -14.53
CA HIS C 575 15.05 24.30 -15.41
C HIS C 575 13.67 23.87 -15.88
N PHE C 576 12.76 24.82 -16.02
CA PHE C 576 11.36 24.52 -16.37
C PHE C 576 10.92 25.18 -17.67
N TYR C 577 9.80 24.71 -18.23
CA TYR C 577 9.21 25.31 -19.43
C TYR C 577 7.74 25.63 -19.21
N GLU C 603 25.11 20.43 6.24
CA GLU C 603 25.75 20.49 7.54
C GLU C 603 26.79 19.39 7.71
N GLN C 604 27.22 19.19 8.96
CA GLN C 604 28.17 18.15 9.31
C GLN C 604 27.67 17.40 10.53
N LEU C 605 27.73 16.08 10.45
CA LEU C 605 27.40 15.21 11.57
C LEU C 605 28.65 14.45 11.98
N ILE C 606 28.97 14.50 13.28
CA ILE C 606 30.13 13.76 13.78
C ILE C 606 29.70 12.70 14.79
N ARG C 607 29.94 11.44 14.45
CA ARG C 607 29.59 10.33 15.37
C ARG C 607 30.84 9.74 15.96
N VAL C 608 30.83 9.50 17.28
CA VAL C 608 31.99 8.85 17.90
C VAL C 608 31.64 7.47 18.45
N TYR C 609 32.42 6.47 18.02
CA TYR C 609 32.26 5.10 18.54
C TYR C 609 33.52 4.71 19.32
N CYS C 610 33.35 3.93 20.37
CA CYS C 610 34.49 3.41 21.16
C CYS C 610 34.60 1.90 21.02
N LYS C 611 35.80 1.43 20.70
CA LYS C 611 36.05 0.00 20.52
C LYS C 611 36.03 -0.78 21.83
N LYS C 612 36.68 -0.25 22.88
CA LYS C 612 36.68 -0.89 24.18
C LYS C 612 35.29 -0.95 24.79
N LYS C 613 34.82 -2.17 25.07
CA LYS C 613 33.40 -2.42 25.39
C LYS C 613 33.15 -2.72 26.86
N ASP C 614 34.16 -2.61 27.71
CA ASP C 614 33.95 -2.76 29.16
C ASP C 614 33.32 -1.48 29.69
N GLY C 615 32.59 -1.60 30.80
CA GLY C 615 31.83 -0.49 31.36
C GLY C 615 32.61 0.78 31.70
N LYS C 616 33.66 0.61 32.48
CA LYS C 616 34.42 1.74 32.99
C LYS C 616 35.15 2.49 31.87
N SER C 617 35.78 1.74 30.98
CA SER C 617 36.41 2.32 29.80
C SER C 617 35.39 3.09 28.95
N LEU C 618 34.19 2.52 28.87
CA LEU C 618 33.13 3.11 28.09
C LEU C 618 32.67 4.43 28.73
N ASP C 619 32.52 4.43 30.06
CA ASP C 619 32.33 5.67 30.80
C ASP C 619 33.40 6.71 30.46
N ALA C 620 34.65 6.29 30.63
CA ALA C 620 35.79 7.17 30.34
C ALA C 620 35.71 7.75 28.92
N ALA C 621 35.41 6.90 27.95
CA ALA C 621 35.31 7.31 26.57
C ALA C 621 34.16 8.30 26.37
N GLY C 622 33.03 8.00 27.01
CA GLY C 622 31.90 8.93 26.98
C GLY C 622 32.32 10.31 27.43
N LYS C 623 32.93 10.36 28.60
CA LYS C 623 33.35 11.66 29.13
C LYS C 623 34.45 12.32 28.30
N HIS C 624 35.35 11.51 27.76
CA HIS C 624 36.33 12.00 26.80
C HIS C 624 35.64 12.71 25.64
N PHE C 625 34.63 12.03 25.07
CA PHE C 625 33.88 12.62 23.98
C PHE C 625 33.18 13.91 24.36
N VAL C 626 32.53 13.92 25.53
CA VAL C 626 31.95 15.17 26.04
C VAL C 626 32.98 16.28 26.10
N GLN C 627 34.13 16.00 26.72
CA GLN C 627 35.17 17.03 26.86
C GLN C 627 35.69 17.49 25.51
N TRP C 628 35.88 16.54 24.59
CA TRP C 628 36.31 16.91 23.23
C TRP C 628 35.30 17.82 22.57
N CYS C 629 34.02 17.48 22.73
CA CYS C 629 32.95 18.33 22.20
C CYS C 629 32.98 19.72 22.81
N ALA C 630 33.10 19.78 24.14
CA ALA C 630 33.19 21.05 24.83
C ALA C 630 34.39 21.86 24.35
N LEU C 631 35.51 21.19 24.18
CA LEU C 631 36.77 21.84 23.85
C LEU C 631 36.72 22.49 22.47
N ARG C 632 36.17 21.77 21.49
CA ARG C 632 36.06 22.27 20.12
C ARG C 632 34.85 23.17 19.94
N ASP C 633 34.16 23.45 21.04
CA ASP C 633 32.96 24.28 20.99
C ASP C 633 31.93 23.62 20.08
N PHE C 634 31.67 22.35 20.33
CA PHE C 634 30.68 21.58 19.60
C PHE C 634 29.41 21.45 20.42
N THR C 635 28.34 21.02 19.75
CA THR C 635 27.08 20.74 20.41
C THR C 635 27.26 19.73 21.54
N LYS C 636 26.43 19.86 22.56
CA LYS C 636 26.33 18.87 23.63
C LYS C 636 25.96 17.52 23.00
N PRO C 637 26.78 16.47 23.21
CA PRO C 637 26.50 15.18 22.57
C PRO C 637 25.08 14.67 22.80
N GLN C 638 24.48 14.12 21.73
CA GLN C 638 23.11 13.58 21.71
C GLN C 638 22.34 13.63 23.04
N THR D 86 25.52 3.45 34.70
CA THR D 86 25.78 2.43 33.64
C THR D 86 24.51 1.65 33.34
N ASP D 87 24.61 0.70 32.42
CA ASP D 87 23.51 -0.21 32.10
C ASP D 87 23.66 -1.52 32.85
N LEU D 88 22.58 -2.28 32.99
CA LEU D 88 22.67 -3.64 33.50
C LEU D 88 23.30 -4.50 32.42
N ARG D 89 23.17 -4.05 31.16
CA ARG D 89 23.72 -4.74 30.02
C ARG D 89 25.24 -4.92 30.13
N THR D 90 25.91 -3.92 30.70
CA THR D 90 27.35 -4.01 30.91
C THR D 90 27.75 -4.90 32.10
N TRP D 91 26.80 -5.16 33.01
CA TRP D 91 27.12 -5.83 34.26
C TRP D 91 27.45 -7.31 34.10
N GLU D 92 28.62 -7.70 34.57
CA GLU D 92 28.99 -9.11 34.70
C GLU D 92 28.19 -9.68 35.89
N PRO D 93 28.22 -11.01 36.08
CA PRO D 93 27.56 -11.57 37.26
C PRO D 93 28.08 -11.04 38.60
N GLU D 94 29.40 -10.89 38.71
CA GLU D 94 29.99 -10.38 39.94
C GLU D 94 29.48 -8.97 40.24
N ASP D 95 29.27 -8.19 39.18
CA ASP D 95 28.73 -6.84 39.31
C ASP D 95 27.34 -6.90 39.89
N VAL D 96 26.55 -7.86 39.42
CA VAL D 96 25.21 -8.10 39.95
C VAL D 96 25.30 -8.49 41.42
N CYS D 97 26.27 -9.34 41.72
CA CYS D 97 26.50 -9.72 43.13
C CYS D 97 26.81 -8.51 44.00
N SER D 98 27.67 -7.62 43.49
CA SER D 98 28.03 -6.42 44.23
C SER D 98 26.82 -5.51 44.39
N PHE D 99 26.04 -5.35 43.31
CA PHE D 99 24.80 -4.59 43.38
C PHE D 99 23.86 -5.18 44.43
N LEU D 100 23.73 -6.50 44.44
CA LEU D 100 22.88 -7.19 45.42
C LEU D 100 23.37 -6.93 46.83
N GLU D 101 24.69 -7.04 47.03
CA GLU D 101 25.28 -6.80 48.35
C GLU D 101 25.06 -5.37 48.82
N ASN D 102 25.43 -4.39 47.99
CA ASN D 102 25.33 -2.99 48.39
C ASN D 102 23.89 -2.49 48.45
N ARG D 103 22.94 -3.36 48.11
CA ARG D 103 21.52 -3.07 48.28
C ARG D 103 20.93 -3.83 49.47
N GLY D 104 21.77 -4.60 50.17
CA GLY D 104 21.33 -5.26 51.41
C GLY D 104 21.36 -6.79 51.43
N PHE D 105 21.44 -7.42 50.27
CA PHE D 105 21.50 -8.89 50.22
C PHE D 105 22.93 -9.38 50.27
N ARG D 106 23.42 -9.64 51.48
CA ARG D 106 24.84 -9.91 51.73
C ARG D 106 25.16 -11.37 52.07
N GLU D 107 24.19 -12.25 51.91
CA GLU D 107 24.32 -13.64 52.31
C GLU D 107 24.94 -14.45 51.17
N LYS D 108 26.11 -15.04 51.44
CA LYS D 108 26.94 -15.62 50.39
C LYS D 108 26.27 -16.69 49.52
N LYS D 109 25.34 -17.44 50.10
CA LYS D 109 24.62 -18.44 49.34
C LYS D 109 23.85 -17.80 48.18
N VAL D 110 23.12 -16.73 48.49
CA VAL D 110 22.34 -16.01 47.47
C VAL D 110 23.25 -15.41 46.40
N LEU D 111 24.43 -14.93 46.80
CA LEU D 111 25.41 -14.43 45.83
C LEU D 111 25.97 -15.57 44.99
N ASP D 112 26.15 -16.71 45.62
CA ASP D 112 26.65 -17.90 44.95
C ASP D 112 25.64 -18.40 43.92
N ILE D 113 24.35 -18.31 44.25
CA ILE D 113 23.30 -18.59 43.25
C ILE D 113 23.58 -17.81 41.97
N PHE D 114 23.80 -16.51 42.13
CA PHE D 114 24.00 -15.61 40.98
C PHE D 114 25.30 -15.87 40.25
N ARG D 115 26.39 -16.11 41.00
CA ARG D 115 27.66 -16.46 40.37
C ARG D 115 27.51 -17.77 39.59
N ASP D 116 26.87 -18.77 40.19
CA ASP D 116 26.74 -20.10 39.58
C ASP D 116 25.97 -20.09 38.27
N ASN D 117 24.83 -19.40 38.25
CA ASN D 117 23.97 -19.36 37.08
C ASN D 117 24.35 -18.28 36.09
N LYS D 118 25.45 -17.58 36.36
CA LYS D 118 25.98 -16.60 35.42
C LYS D 118 24.91 -15.60 35.01
N ILE D 119 24.19 -15.13 36.03
CA ILE D 119 23.12 -14.17 35.85
C ILE D 119 23.68 -12.78 35.64
N ALA D 120 24.08 -12.49 34.40
CA ALA D 120 24.53 -11.15 34.04
C ALA D 120 23.38 -10.17 34.22
N GLY D 121 23.68 -8.88 34.22
CA GLY D 121 22.69 -7.86 34.50
C GLY D 121 21.44 -7.89 33.63
N SER D 122 21.60 -8.17 32.35
CA SER D 122 20.50 -8.10 31.40
C SER D 122 19.31 -8.99 31.78
N PHE D 123 19.55 -10.03 32.56
CA PHE D 123 18.46 -10.92 32.99
C PHE D 123 17.61 -10.31 34.10
N LEU D 124 18.19 -9.38 34.87
CA LEU D 124 17.57 -8.94 36.13
C LEU D 124 16.11 -8.52 36.01
N PRO D 125 15.77 -7.69 35.02
CA PRO D 125 14.37 -7.27 34.94
C PRO D 125 13.41 -8.37 34.45
N PHE D 126 13.92 -9.56 34.21
CA PHE D 126 13.10 -10.69 33.77
C PHE D 126 12.99 -11.76 34.85
N LEU D 127 13.50 -11.45 36.03
CA LEU D 127 13.42 -12.36 37.16
C LEU D 127 12.04 -12.24 37.83
N ASP D 128 11.59 -13.36 38.36
CA ASP D 128 10.27 -13.49 38.95
C ASP D 128 10.41 -13.80 40.43
N GLU D 129 9.30 -13.68 41.15
CA GLU D 129 9.25 -14.21 42.50
C GLU D 129 9.48 -15.71 42.41
N ASP D 130 8.86 -16.32 41.41
CA ASP D 130 8.97 -17.76 41.18
C ASP D 130 10.33 -18.15 40.67
N ARG D 131 10.96 -17.28 39.88
CA ARG D 131 12.31 -17.56 39.39
C ARG D 131 13.30 -17.49 40.54
N LEU D 132 13.17 -16.44 41.36
CA LEU D 132 14.05 -16.31 42.52
C LEU D 132 13.81 -17.45 43.49
N GLU D 133 12.55 -17.87 43.57
CA GLU D 133 12.21 -19.11 44.28
C GLU D 133 12.94 -20.32 43.72
N ASP D 134 12.84 -20.52 42.42
CA ASP D 134 13.42 -21.70 41.78
C ASP D 134 14.94 -21.72 41.81
N LEU D 135 15.55 -20.55 41.65
CA LEU D 135 17.00 -20.40 41.71
C LEU D 135 17.48 -20.82 43.09
N GLY D 136 16.64 -20.56 44.09
CA GLY D 136 16.89 -21.02 45.44
C GLY D 136 17.06 -19.91 46.46
N VAL D 137 16.08 -19.02 46.52
CA VAL D 137 15.91 -18.14 47.67
C VAL D 137 14.50 -18.43 48.19
N SER D 138 14.41 -19.04 49.38
CA SER D 138 13.12 -19.54 49.90
C SER D 138 12.48 -18.53 50.83
N SER D 139 12.98 -17.31 50.80
CA SER D 139 12.54 -16.21 51.65
C SER D 139 11.45 -15.41 50.95
N LEU D 140 10.20 -15.73 51.25
CA LEU D 140 9.04 -15.15 50.59
C LEU D 140 9.08 -13.64 50.47
N GLU D 141 9.64 -13.00 51.49
CA GLU D 141 9.70 -11.54 51.51
C GLU D 141 11.00 -11.01 50.89
N GLU D 142 12.09 -11.78 51.00
CA GLU D 142 13.33 -11.36 50.39
C GLU D 142 13.18 -11.24 48.88
N ARG D 143 12.43 -12.16 48.29
CA ARG D 143 12.19 -12.19 46.86
C ARG D 143 11.50 -10.91 46.43
N LYS D 144 10.49 -10.51 47.21
CA LYS D 144 9.73 -9.29 46.95
C LYS D 144 10.65 -8.08 46.93
N LYS D 145 11.48 -7.94 47.95
CA LYS D 145 12.39 -6.81 48.02
C LYS D 145 13.45 -6.87 46.94
N MET D 146 13.92 -8.06 46.60
CA MET D 146 14.85 -8.25 45.49
C MET D 146 14.24 -7.66 44.22
N ILE D 147 13.01 -8.11 43.92
CA ILE D 147 12.31 -7.61 42.75
C ILE D 147 12.07 -6.10 42.87
N GLU D 148 11.77 -5.62 44.07
CA GLU D 148 11.64 -4.17 44.30
C GLU D 148 12.92 -3.46 43.87
N CYS D 149 14.07 -3.93 44.36
CA CYS D 149 15.36 -3.36 43.99
C CYS D 149 15.52 -3.35 42.47
N ILE D 150 15.19 -4.47 41.85
CA ILE D 150 15.25 -4.54 40.39
C ILE D 150 14.26 -3.57 39.72
N GLN D 151 13.11 -3.36 40.34
CA GLN D 151 12.12 -2.43 39.79
C GLN D 151 12.58 -0.98 39.91
N GLN D 152 13.24 -0.64 41.02
CA GLN D 152 13.77 0.71 41.23
C GLN D 152 14.69 1.16 40.09
N LEU D 153 15.34 0.21 39.43
CA LEU D 153 16.33 0.55 38.40
C LEU D 153 15.76 1.26 37.19
N SER D 154 16.62 2.05 36.54
CA SER D 154 16.30 2.77 35.32
C SER D 154 15.72 1.83 34.26
N GLN D 155 16.46 0.77 33.93
CA GLN D 155 16.12 -0.08 32.81
C GLN D 155 15.16 -1.20 33.17
N SER D 156 14.05 -1.29 32.43
CA SER D 156 12.98 -2.27 32.71
C SER D 156 12.94 -3.38 31.65
N ARG D 157 11.91 -4.22 31.71
CA ARG D 157 11.74 -5.32 30.78
C ARG D 157 11.68 -4.90 29.32
N ILE D 158 10.70 -4.08 28.98
CA ILE D 158 10.47 -3.75 27.57
C ILE D 158 11.61 -2.84 27.09
N ASP D 159 12.41 -2.34 28.03
CA ASP D 159 13.60 -1.55 27.70
C ASP D 159 14.71 -2.44 27.12
N LEU D 160 14.47 -3.75 27.11
CA LEU D 160 15.44 -4.68 26.60
C LEU D 160 14.92 -5.51 25.43
N MET D 161 13.71 -5.20 24.99
CA MET D 161 13.18 -5.81 23.75
C MET D 161 13.91 -5.24 22.56
N LYS D 162 13.89 -5.94 21.45
CA LYS D 162 14.49 -5.39 20.22
C LYS D 162 13.52 -5.30 19.07
N VAL D 163 13.51 -4.12 18.44
CA VAL D 163 12.54 -3.81 17.37
C VAL D 163 13.15 -3.86 15.98
N PHE D 164 12.70 -4.79 15.17
CA PHE D 164 13.02 -4.83 13.74
C PHE D 164 12.01 -4.04 12.93
N ASN D 165 12.52 -3.38 11.89
CA ASN D 165 11.70 -2.83 10.83
C ASN D 165 11.70 -3.74 9.59
N ASP D 166 10.62 -4.49 9.41
CA ASP D 166 10.43 -5.37 8.27
C ASP D 166 9.43 -4.74 7.27
N PRO D 167 9.72 -4.82 5.96
CA PRO D 167 8.77 -4.26 4.98
C PRO D 167 7.47 -5.03 4.83
N ILE D 168 7.45 -6.29 5.29
CA ILE D 168 6.27 -7.14 5.19
C ILE D 168 5.38 -6.96 6.40
N HIS D 169 5.99 -6.82 7.57
CA HIS D 169 5.26 -6.83 8.83
C HIS D 169 5.33 -5.50 9.55
N GLY D 170 6.09 -4.57 9.01
CA GLY D 170 6.35 -3.32 9.70
C GLY D 170 7.24 -3.63 10.87
N HIS D 171 6.91 -3.06 12.03
CA HIS D 171 7.72 -3.24 13.22
C HIS D 171 7.54 -4.52 13.97
N ILE D 172 8.60 -4.99 14.60
CA ILE D 172 8.66 -6.33 15.18
C ILE D 172 9.46 -6.32 16.49
N GLU D 173 8.78 -6.53 17.62
CA GLU D 173 9.44 -6.68 18.90
C GLU D 173 9.87 -8.13 19.10
N PHE D 174 11.08 -8.30 19.62
CA PHE D 174 11.55 -9.58 20.08
C PHE D 174 12.11 -9.54 21.48
N HIS D 175 11.64 -10.45 22.31
CA HIS D 175 12.21 -10.78 23.62
C HIS D 175 13.68 -11.18 23.45
N PRO D 176 14.56 -10.68 24.34
CA PRO D 176 16.01 -10.84 24.17
C PRO D 176 16.52 -12.25 23.89
N LEU D 177 15.89 -13.27 24.48
CA LEU D 177 16.24 -14.66 24.22
C LEU D 177 16.25 -14.95 22.72
N LEU D 178 15.18 -14.52 22.06
CA LEU D 178 15.04 -14.66 20.61
C LEU D 178 16.22 -14.04 19.89
N ILE D 179 16.60 -12.86 20.32
CA ILE D 179 17.78 -12.17 19.79
C ILE D 179 19.06 -12.96 20.02
N ARG D 180 19.20 -13.51 21.23
CA ARG D 180 20.36 -14.32 21.55
C ARG D 180 20.46 -15.51 20.60
N ILE D 181 19.30 -16.13 20.32
CA ILE D 181 19.28 -17.19 19.31
C ILE D 181 19.65 -16.65 17.92
N ILE D 182 19.02 -15.55 17.52
CA ILE D 182 19.27 -14.93 16.21
C ILE D 182 20.74 -14.60 15.99
N ASP D 183 21.38 -14.05 16.99
CA ASP D 183 22.74 -13.55 16.89
C ASP D 183 23.77 -14.66 17.11
N THR D 184 23.72 -15.70 16.30
CA THR D 184 24.69 -16.79 16.35
C THR D 184 25.12 -17.15 14.93
N PRO D 185 26.34 -17.68 14.76
CA PRO D 185 26.76 -18.21 13.47
C PRO D 185 25.70 -19.10 12.83
N GLN D 186 25.20 -20.04 13.64
CA GLN D 186 24.23 -21.03 13.22
C GLN D 186 23.02 -20.39 12.55
N PHE D 187 22.56 -19.27 13.12
CA PHE D 187 21.38 -18.59 12.62
C PHE D 187 21.74 -17.60 11.52
N GLN D 188 22.77 -16.80 11.77
CA GLN D 188 23.22 -15.78 10.85
C GLN D 188 23.54 -16.37 9.47
N ARG D 189 24.00 -17.63 9.46
CA ARG D 189 24.21 -18.34 8.19
C ARG D 189 23.03 -18.24 7.21
N LEU D 190 21.81 -18.03 7.73
CA LEU D 190 20.64 -17.92 6.85
C LEU D 190 20.62 -16.66 6.01
N ARG D 191 21.55 -15.73 6.28
CA ARG D 191 21.64 -14.52 5.47
C ARG D 191 22.19 -14.82 4.06
N TYR D 192 22.77 -16.00 3.90
CA TYR D 192 23.53 -16.34 2.72
C TYR D 192 22.90 -17.50 1.94
N ILE D 193 21.59 -17.66 2.08
CA ILE D 193 20.83 -18.64 1.31
C ILE D 193 19.57 -17.99 0.73
N LYS D 194 19.55 -17.79 -0.58
CA LYS D 194 18.42 -17.19 -1.26
C LYS D 194 17.17 -18.02 -1.04
N GLN D 195 16.07 -17.35 -0.69
CA GLN D 195 14.82 -18.04 -0.44
C GLN D 195 14.39 -18.87 -1.65
N LEU D 196 14.34 -18.20 -2.83
CA LEU D 196 13.86 -18.85 -4.03
C LEU D 196 14.98 -19.54 -4.84
N GLY D 197 16.17 -19.64 -4.23
CA GLY D 197 17.29 -20.33 -4.85
C GLY D 197 17.61 -19.86 -6.25
N GLY D 198 17.36 -20.70 -7.24
CA GLY D 198 17.62 -20.34 -8.62
C GLY D 198 16.70 -19.23 -9.08
N GLY D 199 15.58 -19.09 -8.37
CA GLY D 199 14.63 -18.00 -8.58
C GLY D 199 15.27 -16.67 -8.87
N TYR D 200 16.28 -16.29 -8.07
CA TYR D 200 16.93 -15.00 -8.20
C TYR D 200 17.47 -14.77 -9.60
N TYR D 201 17.77 -15.86 -10.31
CA TYR D 201 18.31 -15.79 -11.67
C TYR D 201 17.22 -15.70 -12.71
N VAL D 202 15.99 -15.70 -12.28
CA VAL D 202 14.82 -15.53 -13.16
C VAL D 202 14.05 -14.30 -12.75
N PHE D 203 13.86 -14.13 -11.45
CA PHE D 203 13.18 -12.98 -10.88
C PHE D 203 14.17 -12.10 -10.15
N PRO D 204 14.59 -10.99 -10.78
CA PRO D 204 15.63 -10.16 -10.19
C PRO D 204 15.18 -9.49 -8.88
N GLY D 205 13.88 -9.45 -8.64
CA GLY D 205 13.37 -8.94 -7.39
C GLY D 205 13.61 -9.87 -6.23
N ALA D 206 13.72 -11.18 -6.54
CA ALA D 206 13.73 -12.20 -5.49
C ALA D 206 15.14 -12.41 -4.94
N SER D 207 15.64 -11.39 -4.25
CA SER D 207 16.98 -11.41 -3.70
C SER D 207 16.95 -11.79 -2.24
N HIS D 208 15.75 -11.92 -1.67
CA HIS D 208 15.58 -12.17 -0.25
C HIS D 208 16.03 -13.56 0.16
N ASN D 209 16.56 -13.64 1.38
CA ASN D 209 17.14 -14.85 1.92
C ASN D 209 16.31 -15.44 3.06
N ARG D 210 16.67 -16.64 3.50
CA ARG D 210 15.95 -17.37 4.55
C ARG D 210 15.90 -16.63 5.89
N PHE D 211 16.95 -15.86 6.17
CA PHE D 211 17.07 -15.11 7.41
C PHE D 211 15.83 -14.27 7.74
N GLU D 212 15.50 -13.35 6.84
CA GLU D 212 14.42 -12.41 7.09
C GLU D 212 13.06 -13.10 7.11
N HIS D 213 12.93 -14.14 6.29
CA HIS D 213 11.71 -14.93 6.30
C HIS D 213 11.56 -15.64 7.64
N SER D 214 12.67 -16.15 8.16
CA SER D 214 12.69 -16.79 9.46
C SER D 214 12.27 -15.81 10.55
N LEU D 215 12.85 -14.63 10.53
CA LEU D 215 12.41 -13.55 11.43
C LEU D 215 10.90 -13.35 11.37
N GLY D 216 10.40 -13.17 10.14
CA GLY D 216 8.96 -13.00 9.95
C GLY D 216 8.14 -14.13 10.56
N VAL D 217 8.55 -15.38 10.29
CA VAL D 217 7.84 -16.54 10.87
C VAL D 217 7.83 -16.52 12.39
N GLY D 218 9.00 -16.25 12.98
CA GLY D 218 9.08 -16.09 14.44
C GLY D 218 8.03 -15.11 14.95
N TYR D 219 8.04 -13.92 14.34
CA TYR D 219 7.11 -12.87 14.71
C TYR D 219 5.63 -13.30 14.60
N LEU D 220 5.26 -13.85 13.45
CA LEU D 220 3.88 -14.31 13.25
C LEU D 220 3.47 -15.38 14.24
N ALA D 221 4.36 -16.37 14.45
CA ALA D 221 4.11 -17.40 15.47
C ALA D 221 3.74 -16.72 16.81
N GLY D 222 4.61 -15.80 17.21
CA GLY D 222 4.34 -14.99 18.41
C GLY D 222 2.97 -14.32 18.39
N CYS D 223 2.64 -13.70 17.26
CA CYS D 223 1.37 -13.01 17.14
C CYS D 223 0.16 -13.93 17.36
N LEU D 224 0.13 -15.04 16.61
CA LEU D 224 -1.02 -15.93 16.71
C LEU D 224 -1.15 -16.51 18.12
N VAL D 225 -0.04 -16.98 18.68
CA VAL D 225 -0.08 -17.54 20.02
C VAL D 225 -0.54 -16.50 21.06
N ARG D 226 -0.03 -15.26 20.95
CA ARG D 226 -0.52 -14.17 21.82
C ARG D 226 -2.02 -13.98 21.73
N ALA D 227 -2.50 -13.83 20.50
CA ALA D 227 -3.93 -13.59 20.29
C ALA D 227 -4.76 -14.69 20.94
N LEU D 228 -4.41 -15.95 20.67
CA LEU D 228 -5.11 -17.07 21.30
C LEU D 228 -5.00 -17.03 22.81
N ALA D 229 -3.82 -16.67 23.30
CA ALA D 229 -3.60 -16.57 24.74
C ALA D 229 -4.57 -15.59 25.40
N GLU D 230 -4.64 -14.36 24.89
CA GLU D 230 -5.54 -13.38 25.51
C GLU D 230 -7.01 -13.70 25.28
N LYS D 231 -7.40 -14.04 24.05
CA LYS D 231 -8.81 -14.31 23.75
C LYS D 231 -9.41 -15.44 24.58
N GLN D 232 -8.59 -16.40 24.96
CA GLN D 232 -9.03 -17.54 25.78
C GLN D 232 -8.01 -17.80 26.89
N PRO D 233 -8.14 -17.07 28.02
CA PRO D 233 -7.19 -17.23 29.11
C PRO D 233 -7.31 -18.59 29.78
N GLU D 234 -8.46 -19.26 29.59
CA GLU D 234 -8.70 -20.58 30.15
C GLU D 234 -7.73 -21.59 29.57
N LEU D 235 -7.17 -21.29 28.40
CA LEU D 235 -6.25 -22.19 27.72
C LEU D 235 -4.95 -22.43 28.46
N GLN D 236 -4.64 -21.60 29.46
CA GLN D 236 -3.45 -21.79 30.29
C GLN D 236 -2.15 -21.65 29.46
N ILE D 237 -2.17 -20.75 28.48
CA ILE D 237 -1.01 -20.51 27.64
C ILE D 237 -0.05 -19.57 28.36
N SER D 238 1.17 -20.04 28.63
CA SER D 238 2.15 -19.30 29.42
C SER D 238 3.15 -18.56 28.55
N GLU D 239 3.94 -17.69 29.19
CA GLU D 239 5.05 -17.02 28.52
C GLU D 239 5.97 -18.04 27.89
N ARG D 240 6.28 -19.08 28.67
CA ARG D 240 7.12 -20.18 28.25
C ARG D 240 6.66 -20.76 26.91
N ASP D 241 5.38 -21.11 26.84
CA ASP D 241 4.80 -21.63 25.62
C ASP D 241 4.99 -20.69 24.44
N ILE D 242 4.69 -19.41 24.68
CA ILE D 242 4.76 -18.38 23.64
C ILE D 242 6.19 -18.29 23.10
N LEU D 243 7.15 -18.22 24.02
CA LEU D 243 8.56 -18.17 23.59
C LEU D 243 8.99 -19.44 22.84
N CYS D 244 8.58 -20.61 23.34
CA CYS D 244 8.93 -21.85 22.64
C CYS D 244 8.35 -21.84 21.22
N VAL D 245 7.12 -21.36 21.09
CA VAL D 245 6.48 -21.27 19.78
C VAL D 245 7.24 -20.28 18.90
N GLN D 246 7.59 -19.13 19.46
CA GLN D 246 8.39 -18.14 18.71
C GLN D 246 9.75 -18.70 18.24
N ILE D 247 10.42 -19.43 19.13
CA ILE D 247 11.72 -20.02 18.80
C ILE D 247 11.57 -21.05 17.67
N ALA D 248 10.54 -21.90 17.81
CA ALA D 248 10.21 -22.84 16.76
C ALA D 248 9.98 -22.10 15.45
N GLY D 249 9.22 -20.99 15.54
CA GLY D 249 9.05 -20.08 14.41
C GLY D 249 10.35 -19.68 13.77
N LEU D 250 11.20 -19.02 14.56
CA LEU D 250 12.52 -18.58 14.10
C LEU D 250 13.32 -19.69 13.40
N CYS D 251 13.33 -20.88 14.01
CA CYS D 251 14.28 -21.93 13.59
C CYS D 251 13.74 -23.02 12.65
N HIS D 252 12.55 -22.83 12.07
CA HIS D 252 11.97 -23.86 11.20
C HIS D 252 12.79 -24.08 9.94
N ASP D 253 13.55 -23.03 9.50
CA ASP D 253 14.35 -23.11 8.29
C ASP D 253 15.85 -23.14 8.55
N LEU D 254 16.23 -23.30 9.80
CA LEU D 254 17.66 -23.34 10.18
C LEU D 254 18.50 -24.29 9.34
N GLY D 255 17.88 -25.36 8.87
CA GLY D 255 18.61 -26.44 8.22
C GLY D 255 18.52 -26.53 6.70
N HIS D 256 18.26 -25.41 6.04
CA HIS D 256 18.32 -25.38 4.56
C HIS D 256 19.75 -25.32 4.08
N GLY D 257 20.02 -25.96 2.95
CA GLY D 257 21.35 -25.90 2.33
C GLY D 257 21.39 -24.80 1.28
N PRO D 258 22.50 -24.72 0.52
CA PRO D 258 22.65 -23.73 -0.54
C PRO D 258 21.49 -23.78 -1.55
N PHE D 259 20.93 -22.61 -1.84
CA PHE D 259 19.85 -22.49 -2.82
C PHE D 259 18.59 -23.22 -2.36
N SER D 260 18.40 -23.27 -1.05
CA SER D 260 17.13 -23.65 -0.45
C SER D 260 16.66 -25.07 -0.84
N HIS D 261 15.60 -25.15 -1.65
CA HIS D 261 14.93 -26.43 -1.89
C HIS D 261 15.69 -27.32 -2.87
N MET D 262 16.53 -26.69 -3.71
CA MET D 262 17.38 -27.42 -4.62
C MET D 262 18.24 -28.42 -3.85
N PHE D 263 18.84 -27.96 -2.76
CA PHE D 263 19.78 -28.78 -2.01
C PHE D 263 19.12 -30.04 -1.46
N ASP D 264 18.03 -29.87 -0.73
CA ASP D 264 17.38 -31.01 -0.06
C ASP D 264 16.44 -31.75 -0.99
N GLY D 265 16.09 -31.13 -2.11
CA GLY D 265 15.10 -31.68 -3.02
C GLY D 265 15.67 -32.27 -4.31
N ARG D 266 16.84 -31.79 -4.73
CA ARG D 266 17.46 -32.25 -5.98
C ARG D 266 18.84 -32.84 -5.77
N PHE D 267 19.68 -32.15 -5.02
CA PHE D 267 21.09 -32.55 -4.91
C PHE D 267 21.33 -33.74 -3.99
N ILE D 268 20.90 -33.63 -2.73
CA ILE D 268 21.11 -34.71 -1.75
C ILE D 268 20.47 -36.03 -2.18
N PRO D 269 19.19 -35.98 -2.61
CA PRO D 269 18.57 -37.22 -3.05
C PRO D 269 19.34 -37.85 -4.21
N ARG D 270 19.95 -37.00 -5.02
CA ARG D 270 20.71 -37.42 -6.19
C ARG D 270 22.12 -37.87 -5.84
N ALA D 271 22.68 -37.26 -4.80
CA ALA D 271 24.06 -37.52 -4.41
C ALA D 271 24.15 -38.56 -3.30
N ARG D 272 23.08 -38.72 -2.53
CA ARG D 272 23.04 -39.68 -1.44
C ARG D 272 21.70 -40.41 -1.47
N PRO D 273 21.47 -41.21 -2.53
CA PRO D 273 20.16 -41.83 -2.72
C PRO D 273 19.74 -42.71 -1.56
N GLU D 274 20.72 -43.29 -0.87
CA GLU D 274 20.45 -44.11 0.31
C GLU D 274 19.80 -43.26 1.39
N LYS D 275 20.32 -42.05 1.58
CA LYS D 275 19.89 -41.23 2.72
C LYS D 275 18.62 -40.48 2.39
N LYS D 276 17.65 -40.54 3.29
CA LYS D 276 16.49 -39.64 3.23
C LYS D 276 16.71 -38.54 4.24
N TRP D 277 16.64 -37.31 3.76
CA TRP D 277 17.04 -36.11 4.49
C TRP D 277 16.07 -34.99 4.16
N LYS D 278 15.59 -34.31 5.18
CA LYS D 278 14.67 -33.19 4.98
C LYS D 278 15.29 -32.00 5.70
N HIS D 279 15.11 -30.80 5.16
CA HIS D 279 15.75 -29.63 5.73
C HIS D 279 15.34 -29.42 7.19
N GLU D 280 14.19 -29.97 7.56
CA GLU D 280 13.73 -29.97 8.96
C GLU D 280 14.68 -30.76 9.87
N GLN D 281 15.11 -31.93 9.40
CA GLN D 281 16.08 -32.74 10.13
C GLN D 281 17.29 -31.87 10.46
N GLY D 282 17.79 -31.19 9.43
CA GLY D 282 18.89 -30.26 9.59
C GLY D 282 18.51 -29.13 10.52
N SER D 283 17.27 -28.67 10.45
CA SER D 283 16.81 -27.60 11.32
C SER D 283 16.93 -28.00 12.79
N ILE D 284 16.35 -29.15 13.16
CA ILE D 284 16.44 -29.56 14.57
C ILE D 284 17.89 -29.86 15.00
N GLU D 285 18.64 -30.54 14.12
CA GLU D 285 20.04 -30.81 14.43
C GLU D 285 20.83 -29.51 14.64
N MET D 286 20.56 -28.52 13.79
CA MET D 286 21.28 -27.26 13.84
C MET D 286 20.86 -26.44 15.04
N PHE D 287 19.58 -26.54 15.42
CA PHE D 287 19.12 -25.88 16.64
C PHE D 287 19.83 -26.46 17.86
N GLU D 288 19.85 -27.80 17.91
CA GLU D 288 20.60 -28.50 18.95
C GLU D 288 22.07 -28.04 18.96
N HIS D 289 22.66 -27.94 17.77
CA HIS D 289 24.02 -27.38 17.68
C HIS D 289 24.07 -25.92 18.15
N LEU D 290 23.02 -25.15 17.82
CA LEU D 290 23.02 -23.71 18.10
C LEU D 290 23.10 -23.47 19.58
N VAL D 291 22.16 -24.09 20.32
CA VAL D 291 22.10 -23.87 21.76
C VAL D 291 23.36 -24.30 22.48
N ASN D 292 24.03 -25.32 21.94
CA ASN D 292 25.20 -25.90 22.59
C ASN D 292 26.50 -25.19 22.28
N SER D 293 26.68 -24.80 21.01
CA SER D 293 27.91 -24.05 20.66
C SER D 293 27.99 -22.73 21.39
N ASN D 294 26.82 -22.16 21.67
CA ASN D 294 26.72 -20.83 22.26
C ASN D 294 26.29 -20.86 23.72
N GLU D 295 26.15 -22.06 24.28
CA GLU D 295 25.83 -22.22 25.69
C GLU D 295 24.55 -21.48 26.11
N LEU D 296 23.54 -21.52 25.24
CA LEU D 296 22.27 -20.82 25.51
C LEU D 296 21.28 -21.64 26.34
N LYS D 297 21.67 -22.84 26.77
CA LYS D 297 20.80 -23.66 27.63
C LYS D 297 20.64 -22.92 28.94
N LEU D 298 21.78 -22.50 29.45
CA LEU D 298 21.88 -21.74 30.68
C LEU D 298 21.10 -20.42 30.56
N VAL D 299 21.27 -19.75 29.42
CA VAL D 299 20.57 -18.50 29.15
C VAL D 299 19.07 -18.72 29.11
N MET D 300 18.64 -19.79 28.43
CA MET D 300 17.24 -20.15 28.40
C MET D 300 16.70 -20.34 29.81
N LYS D 301 17.47 -21.04 30.65
CA LYS D 301 17.06 -21.17 32.05
C LYS D 301 16.95 -19.80 32.72
N ASN D 302 17.99 -18.97 32.58
CA ASN D 302 17.94 -17.62 33.19
C ASN D 302 16.78 -16.75 32.74
N TYR D 303 16.18 -17.04 31.58
CA TYR D 303 15.03 -16.28 31.08
C TYR D 303 13.70 -16.96 31.41
N GLY D 304 13.78 -18.11 32.08
CA GLY D 304 12.59 -18.77 32.61
C GLY D 304 12.08 -19.94 31.77
N LEU D 305 12.92 -20.44 30.86
CA LEU D 305 12.59 -21.68 30.16
C LEU D 305 13.15 -22.89 30.88
N VAL D 306 12.58 -24.06 30.61
CA VAL D 306 13.11 -25.32 31.11
C VAL D 306 13.69 -26.10 29.93
N PRO D 307 15.01 -26.01 29.71
CA PRO D 307 15.65 -26.50 28.48
C PRO D 307 15.23 -27.91 28.11
N GLU D 308 15.21 -28.78 29.12
CA GLU D 308 14.89 -30.19 28.96
C GLU D 308 13.57 -30.43 28.21
N GLU D 309 12.51 -29.84 28.73
CA GLU D 309 11.16 -29.97 28.15
C GLU D 309 11.04 -29.12 26.87
N ASP D 310 11.40 -27.84 27.01
CA ASP D 310 11.11 -26.85 26.00
C ASP D 310 11.90 -27.04 24.70
N ILE D 311 13.14 -27.54 24.79
CA ILE D 311 13.87 -27.80 23.53
C ILE D 311 13.19 -28.91 22.76
N THR D 312 12.71 -29.93 23.47
CA THR D 312 11.99 -31.03 22.84
C THR D 312 10.71 -30.50 22.23
N PHE D 313 10.02 -29.63 22.95
CA PHE D 313 8.83 -28.95 22.38
C PHE D 313 9.18 -28.22 21.07
N ILE D 314 10.18 -27.33 21.14
CA ILE D 314 10.65 -26.57 19.98
C ILE D 314 10.96 -27.51 18.81
N LYS D 315 11.80 -28.51 19.06
CA LYS D 315 12.17 -29.49 18.05
C LYS D 315 10.96 -30.14 17.45
N GLU D 316 10.08 -30.65 18.31
CA GLU D 316 8.87 -31.31 17.86
C GLU D 316 8.00 -30.44 16.97
N GLN D 317 7.90 -29.15 17.30
CA GLN D 317 7.14 -28.24 16.44
C GLN D 317 7.68 -28.19 15.01
N ILE D 318 9.00 -28.18 14.89
CA ILE D 318 9.67 -28.11 13.58
C ILE D 318 9.54 -29.43 12.87
N MET D 319 9.90 -30.50 13.58
CA MET D 319 9.94 -31.83 12.96
C MET D 319 8.57 -32.48 12.78
N GLY D 320 7.89 -32.70 13.90
CA GLY D 320 6.69 -33.54 13.94
C GLY D 320 6.90 -34.62 14.99
N PRO D 321 5.90 -35.52 15.15
CA PRO D 321 5.84 -36.58 16.18
C PRO D 321 7.23 -37.07 16.67
N LEU D 330 -2.59 -43.07 21.20
CA LEU D 330 -2.39 -42.03 22.20
C LEU D 330 -1.58 -40.85 21.66
N TRP D 331 -1.24 -39.93 22.54
CA TRP D 331 -0.58 -38.69 22.20
C TRP D 331 0.91 -38.89 21.87
N PRO D 332 1.30 -38.70 20.59
CA PRO D 332 2.69 -38.94 20.18
C PRO D 332 3.73 -38.00 20.80
N TYR D 333 3.42 -36.71 20.85
CA TYR D 333 4.40 -35.71 21.32
C TYR D 333 4.76 -35.84 22.79
N LYS D 334 5.99 -35.47 23.13
CA LYS D 334 6.44 -35.45 24.52
C LYS D 334 6.57 -34.02 25.06
N GLY D 335 6.85 -33.07 24.18
CA GLY D 335 7.08 -31.69 24.57
C GLY D 335 5.97 -30.99 25.33
N ARG D 336 4.73 -31.23 24.95
CA ARG D 336 3.57 -30.68 25.67
C ARG D 336 2.42 -31.68 25.73
N PRO D 337 1.60 -31.63 26.80
CA PRO D 337 0.43 -32.52 26.92
C PRO D 337 -0.60 -32.35 25.82
N ALA D 338 -1.38 -33.40 25.56
CA ALA D 338 -2.45 -33.36 24.55
C ALA D 338 -3.44 -32.22 24.77
N THR D 339 -3.51 -31.71 26.00
CA THR D 339 -4.41 -30.62 26.33
C THR D 339 -3.97 -29.33 25.65
N LYS D 340 -2.66 -29.23 25.37
CA LYS D 340 -2.12 -28.05 24.65
C LYS D 340 -1.78 -28.42 23.21
N SER D 341 -2.64 -29.19 22.55
CA SER D 341 -2.34 -29.73 21.23
C SER D 341 -2.25 -28.66 20.15
N PHE D 342 -3.17 -27.69 20.22
CA PHE D 342 -3.28 -26.63 19.24
C PHE D 342 -1.96 -25.92 18.94
N LEU D 343 -1.11 -25.82 19.95
CA LEU D 343 0.20 -25.19 19.80
C LEU D 343 1.03 -25.81 18.67
N TYR D 344 0.77 -27.09 18.38
CA TYR D 344 1.53 -27.75 17.33
C TYR D 344 0.98 -27.44 15.94
N GLU D 345 -0.15 -26.74 15.87
CA GLU D 345 -0.73 -26.34 14.58
C GLU D 345 -0.25 -24.97 14.11
N ILE D 346 0.56 -24.29 14.92
CA ILE D 346 0.96 -22.92 14.63
C ILE D 346 2.10 -22.85 13.61
N VAL D 347 3.28 -23.34 13.97
CA VAL D 347 4.45 -23.17 13.12
C VAL D 347 4.40 -24.08 11.89
N SER D 348 4.31 -25.38 12.12
CA SER D 348 4.15 -26.34 11.02
C SER D 348 2.85 -27.10 11.15
N ASN D 349 1.96 -26.88 10.19
CA ASN D 349 0.71 -27.61 10.11
C ASN D 349 0.62 -28.30 8.75
N LYS D 350 1.21 -29.48 8.69
CA LYS D 350 1.33 -30.27 7.47
C LYS D 350 -0.01 -30.89 7.07
N ARG D 351 -0.96 -30.93 8.01
CA ARG D 351 -2.30 -31.48 7.75
C ARG D 351 -3.07 -30.72 6.66
N ASN D 352 -3.36 -29.45 6.91
CA ASN D 352 -4.23 -28.66 6.05
C ASN D 352 -3.51 -27.53 5.31
N GLY D 353 -2.19 -27.43 5.54
CA GLY D 353 -1.39 -26.39 4.93
C GLY D 353 -1.87 -24.98 5.28
N ILE D 354 -2.05 -24.72 6.57
CA ILE D 354 -2.38 -23.39 7.05
C ILE D 354 -1.57 -23.09 8.31
N ASP D 355 -0.41 -22.49 8.12
CA ASP D 355 0.51 -22.15 9.20
C ASP D 355 1.20 -20.80 8.92
N VAL D 356 1.94 -20.31 9.89
CA VAL D 356 2.53 -18.99 9.83
C VAL D 356 3.73 -18.93 8.87
N ASP D 357 4.37 -20.08 8.66
CA ASP D 357 5.44 -20.20 7.70
C ASP D 357 4.93 -19.78 6.31
N LYS D 358 3.84 -20.43 5.91
CA LYS D 358 3.19 -20.15 4.64
C LYS D 358 2.72 -18.71 4.54
N TRP D 359 2.21 -18.18 5.65
CA TRP D 359 1.75 -16.79 5.67
C TRP D 359 2.89 -15.87 5.32
N ASP D 360 3.99 -16.00 6.07
CA ASP D 360 5.14 -15.15 5.83
C ASP D 360 5.68 -15.29 4.43
N TYR D 361 6.01 -16.52 4.01
CA TYR D 361 6.67 -16.62 2.72
C TYR D 361 5.72 -16.33 1.55
N PHE D 362 4.42 -16.57 1.72
CA PHE D 362 3.46 -16.10 0.72
C PHE D 362 3.58 -14.60 0.58
N ALA D 363 3.43 -13.88 1.70
CA ALA D 363 3.46 -12.43 1.66
C ALA D 363 4.79 -11.90 1.11
N ARG D 364 5.89 -12.43 1.64
CA ARG D 364 7.22 -11.98 1.25
C ARG D 364 7.53 -12.28 -0.21
N ASP D 365 7.27 -13.51 -0.65
CA ASP D 365 7.55 -13.87 -2.03
C ASP D 365 6.69 -13.04 -2.95
N CYS D 366 5.44 -12.81 -2.54
CA CYS D 366 4.58 -11.91 -3.30
C CYS D 366 5.18 -10.52 -3.37
N HIS D 367 5.70 -10.04 -2.24
CA HIS D 367 6.38 -8.74 -2.21
C HIS D 367 7.50 -8.65 -3.21
N HIS D 368 8.42 -9.61 -3.17
CA HIS D 368 9.61 -9.51 -4.03
C HIS D 368 9.41 -9.92 -5.48
N LEU D 369 8.44 -10.79 -5.76
CA LEU D 369 8.16 -11.16 -7.16
C LEU D 369 7.36 -10.11 -7.92
N GLY D 370 6.66 -9.27 -7.18
CA GLY D 370 5.75 -8.30 -7.78
C GLY D 370 4.39 -8.91 -8.00
N ILE D 371 3.82 -9.44 -6.92
CA ILE D 371 2.45 -9.98 -6.94
C ILE D 371 1.78 -9.42 -5.70
N GLN D 372 0.52 -9.02 -5.82
CA GLN D 372 -0.20 -8.57 -4.63
C GLN D 372 -1.06 -9.68 -4.06
N ASN D 373 -1.00 -9.82 -2.73
CA ASN D 373 -1.51 -10.97 -2.01
C ASN D 373 -2.89 -10.76 -1.37
N ASN D 374 -3.89 -11.43 -1.92
CA ASN D 374 -5.29 -11.28 -1.47
C ASN D 374 -5.58 -11.71 -0.04
N PHE D 375 -4.61 -12.36 0.60
CA PHE D 375 -4.85 -12.97 1.91
C PHE D 375 -4.36 -12.12 3.07
N ASP D 376 -5.31 -11.68 3.88
CA ASP D 376 -5.00 -10.93 5.09
C ASP D 376 -4.89 -11.85 6.29
N TYR D 377 -3.66 -12.09 6.74
CA TYR D 377 -3.40 -13.00 7.86
C TYR D 377 -3.83 -12.36 9.18
N LYS D 378 -3.76 -11.03 9.24
CA LYS D 378 -4.14 -10.29 10.43
C LYS D 378 -5.61 -10.56 10.75
N ARG D 379 -6.40 -10.65 9.69
CA ARG D 379 -7.81 -10.99 9.79
C ARG D 379 -7.98 -12.40 10.32
N PHE D 380 -7.10 -13.28 9.90
CA PHE D 380 -7.17 -14.68 10.34
C PHE D 380 -6.87 -14.75 11.83
N ILE D 381 -5.78 -14.08 12.23
CA ILE D 381 -5.39 -14.09 13.65
C ILE D 381 -6.46 -13.53 14.56
N LYS D 382 -7.06 -12.39 14.20
CA LYS D 382 -8.15 -11.88 15.04
C LYS D 382 -9.32 -12.85 15.20
N PHE D 383 -9.70 -13.52 14.10
CA PHE D 383 -10.82 -14.44 14.12
C PHE D 383 -10.42 -15.88 14.44
N ALA D 384 -9.27 -16.06 15.06
CA ALA D 384 -8.77 -17.39 15.40
C ALA D 384 -9.10 -17.74 16.83
N ARG D 385 -9.68 -18.93 17.02
CA ARG D 385 -10.02 -19.43 18.35
C ARG D 385 -9.71 -20.88 18.43
N ILE D 386 -9.25 -21.34 19.59
CA ILE D 386 -9.17 -22.77 19.84
C ILE D 386 -10.54 -23.26 20.19
N CYS D 387 -10.89 -24.44 19.69
CA CYS D 387 -12.10 -25.08 20.16
C CYS D 387 -12.08 -26.56 19.89
N GLU D 388 -12.87 -27.30 20.66
CA GLU D 388 -12.78 -28.74 20.69
C GLU D 388 -13.50 -29.40 19.53
N VAL D 389 -12.90 -30.46 19.04
CA VAL D 389 -13.43 -31.27 17.96
C VAL D 389 -13.50 -32.69 18.46
N GLU D 390 -14.56 -33.39 18.07
CA GLU D 390 -14.70 -34.79 18.38
C GLU D 390 -14.90 -35.60 17.11
N TYR D 391 -13.93 -36.46 16.80
CA TYR D 391 -14.09 -37.44 15.72
C TYR D 391 -14.07 -38.86 16.28
N LYS D 392 -15.06 -39.64 15.86
CA LYS D 392 -15.22 -41.02 16.30
C LYS D 392 -14.43 -42.00 15.44
N VAL D 393 -13.51 -42.71 16.08
CA VAL D 393 -12.76 -43.79 15.41
C VAL D 393 -12.87 -45.08 16.21
N TYR D 399 -15.57 -45.63 20.72
CA TYR D 399 -14.38 -44.83 20.94
C TYR D 399 -14.45 -43.52 20.16
N ILE D 400 -14.61 -42.41 20.88
CA ILE D 400 -14.58 -41.07 20.28
C ILE D 400 -13.38 -40.27 20.78
N ARG D 401 -12.66 -39.64 19.86
CA ARG D 401 -11.48 -38.85 20.22
C ARG D 401 -11.87 -37.37 20.40
N LYS D 402 -11.28 -36.69 21.38
CA LYS D 402 -11.57 -35.27 21.62
C LYS D 402 -10.28 -34.45 21.59
N VAL D 403 -10.23 -33.45 20.68
CA VAL D 403 -8.98 -32.66 20.53
C VAL D 403 -9.23 -31.17 20.32
N LYS D 404 -8.26 -30.35 20.73
CA LYS D 404 -8.34 -28.89 20.58
C LYS D 404 -7.63 -28.41 19.34
N HIS D 405 -8.39 -28.08 18.31
CA HIS D 405 -7.82 -27.49 17.08
C HIS D 405 -7.98 -25.98 17.06
N ILE D 406 -7.19 -25.34 16.21
CA ILE D 406 -7.32 -23.91 15.89
C ILE D 406 -8.41 -23.78 14.84
N CYS D 407 -9.35 -22.91 15.08
CA CYS D 407 -10.54 -22.77 14.29
C CYS D 407 -10.85 -21.30 14.01
N SER D 408 -11.55 -21.04 12.91
CA SER D 408 -11.88 -19.69 12.50
C SER D 408 -13.36 -19.60 12.24
N ARG D 409 -13.92 -18.43 12.52
CA ARG D 409 -15.35 -18.19 12.38
C ARG D 409 -15.79 -18.53 10.96
N GLU D 410 -16.89 -19.28 10.85
CA GLU D 410 -17.29 -19.95 9.62
C GLU D 410 -17.36 -19.07 8.36
N LYS D 411 -17.79 -17.82 8.50
CA LYS D 411 -17.86 -16.92 7.37
C LYS D 411 -16.51 -16.30 6.98
N GLU D 412 -15.44 -16.65 7.69
CA GLU D 412 -14.07 -16.29 7.30
C GLU D 412 -13.48 -17.35 6.40
N VAL D 413 -14.36 -18.05 5.68
CA VAL D 413 -13.93 -19.05 4.71
C VAL D 413 -13.42 -18.36 3.44
N GLY D 414 -13.97 -17.19 3.15
CA GLY D 414 -13.57 -16.40 2.01
C GLY D 414 -12.10 -16.02 2.07
N ASN D 415 -11.63 -15.76 3.28
CA ASN D 415 -10.23 -15.47 3.50
C ASN D 415 -9.33 -16.60 3.03
N LEU D 416 -9.74 -17.83 3.30
CA LEU D 416 -8.99 -19.01 2.85
C LEU D 416 -9.03 -19.15 1.34
N TYR D 417 -10.16 -18.79 0.72
CA TYR D 417 -10.24 -18.79 -0.74
C TYR D 417 -9.17 -17.85 -1.32
N ASP D 418 -8.95 -16.73 -0.64
CA ASP D 418 -7.92 -15.79 -1.05
C ASP D 418 -6.53 -16.36 -0.89
N MET D 419 -6.29 -17.06 0.22
CA MET D 419 -4.98 -17.65 0.49
C MET D 419 -4.63 -18.66 -0.56
N PHE D 420 -5.56 -19.56 -0.83
CA PHE D 420 -5.31 -20.66 -1.75
C PHE D 420 -5.19 -20.17 -3.18
N HIS D 421 -5.84 -19.05 -3.50
CA HIS D 421 -5.62 -18.42 -4.80
C HIS D 421 -4.17 -17.98 -4.91
N THR D 422 -3.71 -17.23 -3.91
CA THR D 422 -2.34 -16.73 -3.87
C THR D 422 -1.37 -17.89 -3.91
N ARG D 423 -1.71 -18.97 -3.20
CA ARG D 423 -0.89 -20.16 -3.17
C ARG D 423 -0.73 -20.71 -4.58
N ASN D 424 -1.83 -20.84 -5.30
CA ASN D 424 -1.78 -21.31 -6.69
C ASN D 424 -1.10 -20.31 -7.59
N CYS D 425 -1.39 -19.05 -7.36
CA CYS D 425 -0.80 -17.96 -8.15
C CYS D 425 0.72 -17.98 -8.07
N LEU D 426 1.24 -18.18 -6.87
CA LEU D 426 2.68 -18.27 -6.67
C LEU D 426 3.25 -19.55 -7.27
N HIS D 427 2.59 -20.66 -6.99
CA HIS D 427 3.05 -21.95 -7.51
C HIS D 427 3.13 -21.96 -9.03
N ARG D 428 2.06 -21.52 -9.68
CA ARG D 428 2.02 -21.46 -11.14
C ARG D 428 3.08 -20.51 -11.67
N ARG D 429 3.08 -19.26 -11.22
CA ARG D 429 3.96 -18.23 -11.78
C ARG D 429 5.44 -18.35 -11.42
N ALA D 430 5.74 -18.72 -10.18
CA ALA D 430 7.09 -18.60 -9.64
C ALA D 430 7.76 -19.91 -9.23
N TYR D 431 7.09 -20.68 -8.38
CA TYR D 431 7.74 -21.82 -7.74
C TYR D 431 8.12 -22.92 -8.74
N GLN D 432 7.16 -23.36 -9.51
CA GLN D 432 7.42 -24.41 -10.51
C GLN D 432 7.76 -23.80 -11.86
N HIS D 433 8.44 -22.66 -11.83
CA HIS D 433 8.82 -21.94 -13.05
C HIS D 433 9.82 -22.77 -13.83
N LYS D 434 9.55 -22.96 -15.12
CA LYS D 434 10.32 -23.89 -15.96
C LYS D 434 11.82 -23.57 -16.05
N ILE D 435 12.18 -22.30 -15.95
CA ILE D 435 13.57 -21.85 -16.03
C ILE D 435 14.26 -21.87 -14.66
N SER D 436 13.57 -21.37 -13.64
CA SER D 436 14.09 -21.42 -12.27
C SER D 436 14.56 -22.83 -11.91
N ASN D 437 13.69 -23.79 -12.18
CA ASN D 437 14.00 -25.20 -11.93
C ASN D 437 15.15 -25.66 -12.81
N LEU D 438 15.22 -25.14 -14.04
CA LEU D 438 16.31 -25.46 -14.94
C LEU D 438 17.64 -25.04 -14.29
N ILE D 439 17.65 -23.83 -13.76
CA ILE D 439 18.82 -23.31 -13.05
C ILE D 439 19.13 -24.15 -11.81
N ASP D 440 18.10 -24.50 -11.04
CA ASP D 440 18.32 -25.42 -9.92
C ASP D 440 18.96 -26.73 -10.37
N ILE D 441 18.50 -27.25 -11.49
CA ILE D 441 19.02 -28.49 -12.05
C ILE D 441 20.46 -28.33 -12.45
N MET D 442 20.76 -27.21 -13.12
CA MET D 442 22.16 -26.94 -13.54
C MET D 442 23.08 -26.77 -12.35
N ILE D 443 22.63 -26.04 -11.33
CA ILE D 443 23.42 -25.86 -10.12
C ILE D 443 23.65 -27.21 -9.45
N THR D 444 22.59 -28.01 -9.35
CA THR D 444 22.73 -29.38 -8.85
C THR D 444 23.80 -30.15 -9.64
N ASP D 445 23.68 -30.11 -10.96
CA ASP D 445 24.67 -30.76 -11.83
C ASP D 445 26.11 -30.33 -11.51
N ALA D 446 26.29 -29.01 -11.42
CA ALA D 446 27.61 -28.46 -11.09
C ALA D 446 28.08 -28.98 -9.74
N PHE D 447 27.19 -28.93 -8.74
CA PHE D 447 27.53 -29.41 -7.40
C PHE D 447 27.95 -30.88 -7.44
N LEU D 448 27.18 -31.69 -8.15
CA LEU D 448 27.51 -33.09 -8.34
C LEU D 448 28.90 -33.27 -8.94
N LYS D 449 29.22 -32.48 -9.96
CA LYS D 449 30.53 -32.55 -10.57
C LYS D 449 31.64 -31.97 -9.70
N ALA D 450 31.28 -31.09 -8.78
CA ALA D 450 32.22 -30.49 -7.83
C ALA D 450 32.36 -31.30 -6.54
N ASP D 451 31.34 -32.10 -6.22
CA ASP D 451 31.22 -32.75 -4.92
C ASP D 451 32.45 -33.52 -4.44
N PRO D 452 33.09 -34.30 -5.33
CA PRO D 452 34.19 -35.16 -4.88
C PRO D 452 35.44 -34.40 -4.38
N TYR D 453 35.66 -33.17 -4.87
CA TYR D 453 36.90 -32.45 -4.63
C TYR D 453 36.80 -31.34 -3.58
N VAL D 454 35.61 -30.74 -3.43
CA VAL D 454 35.44 -29.62 -2.52
C VAL D 454 35.49 -30.08 -1.05
N GLU D 455 36.44 -29.56 -0.29
CA GLU D 455 36.55 -29.85 1.13
C GLU D 455 35.95 -28.76 2.03
N ILE D 456 35.29 -29.18 3.10
CA ILE D 456 34.72 -28.28 4.10
C ILE D 456 34.94 -28.94 5.46
N THR D 457 35.66 -28.25 6.34
CA THR D 457 36.00 -28.85 7.65
C THR D 457 34.89 -28.68 8.66
N GLY D 458 34.62 -29.75 9.41
CA GLY D 458 33.64 -29.76 10.46
C GLY D 458 34.28 -29.85 11.84
N THR D 459 33.59 -30.52 12.76
CA THR D 459 34.09 -30.67 14.13
C THR D 459 35.37 -31.48 14.15
N ALA D 460 36.35 -31.00 14.92
CA ALA D 460 37.69 -31.61 15.00
C ALA D 460 38.44 -31.48 13.68
N GLY D 461 37.93 -30.68 12.76
CA GLY D 461 38.58 -30.49 11.48
C GLY D 461 38.43 -31.66 10.54
N LYS D 462 37.45 -32.53 10.77
CA LYS D 462 37.13 -33.57 9.79
C LYS D 462 36.73 -32.92 8.47
N LYS D 463 37.34 -33.35 7.39
CA LYS D 463 37.05 -32.80 6.07
C LYS D 463 35.74 -33.41 5.59
N PHE D 464 34.87 -32.58 5.03
CA PHE D 464 33.60 -33.05 4.49
C PHE D 464 33.38 -32.54 3.07
N ARG D 465 32.61 -33.32 2.32
CA ARG D 465 32.23 -32.95 0.96
C ARG D 465 30.90 -32.21 1.06
N ILE D 466 30.55 -31.49 0.00
CA ILE D 466 29.27 -30.77 -0.05
C ILE D 466 28.12 -31.66 0.35
N SER D 467 28.11 -32.88 -0.18
CA SER D 467 27.00 -33.83 0.05
C SER D 467 26.96 -34.37 1.48
N THR D 468 28.12 -34.37 2.16
CA THR D 468 28.23 -34.97 3.48
C THR D 468 28.29 -33.96 4.62
N ALA D 469 28.31 -32.68 4.29
CA ALA D 469 28.33 -31.64 5.31
C ALA D 469 27.10 -31.72 6.22
N ILE D 470 25.99 -32.21 5.67
CA ILE D 470 24.76 -32.39 6.44
C ILE D 470 24.94 -33.31 7.64
N ASP D 471 26.01 -34.09 7.63
CA ASP D 471 26.28 -35.05 8.70
C ASP D 471 26.95 -34.40 9.89
N ASP D 472 27.59 -33.26 9.66
CA ASP D 472 28.25 -32.49 10.73
C ASP D 472 27.79 -31.04 10.70
N MET D 473 27.12 -30.63 11.78
CA MET D 473 26.56 -29.28 11.83
C MET D 473 27.60 -28.17 11.73
N GLU D 474 28.78 -28.43 12.26
CA GLU D 474 29.82 -27.42 12.31
C GLU D 474 30.47 -27.23 10.93
N ALA D 475 30.28 -28.22 10.06
CA ALA D 475 30.64 -28.07 8.66
C ALA D 475 29.48 -27.41 7.92
N PHE D 476 28.29 -27.97 8.11
CA PHE D 476 27.06 -27.46 7.48
C PHE D 476 26.84 -25.97 7.77
N THR D 477 27.31 -25.51 8.93
CA THR D 477 27.19 -24.11 9.31
C THR D 477 27.89 -23.21 8.29
N LYS D 478 28.93 -23.76 7.64
CA LYS D 478 29.73 -22.99 6.69
C LYS D 478 29.20 -23.12 5.26
N LEU D 479 28.30 -24.07 5.04
CA LEU D 479 27.83 -24.35 3.69
C LEU D 479 26.67 -23.44 3.30
N THR D 480 26.92 -22.55 2.35
CA THR D 480 25.92 -21.54 1.93
C THR D 480 25.94 -21.37 0.41
N ASP D 481 25.16 -20.42 -0.09
CA ASP D 481 25.12 -20.16 -1.53
C ASP D 481 26.49 -19.81 -2.07
N ASN D 482 27.34 -19.25 -1.22
CA ASN D 482 28.62 -18.74 -1.68
C ASN D 482 29.49 -19.86 -2.28
N ILE D 483 29.21 -21.10 -1.88
CA ILE D 483 29.86 -22.28 -2.45
C ILE D 483 29.77 -22.25 -3.98
N PHE D 484 28.73 -21.63 -4.49
CA PHE D 484 28.60 -21.30 -5.91
C PHE D 484 29.85 -20.57 -6.39
N LEU D 485 30.21 -19.51 -5.71
CA LEU D 485 31.35 -18.67 -6.07
C LEU D 485 32.69 -19.33 -5.73
N GLU D 486 32.70 -20.10 -4.65
CA GLU D 486 33.94 -20.79 -4.23
C GLU D 486 34.38 -21.75 -5.32
N VAL D 487 33.44 -22.55 -5.82
CA VAL D 487 33.69 -23.41 -7.00
C VAL D 487 34.10 -22.56 -8.19
N LEU D 488 33.27 -21.59 -8.55
CA LEU D 488 33.50 -20.75 -9.73
C LEU D 488 34.87 -20.10 -9.70
N HIS D 489 35.34 -19.72 -8.53
CA HIS D 489 36.59 -19.02 -8.37
C HIS D 489 37.78 -19.95 -8.09
N SER D 490 37.51 -21.24 -7.92
CA SER D 490 38.55 -22.18 -7.51
C SER D 490 39.65 -22.34 -8.54
N THR D 491 40.86 -22.50 -8.04
CA THR D 491 42.04 -22.62 -8.88
C THR D 491 42.34 -24.10 -9.17
N ASP D 492 41.76 -25.00 -8.37
CA ASP D 492 41.94 -26.44 -8.53
C ASP D 492 41.40 -26.87 -9.89
N PRO D 493 42.23 -27.53 -10.72
CA PRO D 493 41.78 -27.87 -12.06
C PRO D 493 40.84 -29.08 -12.14
N GLN D 494 40.56 -29.71 -11.01
CA GLN D 494 39.62 -30.83 -10.97
C GLN D 494 38.17 -30.36 -11.01
N LEU D 495 37.93 -29.08 -10.74
CA LEU D 495 36.58 -28.54 -10.76
C LEU D 495 36.22 -27.94 -12.12
N SER D 496 37.19 -27.96 -13.05
CA SER D 496 37.02 -27.34 -14.35
C SER D 496 35.69 -27.74 -15.02
N GLU D 497 35.32 -29.00 -14.87
CA GLU D 497 34.00 -29.43 -15.33
C GLU D 497 32.88 -28.72 -14.59
N ALA D 498 33.00 -28.62 -13.26
CA ALA D 498 31.96 -28.02 -12.45
C ALA D 498 31.84 -26.53 -12.75
N GLN D 499 32.98 -25.88 -12.92
CA GLN D 499 33.04 -24.46 -13.19
C GLN D 499 32.29 -24.12 -14.47
N SER D 500 32.65 -24.85 -15.54
CA SER D 500 32.13 -24.58 -16.87
C SER D 500 30.59 -24.57 -16.87
N ILE D 501 29.99 -25.40 -16.03
CA ILE D 501 28.54 -25.40 -15.88
C ILE D 501 28.09 -24.09 -15.22
N LEU D 502 28.84 -23.64 -14.23
CA LEU D 502 28.48 -22.42 -13.51
C LEU D 502 28.67 -21.19 -14.38
N ARG D 503 29.69 -21.20 -15.22
CA ARG D 503 29.95 -20.12 -16.12
C ARG D 503 28.80 -20.01 -17.14
N ASN D 504 28.26 -21.17 -17.53
CA ASN D 504 27.13 -21.23 -18.43
C ASN D 504 25.87 -20.65 -17.81
N ILE D 505 25.64 -20.91 -16.53
CA ILE D 505 24.52 -20.31 -15.81
C ILE D 505 24.66 -18.81 -15.81
N GLU D 506 25.88 -18.35 -15.57
CA GLU D 506 26.16 -16.93 -15.50
C GLU D 506 25.94 -16.22 -16.84
N CYS D 507 26.34 -16.88 -17.93
CA CYS D 507 26.24 -16.28 -19.27
C CYS D 507 25.02 -16.77 -20.03
N ARG D 508 24.03 -17.25 -19.29
CA ARG D 508 22.72 -17.59 -19.86
C ARG D 508 22.82 -18.61 -21.01
N ASN D 509 23.65 -19.61 -20.84
CA ASN D 509 23.82 -20.69 -21.78
C ASN D 509 23.24 -21.98 -21.19
N LEU D 510 21.93 -21.93 -20.95
CA LEU D 510 21.23 -22.99 -20.25
C LEU D 510 20.78 -24.09 -21.19
N TYR D 511 20.49 -25.26 -20.62
CA TYR D 511 19.91 -26.35 -21.40
C TYR D 511 18.63 -25.84 -22.03
N LYS D 512 18.35 -26.26 -23.25
CA LYS D 512 17.15 -25.77 -23.93
C LYS D 512 15.94 -26.57 -23.53
N TYR D 513 14.86 -25.86 -23.21
CA TYR D 513 13.63 -26.44 -22.74
C TYR D 513 12.76 -26.91 -23.90
N LEU D 514 12.64 -28.23 -24.05
CA LEU D 514 11.93 -28.80 -25.19
C LEU D 514 10.42 -28.71 -25.02
N GLY D 515 9.97 -28.71 -23.77
CA GLY D 515 8.56 -28.61 -23.49
C GLY D 515 8.08 -29.36 -22.28
N GLU D 516 6.79 -29.16 -22.01
CA GLU D 516 6.12 -29.78 -20.88
C GLU D 516 5.12 -30.82 -21.37
N THR D 517 4.82 -31.81 -20.55
CA THR D 517 3.82 -32.81 -20.90
C THR D 517 3.10 -33.34 -19.67
N GLN D 518 1.92 -33.90 -19.93
CA GLN D 518 1.02 -34.37 -18.89
C GLN D 518 0.63 -35.83 -19.13
N PRO D 519 0.56 -36.65 -18.06
CA PRO D 519 0.09 -38.02 -18.21
C PRO D 519 -1.43 -38.09 -18.21
N LYS D 520 -1.98 -38.79 -19.21
CA LYS D 520 -3.44 -38.83 -19.39
C LYS D 520 -4.15 -39.48 -18.22
N ARG D 521 -3.62 -40.60 -17.75
CA ARG D 521 -4.13 -41.21 -16.52
C ARG D 521 -3.00 -41.88 -15.78
N GLU D 522 -3.24 -42.15 -14.50
CA GLU D 522 -2.19 -42.65 -13.58
C GLU D 522 -1.08 -41.64 -13.53
N LYS D 523 0.03 -41.99 -12.89
CA LYS D 523 1.19 -41.08 -12.79
C LYS D 523 2.45 -41.91 -12.82
N ILE D 524 3.60 -41.28 -12.59
CA ILE D 524 4.87 -41.96 -12.67
C ILE D 524 5.42 -42.32 -11.30
N ARG D 525 5.62 -43.62 -11.10
CA ARG D 525 6.20 -44.18 -9.87
C ARG D 525 7.51 -43.48 -9.51
N LYS D 526 7.66 -43.19 -8.22
CA LYS D 526 8.85 -42.50 -7.71
C LYS D 526 10.12 -43.27 -8.14
N GLU D 527 9.96 -44.58 -8.31
CA GLU D 527 11.06 -45.46 -8.71
C GLU D 527 11.41 -45.24 -10.18
N GLU D 528 10.38 -45.02 -10.97
CA GLU D 528 10.48 -45.00 -12.43
C GLU D 528 11.24 -43.80 -12.99
N TYR D 529 11.58 -42.83 -12.13
CA TYR D 529 12.17 -41.58 -12.58
C TYR D 529 13.50 -41.71 -13.34
N GLU D 530 14.50 -42.33 -12.71
CA GLU D 530 15.81 -42.38 -13.35
C GLU D 530 15.85 -43.12 -14.68
N ARG D 531 14.79 -43.87 -15.00
CA ARG D 531 14.72 -44.51 -16.30
C ARG D 531 14.49 -43.49 -17.41
N LEU D 532 13.76 -42.42 -17.05
CA LEU D 532 13.16 -41.54 -18.05
C LEU D 532 14.12 -40.98 -19.12
N PRO D 533 15.32 -40.49 -18.69
CA PRO D 533 16.24 -39.98 -19.70
C PRO D 533 16.62 -41.03 -20.76
N GLN D 534 16.72 -42.30 -20.33
CA GLN D 534 17.00 -43.37 -21.30
C GLN D 534 15.83 -43.50 -22.25
N GLU D 535 14.63 -43.57 -21.70
CA GLU D 535 13.42 -43.73 -22.52
C GLU D 535 13.32 -42.63 -23.56
N VAL D 536 13.54 -41.38 -23.13
CA VAL D 536 13.48 -40.26 -24.07
C VAL D 536 14.56 -40.38 -25.13
N ALA D 537 15.76 -40.75 -24.69
CA ALA D 537 16.85 -40.92 -25.65
C ALA D 537 16.55 -42.01 -26.69
N LYS D 538 16.11 -43.16 -26.22
CA LYS D 538 15.91 -44.35 -27.04
C LYS D 538 14.67 -44.28 -27.94
N ALA D 539 13.63 -43.56 -27.51
CA ALA D 539 12.48 -43.33 -28.39
C ALA D 539 12.91 -42.56 -29.63
N LYS D 540 12.82 -43.20 -30.79
CA LYS D 540 13.22 -42.56 -32.04
C LYS D 540 12.00 -42.32 -32.93
N PRO D 541 12.00 -41.21 -33.70
CA PRO D 541 10.83 -40.82 -34.48
C PRO D 541 10.67 -41.61 -35.78
N VAL D 547 21.36 -38.40 -35.92
CA VAL D 547 22.28 -38.12 -34.82
C VAL D 547 21.92 -38.98 -33.61
N GLU D 548 22.95 -39.56 -33.01
CA GLU D 548 22.80 -40.35 -31.79
C GLU D 548 22.74 -39.46 -30.56
N LEU D 549 21.75 -39.74 -29.70
CA LEU D 549 21.47 -38.94 -28.52
C LEU D 549 21.56 -39.78 -27.24
N LYS D 550 22.63 -39.57 -26.48
CA LYS D 550 22.85 -40.28 -25.23
C LYS D 550 21.80 -39.92 -24.18
N ALA D 551 21.59 -40.81 -23.22
CA ALA D 551 20.61 -40.61 -22.17
C ALA D 551 20.96 -39.43 -21.29
N GLU D 552 22.24 -39.12 -21.22
CA GLU D 552 22.72 -38.00 -20.38
C GLU D 552 22.33 -36.67 -21.02
N ASP D 553 22.14 -36.67 -22.33
CA ASP D 553 21.78 -35.46 -23.07
C ASP D 553 20.42 -34.90 -22.69
N PHE D 554 19.65 -35.69 -21.94
CA PHE D 554 18.30 -35.29 -21.53
C PHE D 554 18.18 -35.21 -20.02
N ILE D 555 17.38 -34.24 -19.56
CA ILE D 555 16.88 -34.25 -18.19
C ILE D 555 15.36 -34.21 -18.25
N VAL D 556 14.74 -35.16 -17.57
CA VAL D 556 13.30 -35.20 -17.45
C VAL D 556 12.96 -34.80 -16.02
N ASP D 557 12.10 -33.82 -15.86
CA ASP D 557 11.83 -33.18 -14.59
C ASP D 557 10.36 -33.36 -14.26
N VAL D 558 10.11 -34.23 -13.28
CA VAL D 558 8.75 -34.55 -12.84
C VAL D 558 8.35 -33.63 -11.69
N ILE D 559 7.14 -33.09 -11.76
CA ILE D 559 6.64 -32.12 -10.79
C ILE D 559 5.24 -32.47 -10.32
N ASN D 560 5.05 -32.50 -9.00
CA ASN D 560 3.77 -32.85 -8.40
C ASN D 560 3.02 -31.64 -7.84
N VAL D 561 1.84 -31.39 -8.37
CA VAL D 561 1.07 -30.18 -8.08
C VAL D 561 0.55 -30.06 -6.65
N ASP D 562 0.10 -31.18 -6.08
CA ASP D 562 -0.50 -31.19 -4.73
C ASP D 562 -1.81 -30.39 -4.67
N ARG D 573 -7.57 -31.19 7.62
CA ARG D 573 -8.19 -30.02 7.03
C ARG D 573 -8.42 -28.90 8.05
N VAL D 574 -9.31 -27.98 7.73
CA VAL D 574 -9.55 -26.78 8.54
C VAL D 574 -10.92 -26.90 9.21
N HIS D 575 -11.05 -26.30 10.40
CA HIS D 575 -12.27 -26.41 11.19
C HIS D 575 -12.79 -25.04 11.61
N PHE D 576 -14.10 -24.89 11.70
CA PHE D 576 -14.72 -23.60 11.99
C PHE D 576 -15.58 -23.64 13.25
N TYR D 577 -15.93 -22.46 13.76
CA TYR D 577 -16.80 -22.36 14.95
C TYR D 577 -17.96 -21.43 14.67
N GLU D 603 -1.98 -32.84 -9.94
CA GLU D 603 -1.60 -33.42 -11.23
C GLU D 603 -0.11 -33.74 -11.26
N GLN D 604 0.37 -34.07 -12.45
CA GLN D 604 1.79 -34.28 -12.70
C GLN D 604 2.22 -33.50 -13.91
N LEU D 605 3.31 -32.75 -13.76
CA LEU D 605 3.91 -32.03 -14.87
C LEU D 605 5.29 -32.58 -15.18
N ILE D 606 5.52 -32.89 -16.46
CA ILE D 606 6.83 -33.40 -16.87
C ILE D 606 7.49 -32.45 -17.88
N ARG D 607 8.65 -31.91 -17.48
CA ARG D 607 9.40 -31.02 -18.37
C ARG D 607 10.64 -31.72 -18.88
N VAL D 608 10.91 -31.60 -20.19
CA VAL D 608 12.14 -32.20 -20.74
C VAL D 608 13.11 -31.14 -21.23
N TYR D 609 14.35 -31.21 -20.73
CA TYR D 609 15.41 -30.32 -21.19
C TYR D 609 16.49 -31.12 -21.88
N CYS D 610 17.08 -30.56 -22.93
CA CYS D 610 18.18 -31.20 -23.64
C CYS D 610 19.48 -30.39 -23.49
N LYS D 611 20.56 -31.08 -23.15
CA LYS D 611 21.86 -30.46 -22.96
C LYS D 611 22.49 -29.96 -24.26
N LYS D 612 22.46 -30.78 -25.29
CA LYS D 612 23.03 -30.42 -26.60
C LYS D 612 22.25 -29.25 -27.22
N LYS D 613 22.96 -28.17 -27.49
CA LYS D 613 22.34 -26.88 -27.83
C LYS D 613 22.39 -26.48 -29.31
N ASP D 614 22.93 -27.33 -30.17
CA ASP D 614 22.96 -27.04 -31.63
C ASP D 614 21.61 -27.36 -32.30
N GLY D 615 21.36 -26.75 -33.45
CA GLY D 615 20.07 -26.87 -34.13
C GLY D 615 19.60 -28.27 -34.49
N LYS D 616 20.43 -29.05 -35.18
CA LYS D 616 20.02 -30.39 -35.62
C LYS D 616 19.80 -31.35 -34.44
N SER D 617 20.72 -31.34 -33.50
CA SER D 617 20.57 -32.14 -32.28
C SER D 617 19.29 -31.72 -31.55
N LEU D 618 19.01 -30.42 -31.60
CA LEU D 618 17.81 -29.88 -30.96
C LEU D 618 16.55 -30.37 -31.64
N ASP D 619 16.56 -30.36 -32.98
CA ASP D 619 15.49 -31.02 -33.76
C ASP D 619 15.30 -32.47 -33.32
N ALA D 620 16.40 -33.22 -33.36
CA ALA D 620 16.36 -34.65 -32.99
C ALA D 620 15.76 -34.86 -31.60
N ALA D 621 16.22 -34.05 -30.63
CA ALA D 621 15.74 -34.17 -29.27
C ALA D 621 14.26 -33.79 -29.16
N GLY D 622 13.89 -32.72 -29.86
CA GLY D 622 12.48 -32.32 -29.91
C GLY D 622 11.60 -33.47 -30.37
N LYS D 623 11.97 -34.03 -31.52
CA LYS D 623 11.16 -35.13 -32.06
C LYS D 623 11.22 -36.39 -31.19
N HIS D 624 12.37 -36.64 -30.59
CA HIS D 624 12.48 -37.70 -29.57
C HIS D 624 11.44 -37.50 -28.49
N PHE D 625 11.39 -36.28 -27.97
CA PHE D 625 10.42 -35.94 -26.91
C PHE D 625 8.98 -36.14 -27.37
N VAL D 626 8.66 -35.66 -28.58
CA VAL D 626 7.33 -35.90 -29.15
C VAL D 626 7.02 -37.41 -29.17
N GLN D 627 7.93 -38.20 -29.72
CA GLN D 627 7.69 -39.65 -29.81
C GLN D 627 7.57 -40.30 -28.43
N TRP D 628 8.39 -39.85 -27.48
CA TRP D 628 8.28 -40.37 -26.11
C TRP D 628 6.93 -40.04 -25.53
N CYS D 629 6.47 -38.82 -25.78
CA CYS D 629 5.13 -38.43 -25.32
C CYS D 629 4.06 -39.31 -25.95
N ALA D 630 4.17 -39.51 -27.26
CA ALA D 630 3.23 -40.41 -27.96
C ALA D 630 3.28 -41.82 -27.40
N LEU D 631 4.47 -42.32 -27.12
CA LEU D 631 4.70 -43.68 -26.68
C LEU D 631 4.03 -43.98 -25.35
N ARG D 632 4.21 -43.08 -24.39
CA ARG D 632 3.61 -43.25 -23.07
C ARG D 632 2.16 -42.78 -23.03
N ASP D 633 1.64 -42.40 -24.20
CA ASP D 633 0.30 -41.86 -24.30
C ASP D 633 0.16 -40.61 -23.44
N PHE D 634 1.09 -39.69 -23.62
CA PHE D 634 1.09 -38.41 -22.93
C PHE D 634 0.52 -37.33 -23.84
N THR D 635 0.15 -36.20 -23.23
CA THR D 635 -0.35 -35.02 -23.95
C THR D 635 0.68 -34.54 -24.99
N LYS D 636 0.20 -33.96 -26.10
CA LYS D 636 1.11 -33.26 -27.01
C LYS D 636 1.88 -32.15 -26.29
N PRO D 637 3.22 -32.16 -26.40
CA PRO D 637 4.08 -31.15 -25.77
C PRO D 637 3.67 -29.71 -26.04
N GLN D 638 3.76 -28.87 -25.02
CA GLN D 638 3.47 -27.41 -25.09
C GLN D 638 3.09 -26.87 -26.49
MG MG E . -11.72 14.87 15.11
MG MG F . -21.23 2.90 -12.80
MG MG G . 23.37 3.76 -8.54
MG MG H . 9.66 -21.43 5.64
#